data_2XWZ
#
_entry.id   2XWZ
#
_cell.length_a   173.930
_cell.length_b   176.820
_cell.length_c   181.590
_cell.angle_alpha   90.00
_cell.angle_beta   90.00
_cell.angle_gamma   90.00
#
_symmetry.space_group_name_H-M   'P 21 21 21'
#
loop_
_entity.id
_entity.type
_entity.pdbx_description
1 polymer 'DISSIMILATORY COPPER-CONTAINING NITRITE REDUCTASE'
2 non-polymer 'COPPER (II) ION'
3 non-polymer 'NITRITE ION'
4 non-polymer 'SULFATE ION'
5 non-polymer 'ACETATE ION'
6 non-polymer 'NITRIC OXIDE'
7 water water
#
_entity_poly.entity_id   1
_entity_poly.type   'polypeptide(L)'
_entity_poly.pdbx_seq_one_letter_code
;EDADKLPHTKVTLVAPPQVHPHEQATKSGPKVVEFTMTIEEKKMVIDDKGTTLQAMTFNGSMPGPTLVVHEGDYVQLTLV
NPATNAMPHNVDFHGATGALGGAKLTNVNPGEQATLRFKADRSGTFVYHCAPEGMVPWHVVSGMSGTLMVLPRDGLKDPQ
GKPLHYDRAYTIGEFDLYIPKGPDGKYKDYATLAESYGDTVQVMRTLTPSHIVFNGKVGALTGANALTAKVGETVLLIHS
QANRDTRPHLIGGHGDWVWETGKFANPPQRDLETWFIRGGSAGAALYTFKQPGVYAYLNHNLIEAFELGAAGHIKVEGKW
NDDLMKQIKAPAPIPR
;
_entity_poly.pdbx_strand_id   A,B,C,D,E,F
#
# COMPACT_ATOMS: atom_id res chain seq x y z
N ASP A 2 59.27 35.71 12.32
CA ASP A 2 59.43 34.76 13.48
C ASP A 2 58.87 35.35 14.79
N ALA A 3 57.97 34.57 15.42
CA ALA A 3 57.16 35.00 16.56
C ALA A 3 58.00 35.33 17.77
N ASP A 4 59.04 34.53 18.00
CA ASP A 4 59.93 34.72 19.15
C ASP A 4 60.53 36.15 19.23
N LYS A 5 60.80 36.74 18.06
CA LYS A 5 61.39 38.09 17.97
C LYS A 5 60.39 39.27 17.88
N LEU A 6 59.09 38.99 17.70
CA LEU A 6 58.07 40.06 17.72
C LEU A 6 57.99 40.70 19.12
N PRO A 7 57.52 41.94 19.23
CA PRO A 7 57.25 42.45 20.59
C PRO A 7 56.17 41.65 21.34
N HIS A 8 56.28 41.63 22.67
CA HIS A 8 55.38 40.92 23.58
C HIS A 8 54.74 41.97 24.47
N THR A 9 53.42 41.93 24.62
CA THR A 9 52.74 42.74 25.63
C THR A 9 51.75 41.88 26.39
N LYS A 10 51.40 42.36 27.57
CA LYS A 10 50.56 41.64 28.49
C LYS A 10 49.28 42.39 28.57
N VAL A 11 48.16 41.67 28.43
CA VAL A 11 46.84 42.28 28.63
C VAL A 11 46.22 41.73 29.92
N THR A 12 45.62 42.64 30.66
CA THR A 12 44.89 42.28 31.86
C THR A 12 43.44 42.06 31.44
N LEU A 13 42.90 40.89 31.75
CA LEU A 13 41.52 40.50 31.41
C LEU A 13 40.54 41.16 32.35
N VAL A 14 39.33 41.42 31.85
CA VAL A 14 38.22 41.90 32.68
C VAL A 14 37.03 40.92 32.65
N ALA A 15 36.22 40.96 33.71
CA ALA A 15 35.09 40.08 33.91
C ALA A 15 33.98 40.44 32.93
N PRO A 16 33.38 39.44 32.30
CA PRO A 16 32.19 39.69 31.53
C PRO A 16 31.18 40.39 32.41
N PRO A 17 30.27 41.17 31.84
CA PRO A 17 30.00 41.38 30.43
C PRO A 17 30.92 42.36 29.70
N GLN A 18 31.81 43.03 30.44
CA GLN A 18 32.73 43.99 29.85
C GLN A 18 33.79 43.22 29.08
N VAL A 19 34.44 43.89 28.14
CA VAL A 19 35.59 43.35 27.39
C VAL A 19 36.81 44.24 27.70
N HIS A 20 38.00 43.66 27.74
CA HIS A 20 39.16 44.47 28.09
C HIS A 20 39.38 45.55 27.03
N PRO A 21 40.01 46.66 27.43
CA PRO A 21 40.26 47.76 26.49
C PRO A 21 41.13 47.31 25.33
N HIS A 22 40.79 47.77 24.13
CA HIS A 22 41.48 47.35 22.93
C HIS A 22 41.22 48.39 21.89
N GLU A 23 41.99 48.35 20.82
CA GLU A 23 41.69 49.16 19.67
C GLU A 23 40.96 48.32 18.64
N GLN A 24 40.21 48.98 17.77
CA GLN A 24 39.67 48.33 16.60
C GLN A 24 40.72 48.42 15.51
N ALA A 25 40.60 49.39 14.59
CA ALA A 25 41.70 49.66 13.64
C ALA A 25 42.94 50.05 14.45
N THR A 26 44.07 49.44 14.12
CA THR A 26 45.34 49.75 14.79
C THR A 26 46.46 50.00 13.78
N LYS A 27 47.41 50.85 14.15
CA LYS A 27 48.62 51.07 13.32
C LYS A 27 49.75 50.15 13.76
N SER A 28 49.60 49.52 14.93
CA SER A 28 50.58 48.56 15.39
C SER A 28 50.73 47.38 14.43
N GLY A 29 51.92 46.80 14.45
CA GLY A 29 52.22 45.58 13.71
C GLY A 29 51.94 44.40 14.62
N PRO A 30 52.06 43.17 14.09
CA PRO A 30 51.86 41.96 14.86
C PRO A 30 52.62 41.99 16.17
N LYS A 31 51.99 41.39 17.20
CA LYS A 31 52.58 41.19 18.51
C LYS A 31 52.20 39.81 19.02
N VAL A 32 52.99 39.29 19.95
CA VAL A 32 52.63 38.18 20.78
C VAL A 32 51.96 38.79 22.01
N VAL A 33 50.63 38.62 22.13
CA VAL A 33 49.83 39.18 23.23
C VAL A 33 49.67 38.13 24.33
N GLU A 34 50.15 38.42 25.52
CA GLU A 34 50.22 37.43 26.60
C GLU A 34 49.05 37.61 27.55
N PHE A 35 48.42 36.49 27.89
CA PHE A 35 47.26 36.45 28.77
C PHE A 35 47.49 35.34 29.79
N THR A 36 46.87 35.48 30.96
CA THR A 36 46.84 34.39 31.94
C THR A 36 45.40 34.14 32.39
N MET A 37 45.06 32.86 32.52
CA MET A 37 43.79 32.48 33.09
C MET A 37 43.98 31.36 34.10
N THR A 38 43.17 31.40 35.15
CA THR A 38 43.23 30.42 36.23
C THR A 38 41.86 29.77 36.39
N ILE A 39 41.85 28.45 36.38
CA ILE A 39 40.64 27.69 36.45
C ILE A 39 40.12 27.67 37.87
N GLU A 40 38.84 28.03 38.05
CA GLU A 40 38.14 27.95 39.34
CA GLU A 40 38.23 27.83 39.34
C GLU A 40 36.97 26.97 39.21
N GLU A 41 37.03 25.84 39.92
CA GLU A 41 35.88 25.01 40.15
C GLU A 41 35.17 25.60 41.37
N LYS A 42 33.84 25.74 41.30
CA LYS A 42 33.07 26.35 42.36
C LYS A 42 31.56 26.10 42.23
N LYS A 43 30.90 25.97 43.38
CA LYS A 43 29.48 25.80 43.41
C LYS A 43 28.89 27.16 43.23
N MET A 44 27.95 27.30 42.29
CA MET A 44 27.35 28.61 42.01
C MET A 44 25.82 28.50 42.07
N VAL A 45 25.17 29.59 42.45
CA VAL A 45 23.71 29.65 42.56
C VAL A 45 23.24 30.22 41.22
N ILE A 46 22.37 29.49 40.53
CA ILE A 46 22.06 29.77 39.13
C ILE A 46 20.63 30.29 38.83
N ASP A 47 19.75 30.29 39.82
CA ASP A 47 18.36 30.76 39.65
C ASP A 47 17.89 31.39 40.95
N ASP A 48 16.66 31.91 40.95
CA ASP A 48 16.15 32.68 42.08
C ASP A 48 15.59 31.81 43.21
N LYS A 49 15.42 30.52 42.99
CA LYS A 49 15.05 29.66 44.09
C LYS A 49 16.20 28.91 44.74
N GLY A 50 17.43 29.35 44.53
CA GLY A 50 18.58 28.73 45.21
C GLY A 50 19.18 27.45 44.62
N THR A 51 18.79 27.10 43.39
CA THR A 51 19.37 25.97 42.73
C THR A 51 20.86 26.19 42.52
N THR A 52 21.67 25.17 42.75
CA THR A 52 23.11 25.30 42.55
C THR A 52 23.62 24.44 41.39
N LEU A 53 24.71 24.92 40.77
CA LEU A 53 25.48 24.19 39.79
C LEU A 53 26.88 23.94 40.39
N GLN A 54 27.35 22.72 40.30
CA GLN A 54 28.77 22.44 40.51
C GLN A 54 29.50 22.81 39.23
N ALA A 55 29.99 24.05 39.20
CA ALA A 55 30.49 24.71 38.01
C ALA A 55 31.99 24.59 37.87
N MET A 56 32.45 24.75 36.64
CA MET A 56 33.87 24.82 36.31
C MET A 56 34.01 26.06 35.44
N THR A 57 35.01 26.90 35.73
CA THR A 57 35.14 28.18 35.07
C THR A 57 36.57 28.53 34.68
N PHE A 58 36.70 29.39 33.68
CA PHE A 58 37.95 30.05 33.39
C PHE A 58 37.85 31.38 34.11
N ASN A 59 38.79 31.61 35.02
CA ASN A 59 38.90 32.85 35.73
C ASN A 59 37.75 33.22 36.65
N GLY A 60 36.95 32.24 37.04
CA GLY A 60 35.91 32.49 38.04
C GLY A 60 34.54 32.88 37.51
N SER A 61 34.39 32.98 36.19
CA SER A 61 33.16 33.50 35.62
C SER A 61 32.64 32.58 34.53
N MET A 62 31.33 32.66 34.35
CA MET A 62 30.65 32.09 33.20
C MET A 62 30.13 33.25 32.40
N PRO A 63 30.58 33.44 31.15
CA PRO A 63 31.68 32.82 30.47
C PRO A 63 33.03 33.23 31.05
N GLY A 64 34.08 32.57 30.60
CA GLY A 64 35.42 33.04 30.76
C GLY A 64 35.49 34.41 30.10
N PRO A 65 36.50 35.19 30.46
CA PRO A 65 36.63 36.51 29.88
C PRO A 65 36.92 36.45 28.38
N THR A 66 36.54 37.50 27.68
CA THR A 66 36.90 37.64 26.27
C THR A 66 38.34 38.17 26.07
N LEU A 67 39.12 37.41 25.28
CA LEU A 67 40.47 37.79 24.83
C LEU A 67 40.33 38.49 23.48
N VAL A 68 40.82 39.72 23.37
CA VAL A 68 40.81 40.48 22.11
C VAL A 68 42.23 40.70 21.61
N VAL A 69 42.50 40.26 20.37
CA VAL A 69 43.74 40.54 19.67
C VAL A 69 43.38 40.97 18.24
N HIS A 70 44.39 41.21 17.41
CA HIS A 70 44.17 41.48 15.97
C HIS A 70 44.77 40.44 15.08
N GLU A 71 44.19 40.33 13.88
CA GLU A 71 44.62 39.30 12.93
C GLU A 71 46.11 39.48 12.69
N GLY A 72 46.81 38.35 12.73
CA GLY A 72 48.26 38.36 12.61
C GLY A 72 49.03 38.39 13.92
N ASP A 73 48.39 38.80 15.03
CA ASP A 73 48.99 38.68 16.35
C ASP A 73 49.12 37.21 16.68
N TYR A 74 49.92 36.91 17.71
CA TYR A 74 49.99 35.59 18.32
C TYR A 74 49.36 35.70 19.71
N VAL A 75 48.65 34.63 20.12
CA VAL A 75 48.07 34.59 21.45
C VAL A 75 48.93 33.69 22.27
N GLN A 76 49.30 34.16 23.45
CA GLN A 76 50.16 33.35 24.31
C GLN A 76 49.55 33.28 25.69
N LEU A 77 48.93 32.14 25.97
CA LEU A 77 48.15 31.98 27.19
C LEU A 77 48.89 31.09 28.15
N THR A 78 48.96 31.56 29.38
CA THR A 78 49.36 30.70 30.46
C THR A 78 48.08 30.28 31.17
N LEU A 79 47.89 28.96 31.26
CA LEU A 79 46.70 28.37 31.85
C LEU A 79 47.10 27.65 33.12
N VAL A 80 46.52 28.12 34.24
CA VAL A 80 46.87 27.67 35.56
C VAL A 80 45.72 26.87 36.13
N ASN A 81 46.00 25.63 36.53
CA ASN A 81 45.05 24.78 37.24
C ASN A 81 45.52 24.65 38.72
N PRO A 82 45.02 25.52 39.60
CA PRO A 82 45.41 25.51 41.00
C PRO A 82 45.36 24.14 41.68
N ALA A 83 46.22 23.99 42.68
CA ALA A 83 46.37 22.75 43.46
C ALA A 83 45.09 22.35 44.13
N THR A 84 44.23 23.32 44.40
CA THR A 84 42.99 23.06 45.10
C THR A 84 41.80 22.59 44.25
N ASN A 85 41.94 22.50 42.92
CA ASN A 85 40.86 21.94 42.08
C ASN A 85 40.89 20.41 42.10
N ALA A 86 39.79 19.80 41.68
CA ALA A 86 39.63 18.35 41.63
C ALA A 86 40.02 17.72 40.30
N MET A 87 39.85 18.46 39.21
CA MET A 87 39.88 17.82 37.90
C MET A 87 40.97 18.35 37.00
N PRO A 88 41.42 17.53 36.06
CA PRO A 88 42.27 18.05 34.98
C PRO A 88 41.48 18.99 34.05
N HIS A 89 42.16 19.94 33.43
CA HIS A 89 41.53 20.79 32.42
C HIS A 89 42.55 21.07 31.29
N ASN A 90 42.10 21.83 30.27
CA ASN A 90 42.95 22.28 29.18
C ASN A 90 42.23 23.38 28.43
N VAL A 91 42.73 23.79 27.27
CA VAL A 91 41.97 24.74 26.45
C VAL A 91 42.07 24.48 24.94
N ASP A 92 40.92 24.54 24.29
CA ASP A 92 40.76 24.34 22.85
C ASP A 92 40.33 25.69 22.33
N PHE A 93 41.18 26.36 21.56
CA PHE A 93 40.81 27.62 20.93
C PHE A 93 40.33 27.35 19.52
N HIS A 94 39.07 27.66 19.24
CA HIS A 94 38.56 27.44 17.88
C HIS A 94 39.29 28.38 16.90
N GLY A 95 39.92 29.43 17.42
CA GLY A 95 40.70 30.34 16.60
C GLY A 95 42.10 29.91 16.21
N ALA A 96 42.54 28.75 16.70
CA ALA A 96 43.95 28.25 16.58
C ALA A 96 43.98 27.11 15.63
N THR A 97 45.16 26.77 15.09
CA THR A 97 45.30 25.62 14.20
C THR A 97 46.26 24.55 14.74
N GLY A 98 45.76 23.32 14.83
CA GLY A 98 46.54 22.17 15.32
C GLY A 98 46.23 21.70 16.73
N ALA A 99 46.65 20.48 17.01
CA ALA A 99 46.60 19.89 18.37
C ALA A 99 45.25 20.10 19.06
N LEU A 100 44.19 19.72 18.37
CA LEU A 100 42.83 19.90 18.87
C LEU A 100 42.64 21.27 19.47
N GLY A 101 43.11 22.30 18.79
CA GLY A 101 42.87 23.67 19.20
C GLY A 101 43.80 24.14 20.29
N GLY A 102 44.76 23.32 20.64
CA GLY A 102 45.59 23.56 21.81
C GLY A 102 45.38 22.56 22.94
N ALA A 103 44.30 21.81 22.86
CA ALA A 103 43.91 20.96 23.97
C ALA A 103 45.00 19.96 24.31
N LYS A 104 45.66 19.40 23.29
CA LYS A 104 46.68 18.36 23.53
C LYS A 104 47.97 18.88 24.19
N LEU A 105 48.13 20.19 24.15
CA LEU A 105 49.34 20.84 24.59
C LEU A 105 49.18 21.54 25.93
N THR A 106 47.95 21.57 26.45
CA THR A 106 47.64 22.28 27.66
C THR A 106 46.93 21.39 28.72
N ASN A 107 47.21 20.10 28.72
CA ASN A 107 46.65 19.19 29.72
C ASN A 107 47.27 19.45 31.09
N VAL A 108 46.57 20.27 31.88
CA VAL A 108 47.01 20.65 33.20
C VAL A 108 46.16 19.99 34.31
N ASN A 109 46.82 19.10 35.03
CA ASN A 109 46.29 18.57 36.29
C ASN A 109 46.33 19.60 37.41
N PRO A 110 45.53 19.39 38.47
CA PRO A 110 45.63 20.37 39.55
C PRO A 110 47.07 20.47 40.13
N GLY A 111 47.49 21.70 40.43
CA GLY A 111 48.86 22.06 40.78
C GLY A 111 49.80 22.40 39.61
N GLU A 112 49.33 22.20 38.37
CA GLU A 112 50.11 22.49 37.16
C GLU A 112 49.61 23.71 36.38
N GLN A 113 50.50 24.22 35.54
CA GLN A 113 50.16 25.21 34.54
C GLN A 113 50.91 24.91 33.22
N ALA A 114 50.51 25.58 32.15
CA ALA A 114 51.13 25.37 30.82
C ALA A 114 51.00 26.68 30.04
N THR A 115 51.84 26.86 29.01
CA THR A 115 51.79 28.09 28.23
C THR A 115 51.74 27.74 26.76
N LEU A 116 50.73 28.26 26.07
CA LEU A 116 50.44 27.93 24.68
C LEU A 116 50.55 29.17 23.84
N ARG A 117 51.26 29.07 22.71
CA ARG A 117 51.20 30.14 21.73
C ARG A 117 50.55 29.64 20.44
N PHE A 118 49.68 30.45 19.86
CA PHE A 118 49.25 30.18 18.50
C PHE A 118 49.05 31.45 17.69
N LYS A 119 49.15 31.32 16.39
CA LYS A 119 48.92 32.45 15.50
C LYS A 119 47.42 32.65 15.29
N ALA A 120 46.96 33.85 15.60
CA ALA A 120 45.58 34.24 15.34
C ALA A 120 45.48 34.76 13.89
N ASP A 121 45.58 33.88 12.92
CA ASP A 121 45.61 34.30 11.53
C ASP A 121 44.26 34.52 10.83
N ARG A 122 43.13 34.40 11.58
CA ARG A 122 41.78 34.51 11.02
C ARG A 122 40.93 35.40 11.87
N SER A 123 40.30 36.38 11.26
CA SER A 123 39.55 37.37 12.02
C SER A 123 38.21 36.75 12.39
N GLY A 124 37.67 37.19 13.52
CA GLY A 124 36.34 36.77 13.96
C GLY A 124 36.23 36.61 15.45
N THR A 125 35.01 36.30 15.92
CA THR A 125 34.80 35.85 17.30
C THR A 125 34.80 34.32 17.25
N PHE A 126 35.58 33.72 18.13
CA PHE A 126 35.79 32.26 18.17
C PHE A 126 35.61 31.75 19.60
N VAL A 127 34.96 30.60 19.76
CA VAL A 127 34.79 30.01 21.08
C VAL A 127 36.12 29.45 21.51
N TYR A 128 36.49 29.63 22.79
CA TYR A 128 37.43 28.71 23.40
C TYR A 128 36.70 27.94 24.49
N HIS A 129 37.11 26.71 24.73
CA HIS A 129 36.48 25.94 25.77
C HIS A 129 37.35 24.82 26.26
N CYS A 130 37.08 24.30 27.45
CA CYS A 130 37.86 23.20 27.97
C CYS A 130 37.45 21.92 27.26
N ALA A 131 38.37 20.97 27.20
CA ALA A 131 38.14 19.74 26.46
C ALA A 131 39.04 18.58 26.92
N PRO A 132 38.85 18.14 28.16
CA PRO A 132 39.72 17.07 28.62
C PRO A 132 39.20 15.78 28.10
N GLU A 133 40.10 14.94 27.64
CA GLU A 133 39.68 13.72 26.99
C GLU A 133 38.70 12.91 27.83
N GLY A 134 37.62 12.44 27.22
CA GLY A 134 36.61 11.62 27.91
C GLY A 134 35.57 12.41 28.72
N MET A 135 35.73 13.71 28.89
CA MET A 135 34.83 14.51 29.73
C MET A 135 34.48 15.86 29.09
N VAL A 136 34.57 15.94 27.77
CA VAL A 136 34.43 17.24 27.09
C VAL A 136 33.07 17.89 27.40
N PRO A 137 31.96 17.17 27.18
CA PRO A 137 30.66 17.80 27.36
C PRO A 137 30.42 18.29 28.77
N TRP A 138 30.76 17.46 29.73
CA TRP A 138 30.58 17.84 31.12
C TRP A 138 31.31 19.12 31.43
N HIS A 139 32.55 19.24 30.99
CA HIS A 139 33.31 20.46 31.36
C HIS A 139 32.75 21.67 30.63
N VAL A 140 32.36 21.51 29.38
CA VAL A 140 31.78 22.66 28.65
C VAL A 140 30.44 23.08 29.28
N VAL A 141 29.54 22.14 29.52
CA VAL A 141 28.24 22.53 30.02
C VAL A 141 28.31 22.99 31.48
N SER A 142 29.39 22.68 32.19
CA SER A 142 29.54 23.12 33.59
C SER A 142 30.10 24.50 33.64
N GLY A 143 30.50 25.03 32.50
CA GLY A 143 30.78 26.48 32.36
C GLY A 143 32.10 26.93 31.74
N MET A 144 32.95 25.97 31.32
CA MET A 144 34.28 26.29 30.82
C MET A 144 34.25 26.66 29.33
N SER A 145 33.75 27.84 29.03
CA SER A 145 33.91 28.41 27.68
C SER A 145 33.94 29.92 27.72
N GLY A 146 34.39 30.49 26.61
CA GLY A 146 34.52 31.93 26.44
C GLY A 146 34.84 32.31 25.01
N THR A 147 35.08 33.60 24.77
CA THR A 147 35.37 34.07 23.41
C THR A 147 36.77 34.69 23.23
N LEU A 148 37.43 34.28 22.15
CA LEU A 148 38.53 35.03 21.54
C LEU A 148 37.97 35.86 20.38
N MET A 149 38.16 37.18 20.43
CA MET A 149 37.83 38.05 19.34
C MET A 149 39.12 38.48 18.63
N VAL A 150 39.25 38.04 17.38
CA VAL A 150 40.36 38.45 16.54
C VAL A 150 39.89 39.53 15.56
N LEU A 151 40.21 40.77 15.87
CA LEU A 151 39.74 41.91 15.06
C LEU A 151 40.63 42.08 13.86
N PRO A 152 40.05 42.34 12.68
CA PRO A 152 40.95 42.67 11.53
C PRO A 152 41.81 43.87 11.88
N ARG A 153 43.03 43.96 11.36
CA ARG A 153 43.90 45.13 11.71
C ARG A 153 43.30 46.47 11.37
N ASP A 154 42.53 46.54 10.30
CA ASP A 154 41.88 47.80 9.93
C ASP A 154 40.43 47.89 10.41
N GLY A 155 40.09 47.07 11.42
CA GLY A 155 38.76 47.15 12.05
C GLY A 155 37.65 46.52 11.23
N LEU A 156 36.42 46.65 11.71
CA LEU A 156 35.30 45.99 11.07
C LEU A 156 34.89 46.72 9.81
N LYS A 157 34.48 45.93 8.80
CA LYS A 157 34.04 46.45 7.53
C LYS A 157 32.66 45.93 7.12
N ASP A 158 31.86 46.82 6.53
CA ASP A 158 30.59 46.43 5.94
C ASP A 158 30.80 45.69 4.61
N PRO A 159 29.71 45.20 3.98
CA PRO A 159 29.86 44.42 2.74
C PRO A 159 30.56 45.15 1.56
N GLN A 160 30.46 46.48 1.55
CA GLN A 160 31.05 47.30 0.49
C GLN A 160 32.44 47.81 0.86
N GLY A 161 32.92 47.47 2.05
CA GLY A 161 34.26 47.82 2.47
C GLY A 161 34.30 49.03 3.36
N LYS A 162 33.15 49.56 3.74
CA LYS A 162 33.10 50.76 4.56
C LYS A 162 33.35 50.42 6.02
N PRO A 163 33.90 51.35 6.79
CA PRO A 163 34.30 50.96 8.13
C PRO A 163 33.12 51.04 9.08
N LEU A 164 33.16 50.20 10.11
CA LEU A 164 32.07 50.09 11.07
C LEU A 164 32.78 50.15 12.40
N HIS A 165 32.31 50.96 13.31
CA HIS A 165 33.04 51.19 14.52
C HIS A 165 32.04 51.11 15.65
N TYR A 166 32.46 50.55 16.78
CA TYR A 166 31.60 50.47 17.93
C TYR A 166 32.20 51.31 19.00
N ASP A 167 31.35 51.83 19.88
CA ASP A 167 31.77 52.55 21.05
C ASP A 167 32.03 51.63 22.26
N ARG A 168 31.35 50.47 22.30
CA ARG A 168 31.50 49.51 23.41
C ARG A 168 31.11 48.10 23.01
N ALA A 169 31.93 47.14 23.43
CA ALA A 169 31.66 45.72 23.24
C ALA A 169 31.17 45.15 24.57
N TYR A 170 30.17 44.29 24.46
CA TYR A 170 29.73 43.48 25.56
C TYR A 170 29.79 42.02 25.14
N THR A 171 30.06 41.14 26.11
CA THR A 171 30.19 39.73 25.83
C THR A 171 29.18 38.96 26.65
N ILE A 172 28.33 38.20 25.96
CA ILE A 172 27.31 37.38 26.56
C ILE A 172 27.62 35.95 26.23
N GLY A 173 27.77 35.13 27.26
CA GLY A 173 27.97 33.69 27.08
C GLY A 173 26.67 33.04 27.52
N GLU A 174 26.13 32.14 26.72
CA GLU A 174 24.87 31.53 27.03
C GLU A 174 25.09 30.07 27.36
N PHE A 175 24.55 29.62 28.49
CA PHE A 175 24.88 28.28 29.00
C PHE A 175 23.68 27.43 29.21
N ASP A 176 23.57 26.38 28.39
CA ASP A 176 22.62 25.33 28.62
C ASP A 176 23.07 24.42 29.80
N LEU A 177 22.27 24.40 30.86
CA LEU A 177 22.62 23.64 32.05
C LEU A 177 21.75 22.41 32.20
N TYR A 178 22.32 21.36 32.80
CA TYR A 178 21.65 20.09 32.94
C TYR A 178 21.60 19.66 34.44
N ILE A 179 20.82 20.37 35.26
CA ILE A 179 20.82 20.11 36.71
C ILE A 179 19.88 18.95 37.06
N PRO A 180 20.43 17.90 37.71
CA PRO A 180 19.66 16.74 38.11
C PRO A 180 18.62 17.01 39.17
N LYS A 181 17.60 16.16 39.17
CA LYS A 181 16.54 16.17 40.20
C LYS A 181 16.53 14.88 40.97
N GLY A 182 16.12 14.96 42.23
CA GLY A 182 15.90 13.78 43.04
C GLY A 182 14.49 13.26 42.84
N PRO A 183 14.18 12.09 43.44
CA PRO A 183 12.85 11.43 43.36
C PRO A 183 11.72 12.35 43.76
N ASP A 184 12.02 13.29 44.67
CA ASP A 184 11.05 14.29 45.07
C ASP A 184 10.83 15.41 44.03
N GLY A 185 11.49 15.36 42.89
CA GLY A 185 11.29 16.39 41.87
C GLY A 185 12.01 17.72 42.10
N LYS A 186 12.79 17.80 43.17
CA LYS A 186 13.56 19.01 43.46
C LYS A 186 14.98 18.84 42.94
N TYR A 187 15.59 19.95 42.55
CA TYR A 187 16.97 19.94 42.04
C TYR A 187 17.95 19.52 43.11
N LYS A 188 18.86 18.63 42.75
CA LYS A 188 19.88 18.19 43.69
C LYS A 188 20.95 19.23 43.89
N ASP A 189 21.51 19.17 45.07
CA ASP A 189 22.53 20.09 45.56
C ASP A 189 23.63 19.18 46.05
N TYR A 190 24.81 19.28 45.43
CA TYR A 190 25.87 18.33 45.70
C TYR A 190 26.95 18.97 46.55
N ALA A 191 27.58 18.16 47.41
CA ALA A 191 28.67 18.66 48.27
C ALA A 191 29.93 18.86 47.44
N THR A 192 30.18 17.99 46.46
CA THR A 192 31.40 18.06 45.66
C THR A 192 31.09 18.06 44.15
N LEU A 193 32.14 18.36 43.37
CA LEU A 193 32.08 18.39 41.93
C LEU A 193 31.85 16.98 41.43
N ALA A 194 32.72 16.06 41.82
CA ALA A 194 32.61 14.68 41.34
C ALA A 194 31.26 14.03 41.66
N GLU A 195 30.64 14.42 42.78
CA GLU A 195 29.33 13.88 43.12
C GLU A 195 28.26 14.21 42.05
N SER A 196 28.44 15.33 41.34
CA SER A 196 27.49 15.77 40.35
C SER A 196 27.55 15.00 39.04
N TYR A 197 28.62 14.25 38.80
CA TYR A 197 28.97 13.70 37.47
C TYR A 197 27.95 12.78 36.87
N GLY A 198 27.74 11.61 37.48
CA GLY A 198 26.85 10.58 36.95
C GLY A 198 25.43 11.07 36.66
N ASP A 199 24.85 11.76 37.63
CA ASP A 199 23.54 12.32 37.51
C ASP A 199 23.47 13.33 36.38
N THR A 200 24.50 14.17 36.27
CA THR A 200 24.51 15.21 35.26
C THR A 200 24.56 14.57 33.87
N VAL A 201 25.39 13.53 33.74
CA VAL A 201 25.49 12.82 32.47
C VAL A 201 24.14 12.27 32.05
N GLN A 202 23.32 11.77 33.00
CA GLN A 202 22.04 11.22 32.58
CA GLN A 202 21.98 11.25 32.70
C GLN A 202 21.10 12.36 32.13
N VAL A 203 21.18 13.54 32.73
CA VAL A 203 20.35 14.66 32.25
C VAL A 203 20.82 15.12 30.88
N MET A 204 22.13 15.17 30.66
CA MET A 204 22.66 15.64 29.41
C MET A 204 22.15 14.78 28.25
N ARG A 205 22.06 13.47 28.47
CA ARG A 205 21.73 12.54 27.40
CA ARG A 205 21.75 12.56 27.38
C ARG A 205 20.29 12.73 26.94
N THR A 206 19.46 13.35 27.78
CA THR A 206 18.08 13.59 27.41
C THR A 206 18.00 14.77 26.46
N LEU A 207 19.11 15.50 26.31
CA LEU A 207 19.20 16.68 25.46
C LEU A 207 18.30 17.82 25.92
N THR A 208 17.71 17.74 27.10
CA THR A 208 16.84 18.80 27.59
C THR A 208 17.47 19.55 28.77
N PRO A 209 17.82 20.83 28.58
CA PRO A 209 18.37 21.61 29.65
C PRO A 209 17.35 21.95 30.73
N SER A 210 17.81 22.09 31.96
CA SER A 210 16.94 22.45 33.05
C SER A 210 16.84 23.96 33.09
N HIS A 211 17.91 24.59 32.63
CA HIS A 211 18.05 26.01 32.69
C HIS A 211 18.90 26.39 31.51
N ILE A 212 18.71 27.59 30.99
CA ILE A 212 19.58 28.15 29.97
C ILE A 212 19.76 29.59 30.40
N VAL A 213 20.98 29.97 30.74
CA VAL A 213 21.26 31.24 31.38
C VAL A 213 22.35 32.04 30.65
N PHE A 214 22.23 33.37 30.69
CA PHE A 214 23.28 34.24 30.20
C PHE A 214 24.21 34.50 31.38
N ASN A 215 25.50 34.39 31.16
CA ASN A 215 26.50 34.79 32.12
C ASN A 215 26.31 34.22 33.52
N GLY A 216 25.93 32.96 33.58
CA GLY A 216 26.02 32.21 34.80
C GLY A 216 24.77 32.04 35.63
N LYS A 217 23.74 32.85 35.41
CA LYS A 217 22.53 32.73 36.18
C LYS A 217 21.37 33.48 35.62
N VAL A 218 20.19 33.08 36.08
CA VAL A 218 18.97 33.77 35.72
C VAL A 218 19.09 35.22 36.19
N GLY A 219 18.79 36.16 35.33
CA GLY A 219 18.86 37.57 35.69
C GLY A 219 20.24 38.13 35.94
N ALA A 220 21.28 37.45 35.43
CA ALA A 220 22.66 37.94 35.57
C ALA A 220 22.80 39.30 34.91
N LEU A 221 22.06 39.54 33.82
CA LEU A 221 22.19 40.79 33.09
C LEU A 221 20.93 41.60 33.19
N THR A 222 20.35 41.61 34.39
CA THR A 222 19.19 42.43 34.65
C THR A 222 19.33 43.22 35.97
N GLY A 223 18.48 44.21 36.13
CA GLY A 223 18.46 45.02 37.34
C GLY A 223 19.70 45.87 37.45
N ALA A 224 20.41 45.74 38.56
CA ALA A 224 21.62 46.50 38.76
C ALA A 224 22.67 46.13 37.70
N ASN A 225 22.60 44.88 37.23
CA ASN A 225 23.56 44.38 36.25
C ASN A 225 23.11 44.43 34.81
N ALA A 226 22.04 45.16 34.52
CA ALA A 226 21.65 45.38 33.13
C ALA A 226 22.82 45.98 32.40
N LEU A 227 22.95 45.64 31.12
CA LEU A 227 23.91 46.31 30.28
C LEU A 227 23.39 47.75 30.10
N THR A 228 24.28 48.68 29.75
CA THR A 228 23.90 50.11 29.59
C THR A 228 24.36 50.68 28.27
N ALA A 229 23.63 51.67 27.78
CA ALA A 229 23.96 52.35 26.53
C ALA A 229 23.15 53.67 26.48
N LYS A 230 23.32 54.41 25.39
CA LYS A 230 22.51 55.61 25.18
C LYS A 230 22.20 55.82 23.72
N VAL A 231 21.20 56.63 23.47
CA VAL A 231 20.85 56.93 22.12
C VAL A 231 22.06 57.52 21.40
N GLY A 232 22.33 57.00 20.21
CA GLY A 232 23.44 57.41 19.39
C GLY A 232 24.68 56.52 19.55
N GLU A 233 24.74 55.79 20.66
CA GLU A 233 25.85 54.86 20.91
C GLU A 233 25.69 53.58 20.09
N THR A 234 26.80 53.09 19.55
CA THR A 234 26.89 51.84 18.84
C THR A 234 27.57 50.82 19.76
N VAL A 235 26.91 49.67 19.96
CA VAL A 235 27.50 48.60 20.77
C VAL A 235 27.74 47.39 19.91
N LEU A 236 28.78 46.63 20.24
CA LEU A 236 29.03 45.30 19.66
C LEU A 236 28.56 44.27 20.68
N LEU A 237 27.64 43.40 20.28
CA LEU A 237 27.14 42.34 21.20
C LEU A 237 27.70 41.00 20.74
N ILE A 238 28.70 40.52 21.50
CA ILE A 238 29.33 39.23 21.26
C ILE A 238 28.56 38.12 22.00
N HIS A 239 28.16 37.07 21.30
CA HIS A 239 27.34 36.02 21.88
C HIS A 239 28.00 34.70 21.59
N SER A 240 28.30 33.92 22.62
CA SER A 240 28.90 32.59 22.49
C SER A 240 28.00 31.49 23.04
N GLN A 241 27.96 30.35 22.35
CA GLN A 241 27.33 29.17 22.85
C GLN A 241 28.18 27.99 22.45
N ALA A 242 28.83 27.37 23.42
CA ALA A 242 29.82 26.34 23.12
C ALA A 242 29.21 25.00 22.83
N ASN A 243 27.92 24.82 23.09
CA ASN A 243 27.31 23.46 23.05
C ASN A 243 25.98 23.33 22.34
N ARG A 244 25.25 24.44 22.17
CA ARG A 244 23.86 24.33 21.76
C ARG A 244 23.45 25.59 21.05
N ASP A 245 22.56 25.45 20.08
CA ASP A 245 22.20 26.56 19.21
C ASP A 245 21.44 27.59 20.02
N THR A 246 21.56 28.87 19.66
CA THR A 246 20.71 29.93 20.20
C THR A 246 20.34 30.97 19.14
N ARG A 247 19.36 31.81 19.44
CA ARG A 247 18.83 32.74 18.43
C ARG A 247 18.60 34.09 19.07
N PRO A 248 19.67 34.87 19.22
CA PRO A 248 19.57 36.16 19.90
C PRO A 248 18.71 37.19 19.14
N HIS A 249 18.16 38.11 19.90
CA HIS A 249 17.23 39.09 19.45
C HIS A 249 17.26 40.23 20.44
N LEU A 250 17.28 41.47 19.95
CA LEU A 250 17.13 42.67 20.81
C LEU A 250 15.72 43.21 20.58
N ILE A 251 14.88 43.13 21.61
CA ILE A 251 13.49 43.54 21.51
C ILE A 251 13.40 45.07 21.46
N GLY A 252 12.76 45.57 20.41
CA GLY A 252 12.70 47.01 20.15
C GLY A 252 13.85 47.47 19.30
N GLY A 253 14.70 46.54 18.89
CA GLY A 253 15.90 46.85 18.12
C GLY A 253 16.09 45.88 16.98
N HIS A 254 17.34 45.78 16.53
CA HIS A 254 17.75 45.03 15.37
C HIS A 254 19.22 44.68 15.52
N GLY A 255 19.67 43.78 14.66
CA GLY A 255 21.10 43.68 14.38
C GLY A 255 21.37 44.51 13.13
N ASP A 256 21.99 45.68 13.32
CA ASP A 256 22.23 46.61 12.20
C ASP A 256 23.14 45.90 11.24
N TRP A 257 24.23 45.35 11.77
CA TRP A 257 25.10 44.48 10.98
C TRP A 257 25.50 43.31 11.83
N VAL A 258 25.42 42.11 11.27
CA VAL A 258 25.57 40.89 12.03
C VAL A 258 26.37 39.86 11.29
N TRP A 259 27.38 39.30 11.97
CA TRP A 259 28.10 38.14 11.55
C TRP A 259 27.64 36.98 12.43
N GLU A 260 26.58 36.28 12.04
CA GLU A 260 26.05 35.23 12.91
C GLU A 260 27.01 34.04 13.02
N THR A 261 27.70 33.69 11.94
CA THR A 261 28.77 32.71 12.01
C THR A 261 30.07 33.29 12.58
N GLY A 262 30.04 34.58 12.87
CA GLY A 262 31.11 35.23 13.64
C GLY A 262 32.47 35.40 13.02
N LYS A 263 32.56 35.42 11.68
CA LYS A 263 33.86 35.50 11.02
C LYS A 263 33.99 36.74 10.11
N PHE A 264 34.85 37.65 10.53
CA PHE A 264 34.78 39.02 10.08
C PHE A 264 35.24 39.26 8.63
N ALA A 265 35.98 38.33 8.03
CA ALA A 265 36.32 38.47 6.63
C ALA A 265 35.09 38.23 5.74
N ASN A 266 33.99 37.73 6.29
CA ASN A 266 32.75 37.55 5.52
C ASN A 266 31.92 38.79 5.64
N PRO A 267 31.15 39.12 4.59
CA PRO A 267 30.29 40.27 4.73
C PRO A 267 29.17 40.01 5.74
N PRO A 268 28.90 40.97 6.60
CA PRO A 268 27.79 40.88 7.50
C PRO A 268 26.43 41.06 6.82
N GLN A 269 25.38 40.78 7.57
CA GLN A 269 24.02 40.92 7.10
C GLN A 269 23.40 42.03 7.89
N ARG A 270 22.44 42.74 7.30
CA ARG A 270 21.83 43.92 7.94
C ARG A 270 20.34 43.74 8.21
N ASP A 271 19.86 44.56 9.13
CA ASP A 271 18.47 44.64 9.51
C ASP A 271 17.88 43.37 10.17
N LEU A 272 18.71 42.51 10.75
CA LEU A 272 18.19 41.25 11.30
C LEU A 272 17.30 41.49 12.50
N GLU A 273 16.16 40.81 12.56
CA GLU A 273 15.36 40.77 13.76
C GLU A 273 15.96 39.78 14.76
N THR A 274 16.36 38.63 14.27
CA THR A 274 16.85 37.55 15.10
C THR A 274 17.95 36.83 14.32
N TRP A 275 19.07 36.55 14.99
CA TRP A 275 20.15 35.85 14.35
C TRP A 275 20.39 34.50 15.01
N PHE A 276 21.39 33.78 14.53
CA PHE A 276 21.55 32.38 14.85
C PHE A 276 23.00 32.06 15.14
N ILE A 277 23.22 31.71 16.40
CA ILE A 277 24.53 31.27 16.84
C ILE A 277 24.51 29.74 16.92
N ARG A 278 25.31 29.09 16.07
CA ARG A 278 25.38 27.66 16.10
C ARG A 278 26.10 27.18 17.34
N GLY A 279 25.60 26.11 17.93
CA GLY A 279 26.31 25.44 19.00
C GLY A 279 27.76 25.20 18.65
N GLY A 280 28.66 25.71 19.47
CA GLY A 280 30.09 25.58 19.18
C GLY A 280 30.60 26.79 18.43
N SER A 281 29.97 27.94 18.58
CA SER A 281 30.51 29.13 17.90
C SER A 281 30.21 30.38 18.66
N ALA A 282 30.82 31.46 18.22
CA ALA A 282 30.50 32.80 18.74
C ALA A 282 30.24 33.71 17.55
N GLY A 283 29.25 34.58 17.70
CA GLY A 283 28.89 35.52 16.68
C GLY A 283 28.84 36.89 17.29
N ALA A 284 28.54 37.89 16.45
CA ALA A 284 28.64 39.30 16.84
C ALA A 284 27.68 40.17 16.05
N ALA A 285 27.06 41.10 16.76
CA ALA A 285 26.12 42.03 16.14
C ALA A 285 26.42 43.46 16.61
N LEU A 286 26.27 44.40 15.69
CA LEU A 286 26.38 45.83 16.01
C LEU A 286 24.99 46.41 15.99
N TYR A 287 24.69 47.28 16.96
CA TYR A 287 23.46 48.07 16.89
C TYR A 287 23.73 49.48 17.36
N THR A 288 23.14 50.45 16.67
CA THR A 288 23.16 51.85 17.12
C THR A 288 21.81 52.22 17.73
N PHE A 289 21.80 52.59 18.99
CA PHE A 289 20.55 52.89 19.64
C PHE A 289 19.92 54.18 19.13
N LYS A 290 18.60 54.11 18.94
CA LYS A 290 17.81 55.20 18.44
C LYS A 290 16.68 55.61 19.39
N GLN A 291 16.31 54.77 20.36
CA GLN A 291 15.26 55.08 21.32
C GLN A 291 15.78 54.74 22.71
N PRO A 292 15.37 55.53 23.72
CA PRO A 292 15.74 55.19 25.06
C PRO A 292 14.78 54.12 25.59
N GLY A 293 15.09 53.62 26.79
CA GLY A 293 14.24 52.65 27.47
C GLY A 293 14.99 51.39 27.83
N VAL A 294 14.31 50.46 28.50
CA VAL A 294 14.89 49.15 28.84
C VAL A 294 14.56 48.17 27.73
N TYR A 295 15.58 47.67 27.07
CA TYR A 295 15.47 46.65 26.03
C TYR A 295 15.69 45.28 26.66
N ALA A 296 15.06 44.25 26.11
CA ALA A 296 15.42 42.89 26.48
C ALA A 296 16.26 42.35 25.36
N TYR A 297 17.35 41.67 25.71
CA TYR A 297 18.19 40.95 24.76
C TYR A 297 18.03 39.49 25.15
N LEU A 298 17.58 38.65 24.23
CA LEU A 298 17.24 37.30 24.59
C LEU A 298 17.36 36.30 23.45
N ASN A 299 17.35 35.02 23.84
CA ASN A 299 17.17 33.88 22.95
C ASN A 299 15.70 33.82 22.56
N HIS A 300 15.37 33.95 21.28
CA HIS A 300 13.96 34.07 20.89
C HIS A 300 13.25 32.72 20.67
N ASN A 301 13.71 31.68 21.36
CA ASN A 301 12.77 30.63 21.72
C ASN A 301 12.34 31.13 23.05
N LEU A 302 11.11 31.57 23.10
CA LEU A 302 10.69 32.36 24.25
C LEU A 302 10.50 31.53 25.51
N ILE A 303 10.35 30.22 25.36
CA ILE A 303 10.32 29.34 26.52
C ILE A 303 11.73 29.33 27.12
N GLU A 304 12.73 29.14 26.27
CA GLU A 304 14.11 29.18 26.71
C GLU A 304 14.45 30.51 27.38
N ALA A 305 13.95 31.62 26.85
CA ALA A 305 14.23 32.93 27.41
C ALA A 305 13.53 33.13 28.74
N PHE A 306 12.22 33.03 28.73
CA PHE A 306 11.44 33.45 29.89
C PHE A 306 11.20 32.35 30.93
N GLU A 307 11.13 31.10 30.50
CA GLU A 307 10.94 30.01 31.44
C GLU A 307 12.30 29.47 31.90
N LEU A 308 13.29 29.36 31.00
CA LEU A 308 14.56 28.72 31.39
C LEU A 308 15.72 29.66 31.74
N GLY A 309 15.62 30.94 31.34
CA GLY A 309 16.52 31.99 31.79
C GLY A 309 17.38 32.75 30.77
N ALA A 310 17.21 32.48 29.49
CA ALA A 310 18.10 33.00 28.46
C ALA A 310 17.63 34.41 28.02
N ALA A 311 17.72 35.34 28.95
CA ALA A 311 17.26 36.73 28.74
C ALA A 311 18.06 37.66 29.66
N GLY A 312 18.40 38.83 29.12
CA GLY A 312 18.93 39.95 29.90
C GLY A 312 18.38 41.27 29.37
N HIS A 313 18.92 42.36 29.93
CA HIS A 313 18.43 43.71 29.64
C HIS A 313 19.52 44.69 29.32
N ILE A 314 19.18 45.67 28.46
CA ILE A 314 20.03 46.81 28.16
C ILE A 314 19.25 48.09 28.46
N LYS A 315 19.73 48.87 29.42
CA LYS A 315 19.06 50.13 29.78
C LYS A 315 19.66 51.30 29.01
N VAL A 316 18.82 51.99 28.25
CA VAL A 316 19.29 52.99 27.31
C VAL A 316 18.77 54.38 27.67
N GLU A 317 19.71 55.29 27.93
CA GLU A 317 19.37 56.70 28.22
C GLU A 317 19.23 57.50 26.91
N GLY A 318 18.44 58.57 26.97
CA GLY A 318 18.30 59.51 25.86
C GLY A 318 16.87 59.97 25.68
N LYS A 319 16.59 60.42 24.46
CA LYS A 319 15.39 61.15 24.12
C LYS A 319 14.50 60.35 23.18
N TRP A 320 13.22 60.21 23.55
CA TRP A 320 12.26 59.49 22.73
C TRP A 320 12.07 60.15 21.37
N ASN A 321 11.90 59.35 20.33
CA ASN A 321 11.73 59.84 18.98
C ASN A 321 10.39 59.43 18.39
N ASP A 322 9.44 60.36 18.37
CA ASP A 322 8.08 60.08 17.92
C ASP A 322 7.97 59.79 16.43
N ASP A 323 9.01 60.09 15.65
CA ASP A 323 8.96 59.74 14.22
C ASP A 323 9.18 58.21 14.03
N LEU A 324 10.11 57.66 14.79
CA LEU A 324 10.35 56.21 14.78
C LEU A 324 9.12 55.45 15.30
N MET A 325 8.56 55.93 16.41
CA MET A 325 7.40 55.30 17.02
C MET A 325 6.62 56.28 17.90
N LYS A 326 5.30 56.24 17.77
CA LYS A 326 4.42 57.12 18.58
C LYS A 326 3.17 56.39 19.01
N GLN A 327 2.78 56.59 20.26
CA GLN A 327 1.50 56.16 20.75
C GLN A 327 0.47 57.19 20.30
N ILE A 328 -0.11 56.95 19.14
CA ILE A 328 -1.17 57.81 18.61
C ILE A 328 -2.37 57.88 19.56
N LYS A 329 -2.85 56.73 20.04
CA LYS A 329 -3.91 56.70 21.07
C LYS A 329 -3.59 55.65 22.14
N ALA A 330 -3.53 56.12 23.38
CA ALA A 330 -3.29 55.24 24.51
C ALA A 330 -4.45 54.28 24.71
N PRO A 331 -4.19 53.17 25.40
CA PRO A 331 -5.26 52.22 25.72
C PRO A 331 -6.44 52.94 26.37
N ALA A 332 -7.63 52.69 25.85
CA ALA A 332 -8.85 53.35 26.32
C ALA A 332 -10.03 52.54 25.82
N PRO A 333 -11.22 52.75 26.38
CA PRO A 333 -12.39 51.98 26.01
C PRO A 333 -12.65 51.97 24.54
N ILE A 334 -13.14 50.84 24.05
CA ILE A 334 -13.49 50.72 22.64
C ILE A 334 -14.63 51.71 22.39
N PRO A 335 -14.56 52.48 21.29
CA PRO A 335 -15.66 53.42 21.04
C PRO A 335 -16.99 52.75 20.75
N ARG A 336 -18.05 53.42 21.18
CA ARG A 336 -19.43 52.90 21.08
C ARG A 336 -20.42 54.02 20.75
N ASP B 2 -45.09 -45.56 12.29
CA ASP B 2 -44.07 -46.50 12.83
C ASP B 2 -43.64 -47.55 11.76
N ALA B 3 -42.32 -47.63 11.53
CA ALA B 3 -41.76 -48.35 10.38
C ALA B 3 -41.74 -49.86 10.54
N ASP B 4 -41.50 -50.35 11.75
CA ASP B 4 -41.38 -51.80 11.97
C ASP B 4 -42.69 -52.52 11.62
N LYS B 5 -43.80 -51.77 11.61
CA LYS B 5 -45.14 -52.31 11.34
C LYS B 5 -45.63 -52.18 9.89
N LEU B 6 -44.90 -51.46 9.03
CA LEU B 6 -45.32 -51.31 7.62
C LEU B 6 -45.09 -52.61 6.84
N PRO B 7 -45.75 -52.77 5.69
CA PRO B 7 -45.43 -53.93 4.86
C PRO B 7 -43.98 -53.90 4.33
N HIS B 8 -43.34 -55.07 4.27
CA HIS B 8 -42.00 -55.24 3.75
C HIS B 8 -42.08 -55.98 2.41
N THR B 9 -41.39 -55.51 1.36
CA THR B 9 -41.22 -56.29 0.11
C THR B 9 -39.77 -56.36 -0.25
N LYS B 10 -39.38 -57.45 -0.91
CA LYS B 10 -38.03 -57.67 -1.43
C LYS B 10 -38.00 -57.32 -2.92
N VAL B 11 -36.97 -56.60 -3.35
CA VAL B 11 -36.77 -56.29 -4.78
C VAL B 11 -35.50 -56.98 -5.27
N THR B 12 -35.57 -57.61 -6.44
CA THR B 12 -34.39 -58.20 -7.06
C THR B 12 -33.71 -57.13 -7.94
N LEU B 13 -32.42 -56.94 -7.72
CA LEU B 13 -31.68 -55.90 -8.44
C LEU B 13 -31.28 -56.43 -9.80
N VAL B 14 -31.17 -55.53 -10.79
CA VAL B 14 -30.56 -55.90 -12.06
C VAL B 14 -29.30 -55.07 -12.37
N ALA B 15 -28.42 -55.65 -13.19
CA ALA B 15 -27.20 -55.05 -13.61
C ALA B 15 -27.47 -53.81 -14.48
N PRO B 16 -26.71 -52.73 -14.23
CA PRO B 16 -26.71 -51.62 -15.16
C PRO B 16 -26.39 -52.11 -16.58
N PRO B 17 -26.88 -51.40 -17.60
CA PRO B 17 -27.57 -50.13 -17.56
C PRO B 17 -29.06 -50.21 -17.38
N GLN B 18 -29.58 -51.42 -17.24
CA GLN B 18 -30.99 -51.58 -16.93
C GLN B 18 -31.23 -51.16 -15.49
N VAL B 19 -32.48 -50.84 -15.20
CA VAL B 19 -32.94 -50.58 -13.85
C VAL B 19 -34.08 -51.58 -13.53
N HIS B 20 -34.13 -52.08 -12.31
CA HIS B 20 -35.16 -53.04 -11.95
C HIS B 20 -36.58 -52.49 -12.20
N PRO B 21 -37.52 -53.39 -12.51
CA PRO B 21 -38.92 -53.00 -12.73
C PRO B 21 -39.47 -52.25 -11.51
N HIS B 22 -40.27 -51.23 -11.80
CA HIS B 22 -40.82 -50.40 -10.78
C HIS B 22 -41.98 -49.60 -11.38
N GLU B 23 -42.76 -49.01 -10.50
CA GLU B 23 -43.82 -48.09 -10.92
C GLU B 23 -43.32 -46.69 -10.76
N GLN B 24 -43.81 -45.81 -11.64
CA GLN B 24 -43.65 -44.39 -11.45
C GLN B 24 -44.72 -43.93 -10.48
N ALA B 25 -45.85 -43.41 -10.96
CA ALA B 25 -47.01 -43.11 -10.06
C ALA B 25 -47.56 -44.42 -9.52
N THR B 26 -47.78 -44.47 -8.21
CA THR B 26 -48.23 -45.68 -7.53
C THR B 26 -49.33 -45.33 -6.52
N LYS B 27 -50.24 -46.29 -6.36
CA LYS B 27 -51.39 -46.12 -5.50
C LYS B 27 -51.05 -46.75 -4.16
N SER B 28 -50.06 -47.67 -4.18
CA SER B 28 -49.47 -48.21 -2.95
C SER B 28 -49.03 -47.15 -1.94
N GLY B 29 -49.09 -47.53 -0.67
CA GLY B 29 -48.62 -46.69 0.42
C GLY B 29 -47.23 -47.13 0.85
N PRO B 30 -46.63 -46.37 1.76
CA PRO B 30 -45.27 -46.63 2.22
C PRO B 30 -44.97 -48.08 2.54
N LYS B 31 -43.76 -48.52 2.19
CA LYS B 31 -43.27 -49.84 2.52
C LYS B 31 -41.83 -49.73 2.98
N VAL B 32 -41.37 -50.82 3.60
CA VAL B 32 -39.97 -51.08 3.84
C VAL B 32 -39.56 -51.98 2.71
N VAL B 33 -38.77 -51.45 1.77
CA VAL B 33 -38.34 -52.21 0.57
C VAL B 33 -36.96 -52.77 0.84
N GLU B 34 -36.80 -54.07 0.64
CA GLU B 34 -35.59 -54.73 1.07
C GLU B 34 -34.72 -55.09 -0.11
N PHE B 35 -33.42 -54.81 0.05
CA PHE B 35 -32.43 -55.04 -0.98
C PHE B 35 -31.22 -55.70 -0.35
N THR B 36 -30.51 -56.50 -1.12
CA THR B 36 -29.21 -57.04 -0.71
C THR B 36 -28.20 -56.71 -1.81
N MET B 37 -26.99 -56.36 -1.39
CA MET B 37 -25.87 -56.20 -2.32
C MET B 37 -24.64 -56.85 -1.71
N THR B 38 -23.85 -57.47 -2.58
CA THR B 38 -22.67 -58.19 -2.19
C THR B 38 -21.47 -57.54 -2.86
N ILE B 39 -20.52 -57.07 -2.05
CA ILE B 39 -19.37 -56.40 -2.51
C ILE B 39 -18.55 -57.41 -3.26
N GLU B 40 -17.91 -56.96 -4.33
CA GLU B 40 -16.95 -57.82 -5.05
C GLU B 40 -15.77 -57.02 -5.51
N GLU B 41 -14.61 -57.42 -4.98
CA GLU B 41 -13.34 -56.90 -5.40
C GLU B 41 -12.82 -57.73 -6.56
N LYS B 42 -12.35 -57.09 -7.64
CA LYS B 42 -11.92 -57.87 -8.80
C LYS B 42 -11.12 -56.99 -9.76
N LYS B 43 -10.18 -57.64 -10.43
CA LYS B 43 -9.40 -57.02 -11.48
C LYS B 43 -10.24 -56.94 -12.76
N MET B 44 -10.33 -55.77 -13.39
CA MET B 44 -11.16 -55.61 -14.57
C MET B 44 -10.34 -54.95 -15.69
N VAL B 45 -10.62 -55.37 -16.93
CA VAL B 45 -9.99 -54.77 -18.10
C VAL B 45 -10.82 -53.58 -18.49
N ILE B 46 -10.20 -52.41 -18.63
CA ILE B 46 -10.96 -51.18 -18.77
C ILE B 46 -10.81 -50.46 -20.12
N ASP B 47 -9.92 -50.93 -20.96
CA ASP B 47 -9.72 -50.33 -22.28
C ASP B 47 -9.32 -51.38 -23.30
N ASP B 48 -9.18 -50.95 -24.54
CA ASP B 48 -9.04 -51.92 -25.61
C ASP B 48 -7.58 -52.36 -25.74
N LYS B 49 -6.66 -51.62 -25.11
CA LYS B 49 -5.28 -52.05 -25.01
C LYS B 49 -5.09 -53.14 -23.95
N GLY B 50 -6.12 -53.48 -23.15
CA GLY B 50 -5.94 -54.48 -22.08
C GLY B 50 -5.46 -53.94 -20.74
N THR B 51 -5.59 -52.62 -20.52
CA THR B 51 -5.24 -52.01 -19.26
C THR B 51 -6.20 -52.51 -18.20
N THR B 52 -5.68 -52.83 -17.03
CA THR B 52 -6.51 -53.33 -15.93
C THR B 52 -6.65 -52.31 -14.78
N LEU B 53 -7.79 -52.40 -14.10
CA LEU B 53 -8.04 -51.69 -12.86
C LEU B 53 -8.24 -52.75 -11.78
N GLN B 54 -7.57 -52.58 -10.66
CA GLN B 54 -7.88 -53.35 -9.44
C GLN B 54 -9.08 -52.66 -8.82
N ALA B 55 -10.26 -53.20 -9.15
CA ALA B 55 -11.54 -52.55 -8.93
C ALA B 55 -12.21 -53.09 -7.67
N MET B 56 -13.15 -52.30 -7.16
CA MET B 56 -14.01 -52.67 -6.04
C MET B 56 -15.44 -52.31 -6.45
N THR B 57 -16.39 -53.22 -6.27
CA THR B 57 -17.77 -53.03 -6.77
C THR B 57 -18.88 -53.44 -5.83
N PHE B 58 -20.01 -52.77 -5.95
CA PHE B 58 -21.24 -53.27 -5.34
C PHE B 58 -21.87 -54.19 -6.38
N ASN B 59 -21.98 -55.47 -6.04
CA ASN B 59 -22.72 -56.44 -6.86
C ASN B 59 -22.07 -56.85 -8.16
N GLY B 60 -20.76 -56.68 -8.26
CA GLY B 60 -20.02 -57.11 -9.45
C GLY B 60 -19.88 -56.11 -10.59
N SER B 61 -20.50 -54.94 -10.47
CA SER B 61 -20.53 -53.99 -11.59
C SER B 61 -20.11 -52.57 -11.21
N MET B 62 -19.61 -51.84 -12.21
CA MET B 62 -19.48 -50.41 -12.12
C MET B 62 -20.45 -49.83 -13.13
N PRO B 63 -21.40 -48.99 -12.70
CA PRO B 63 -21.77 -48.70 -11.33
C PRO B 63 -22.48 -49.88 -10.67
N GLY B 64 -22.67 -49.77 -9.36
CA GLY B 64 -23.54 -50.70 -8.68
C GLY B 64 -24.95 -50.50 -9.23
N PRO B 65 -25.83 -51.44 -8.95
CA PRO B 65 -27.17 -51.32 -9.46
C PRO B 65 -27.93 -50.16 -8.86
N THR B 66 -28.96 -49.73 -9.59
CA THR B 66 -29.77 -48.63 -9.17
C THR B 66 -30.91 -49.25 -8.38
N LEU B 67 -31.18 -48.66 -7.21
CA LEU B 67 -32.24 -49.05 -6.29
C LEU B 67 -33.34 -48.04 -6.45
N VAL B 68 -34.55 -48.48 -6.81
CA VAL B 68 -35.68 -47.56 -6.89
C VAL B 68 -36.72 -47.85 -5.80
N VAL B 69 -37.19 -46.78 -5.16
CA VAL B 69 -38.25 -46.79 -4.19
C VAL B 69 -39.06 -45.53 -4.44
N HIS B 70 -40.08 -45.31 -3.62
CA HIS B 70 -40.89 -44.08 -3.72
C HIS B 70 -40.76 -43.25 -2.47
N GLU B 71 -40.98 -41.95 -2.62
CA GLU B 71 -40.85 -41.06 -1.49
C GLU B 71 -41.75 -41.55 -0.36
N GLY B 72 -41.18 -41.63 0.81
CA GLY B 72 -41.91 -42.10 1.96
C GLY B 72 -41.64 -43.54 2.27
N ASP B 73 -41.11 -44.32 1.33
CA ASP B 73 -40.71 -45.67 1.64
C ASP B 73 -39.52 -45.64 2.59
N TYR B 74 -39.16 -46.81 3.09
CA TYR B 74 -37.93 -47.00 3.80
C TYR B 74 -37.11 -47.97 2.97
N VAL B 75 -35.80 -47.73 2.89
CA VAL B 75 -34.88 -48.63 2.20
C VAL B 75 -34.19 -49.45 3.25
N GLN B 76 -34.17 -50.77 3.06
CA GLN B 76 -33.53 -51.62 4.03
C GLN B 76 -32.55 -52.55 3.33
N LEU B 77 -31.27 -52.20 3.43
CA LEU B 77 -30.24 -52.88 2.67
C LEU B 77 -29.43 -53.79 3.55
N THR B 78 -29.25 -55.02 3.08
CA THR B 78 -28.29 -55.92 3.67
C THR B 78 -27.06 -55.84 2.78
N LEU B 79 -25.93 -55.43 3.37
CA LEU B 79 -24.69 -55.30 2.67
C LEU B 79 -23.84 -56.47 3.10
N VAL B 80 -23.40 -57.26 2.13
CA VAL B 80 -22.62 -58.45 2.37
C VAL B 80 -21.19 -58.29 1.81
N ASN B 81 -20.18 -58.54 2.67
CA ASN B 81 -18.80 -58.42 2.31
C ASN B 81 -18.20 -59.79 2.53
N PRO B 82 -18.26 -60.62 1.52
CA PRO B 82 -17.86 -62.00 1.75
C PRO B 82 -16.38 -62.16 1.94
N ALA B 83 -16.03 -63.31 2.48
CA ALA B 83 -14.69 -63.63 2.95
C ALA B 83 -13.67 -63.72 1.84
N THR B 84 -14.16 -63.81 0.61
CA THR B 84 -13.30 -63.78 -0.60
C THR B 84 -12.67 -62.40 -0.90
N ASN B 85 -13.20 -61.35 -0.25
CA ASN B 85 -12.65 -59.99 -0.37
C ASN B 85 -11.51 -59.78 0.62
N ALA B 86 -10.69 -58.77 0.35
CA ALA B 86 -9.50 -58.46 1.14
C ALA B 86 -9.60 -57.15 1.95
N MET B 87 -10.69 -56.39 1.78
CA MET B 87 -10.74 -55.04 2.36
C MET B 87 -12.07 -54.80 3.04
N PRO B 88 -12.13 -53.87 4.00
CA PRO B 88 -13.40 -53.53 4.57
C PRO B 88 -14.14 -52.52 3.70
N HIS B 89 -15.43 -52.41 3.90
CA HIS B 89 -16.25 -51.50 3.12
C HIS B 89 -17.40 -51.09 3.98
N ASN B 90 -18.25 -50.22 3.44
CA ASN B 90 -19.49 -49.83 4.08
C ASN B 90 -20.37 -49.16 3.00
N VAL B 91 -21.41 -48.44 3.37
CA VAL B 91 -22.21 -47.69 2.39
C VAL B 91 -22.72 -46.40 2.98
N ASP B 92 -22.56 -45.31 2.21
CA ASP B 92 -23.07 -43.98 2.49
C ASP B 92 -24.13 -43.70 1.42
N PHE B 93 -25.39 -43.60 1.81
CA PHE B 93 -26.45 -43.17 0.92
C PHE B 93 -26.68 -41.66 1.04
N HIS B 94 -26.43 -40.91 -0.03
CA HIS B 94 -26.76 -39.49 -0.01
C HIS B 94 -28.27 -39.24 0.18
N GLY B 95 -29.12 -40.21 -0.15
CA GLY B 95 -30.58 -40.07 0.15
C GLY B 95 -31.05 -40.28 1.61
N ALA B 96 -30.13 -40.65 2.49
CA ALA B 96 -30.40 -41.04 3.88
C ALA B 96 -29.95 -39.94 4.79
N THR B 97 -30.60 -39.81 5.95
CA THR B 97 -30.28 -38.79 6.96
C THR B 97 -29.63 -39.42 8.22
N GLY B 98 -28.39 -39.02 8.53
CA GLY B 98 -27.67 -39.44 9.71
C GLY B 98 -26.53 -40.42 9.47
N ALA B 99 -25.63 -40.47 10.45
CA ALA B 99 -24.55 -41.46 10.53
C ALA B 99 -23.69 -41.54 9.27
N LEU B 100 -23.25 -40.37 8.79
CA LEU B 100 -22.48 -40.24 7.54
C LEU B 100 -23.15 -41.03 6.42
N GLY B 101 -24.45 -40.86 6.27
CA GLY B 101 -25.23 -41.56 5.25
C GLY B 101 -25.51 -43.02 5.47
N GLY B 102 -25.14 -43.55 6.64
CA GLY B 102 -25.20 -44.99 6.89
C GLY B 102 -23.83 -45.61 7.06
N ALA B 103 -22.80 -44.85 6.72
CA ALA B 103 -21.47 -45.41 6.71
C ALA B 103 -21.03 -45.84 8.10
N LYS B 104 -21.39 -45.08 9.13
CA LYS B 104 -20.97 -45.43 10.50
C LYS B 104 -21.62 -46.73 10.97
N LEU B 105 -22.70 -47.14 10.31
CA LEU B 105 -23.51 -48.24 10.80
C LEU B 105 -23.36 -49.49 9.96
N THR B 106 -22.48 -49.46 8.94
CA THR B 106 -22.36 -50.54 7.95
C THR B 106 -20.91 -50.92 7.70
N ASN B 107 -20.02 -50.65 8.65
CA ASN B 107 -18.63 -51.06 8.52
C ASN B 107 -18.49 -52.57 8.62
N VAL B 108 -18.20 -53.20 7.48
CA VAL B 108 -18.17 -54.64 7.37
C VAL B 108 -16.82 -55.09 6.85
N ASN B 109 -16.15 -55.93 7.66
CA ASN B 109 -14.88 -56.48 7.26
C ASN B 109 -15.17 -57.68 6.41
N PRO B 110 -14.16 -58.17 5.69
CA PRO B 110 -14.43 -59.37 4.93
C PRO B 110 -14.95 -60.48 5.82
N GLY B 111 -16.04 -61.11 5.38
CA GLY B 111 -16.68 -62.19 6.12
C GLY B 111 -17.83 -61.73 6.97
N GLU B 112 -18.27 -60.47 6.79
CA GLU B 112 -19.33 -59.87 7.60
C GLU B 112 -20.42 -59.22 6.77
N GLN B 113 -21.56 -58.97 7.41
CA GLN B 113 -22.66 -58.30 6.79
C GLN B 113 -23.39 -57.46 7.80
N ALA B 114 -24.21 -56.55 7.32
CA ALA B 114 -24.94 -55.65 8.20
C ALA B 114 -26.18 -55.28 7.47
N THR B 115 -27.19 -54.81 8.20
CA THR B 115 -28.42 -54.37 7.60
C THR B 115 -28.75 -53.00 8.14
N LEU B 116 -29.10 -52.10 7.22
CA LEU B 116 -29.36 -50.70 7.50
C LEU B 116 -30.72 -50.36 6.93
N ARG B 117 -31.51 -49.62 7.70
CA ARG B 117 -32.72 -49.09 7.19
C ARG B 117 -32.69 -47.58 7.29
N PHE B 118 -33.23 -46.90 6.30
CA PHE B 118 -33.44 -45.48 6.40
C PHE B 118 -34.68 -45.07 5.65
N LYS B 119 -35.19 -43.91 6.01
CA LYS B 119 -36.38 -43.38 5.39
C LYS B 119 -35.97 -42.56 4.20
N ALA B 120 -36.53 -42.90 3.05
CA ALA B 120 -36.29 -42.21 1.80
C ALA B 120 -37.30 -41.11 1.73
N ASP B 121 -37.07 -40.04 2.48
CA ASP B 121 -38.10 -38.99 2.60
C ASP B 121 -37.93 -37.88 1.61
N ARG B 122 -37.00 -38.02 0.66
CA ARG B 122 -36.75 -36.94 -0.33
C ARG B 122 -36.63 -37.50 -1.71
N SER B 123 -37.34 -36.92 -2.66
CA SER B 123 -37.39 -37.54 -3.99
C SER B 123 -36.19 -37.06 -4.81
N GLY B 124 -35.73 -37.92 -5.72
CA GLY B 124 -34.62 -37.61 -6.60
C GLY B 124 -33.74 -38.80 -6.82
N THR B 125 -32.74 -38.63 -7.68
CA THR B 125 -31.65 -39.60 -7.85
C THR B 125 -30.51 -39.18 -6.91
N PHE B 126 -30.04 -40.11 -6.09
CA PHE B 126 -28.99 -39.85 -5.10
C PHE B 126 -27.87 -40.87 -5.26
N VAL B 127 -26.62 -40.42 -5.20
CA VAL B 127 -25.47 -41.34 -5.25
C VAL B 127 -25.44 -42.14 -3.94
N TYR B 128 -25.06 -43.41 -4.01
CA TYR B 128 -24.60 -44.12 -2.84
C TYR B 128 -23.17 -44.58 -3.18
N HIS B 129 -22.29 -44.66 -2.17
CA HIS B 129 -20.91 -45.08 -2.40
C HIS B 129 -20.28 -45.58 -1.12
N CYS B 130 -19.20 -46.35 -1.25
CA CYS B 130 -18.46 -46.83 -0.11
C CYS B 130 -17.71 -45.64 0.48
N ALA B 131 -17.51 -45.64 1.79
CA ALA B 131 -16.86 -44.53 2.46
C ALA B 131 -16.11 -44.95 3.74
N PRO B 132 -15.11 -45.80 3.62
CA PRO B 132 -14.41 -46.20 4.83
C PRO B 132 -13.47 -45.11 5.33
N GLU B 133 -13.61 -44.79 6.62
CA GLU B 133 -12.84 -43.69 7.22
C GLU B 133 -11.37 -43.89 6.90
N GLY B 134 -10.74 -42.86 6.32
CA GLY B 134 -9.32 -42.86 6.00
C GLY B 134 -9.00 -43.22 4.58
N MET B 135 -9.98 -43.67 3.82
CA MET B 135 -9.69 -44.13 2.44
C MET B 135 -10.91 -44.04 1.52
N VAL B 136 -11.73 -43.01 1.75
CA VAL B 136 -12.95 -42.83 0.96
C VAL B 136 -12.61 -42.70 -0.54
N PRO B 137 -11.65 -41.82 -0.90
CA PRO B 137 -11.46 -41.59 -2.34
C PRO B 137 -11.09 -42.87 -3.08
N TRP B 138 -10.25 -43.69 -2.47
CA TRP B 138 -9.76 -44.85 -3.19
C TRP B 138 -10.87 -45.83 -3.46
N HIS B 139 -11.73 -46.06 -2.49
CA HIS B 139 -12.80 -47.02 -2.68
C HIS B 139 -13.79 -46.53 -3.71
N VAL B 140 -14.08 -45.22 -3.68
CA VAL B 140 -14.99 -44.61 -4.63
C VAL B 140 -14.42 -44.62 -6.04
N VAL B 141 -13.18 -44.16 -6.18
CA VAL B 141 -12.65 -44.12 -7.55
C VAL B 141 -12.40 -45.49 -8.11
N SER B 142 -12.31 -46.52 -7.27
CA SER B 142 -12.03 -47.87 -7.76
C SER B 142 -13.30 -48.58 -8.19
N GLY B 143 -14.44 -47.95 -7.98
CA GLY B 143 -15.68 -48.43 -8.52
C GLY B 143 -16.92 -48.44 -7.63
N MET B 144 -16.80 -48.10 -6.36
CA MET B 144 -17.88 -48.37 -5.42
C MET B 144 -18.86 -47.22 -5.29
N SER B 145 -19.67 -47.05 -6.34
CA SER B 145 -20.81 -46.13 -6.28
C SER B 145 -21.92 -46.60 -7.21
N GLY B 146 -23.11 -46.04 -6.99
CA GLY B 146 -24.32 -46.32 -7.79
C GLY B 146 -25.38 -45.31 -7.41
N THR B 147 -26.63 -45.51 -7.85
CA THR B 147 -27.68 -44.53 -7.62
C THR B 147 -28.86 -45.14 -6.88
N LEU B 148 -29.41 -44.38 -5.94
CA LEU B 148 -30.71 -44.66 -5.35
C LEU B 148 -31.66 -43.69 -6.04
N MET B 149 -32.68 -44.20 -6.73
CA MET B 149 -33.74 -43.31 -7.23
C MET B 149 -34.99 -43.35 -6.36
N VAL B 150 -35.34 -42.22 -5.77
CA VAL B 150 -36.56 -42.06 -4.97
C VAL B 150 -37.60 -41.27 -5.78
N LEU B 151 -38.53 -41.98 -6.39
CA LEU B 151 -39.58 -41.33 -7.20
C LEU B 151 -40.63 -40.71 -6.31
N PRO B 152 -41.16 -39.54 -6.70
CA PRO B 152 -42.35 -39.05 -5.99
C PRO B 152 -43.51 -40.05 -6.13
N ARG B 153 -44.42 -40.15 -5.14
CA ARG B 153 -45.52 -41.16 -5.21
C ARG B 153 -46.41 -41.03 -6.42
N ASP B 154 -46.68 -39.79 -6.83
CA ASP B 154 -47.46 -39.54 -8.02
C ASP B 154 -46.57 -39.29 -9.26
N GLY B 155 -45.36 -39.86 -9.27
CA GLY B 155 -44.45 -39.74 -10.41
C GLY B 155 -43.87 -38.37 -10.71
N LEU B 156 -43.12 -38.30 -11.80
CA LEU B 156 -42.40 -37.08 -12.17
C LEU B 156 -43.37 -36.04 -12.70
N LYS B 157 -43.12 -34.77 -12.35
CA LYS B 157 -43.91 -33.66 -12.80
C LYS B 157 -43.04 -32.60 -13.47
N ASP B 158 -43.63 -31.87 -14.42
CA ASP B 158 -42.96 -30.74 -15.06
C ASP B 158 -43.14 -29.47 -14.22
N PRO B 159 -42.59 -28.34 -14.65
CA PRO B 159 -42.68 -27.17 -13.76
C PRO B 159 -44.10 -26.73 -13.41
N GLN B 160 -45.06 -27.04 -14.27
CA GLN B 160 -46.42 -26.58 -14.12
C GLN B 160 -47.28 -27.64 -13.39
N GLY B 161 -46.70 -28.78 -13.04
CA GLY B 161 -47.45 -29.82 -12.36
C GLY B 161 -47.96 -30.91 -13.29
N LYS B 162 -47.69 -30.80 -14.60
CA LYS B 162 -48.16 -31.81 -15.54
C LYS B 162 -47.33 -33.07 -15.40
N PRO B 163 -47.96 -34.25 -15.54
CA PRO B 163 -47.20 -35.49 -15.42
C PRO B 163 -46.22 -35.69 -16.57
N LEU B 164 -45.11 -36.33 -16.22
CA LEU B 164 -44.07 -36.69 -17.13
C LEU B 164 -43.88 -38.15 -16.88
N HIS B 165 -43.79 -38.93 -17.93
CA HIS B 165 -43.78 -40.35 -17.80
C HIS B 165 -42.73 -40.90 -18.76
N TYR B 166 -42.06 -41.99 -18.36
CA TYR B 166 -41.05 -42.59 -19.21
C TYR B 166 -41.31 -44.06 -19.41
N ASP B 167 -40.87 -44.57 -20.55
CA ASP B 167 -41.13 -45.93 -20.94
C ASP B 167 -40.04 -46.87 -20.45
N ARG B 168 -38.82 -46.32 -20.34
CA ARG B 168 -37.64 -47.08 -19.99
C ARG B 168 -36.61 -46.14 -19.29
N ALA B 169 -36.03 -46.63 -18.19
CA ALA B 169 -34.96 -45.93 -17.49
C ALA B 169 -33.67 -46.65 -17.77
N TYR B 170 -32.63 -45.86 -18.02
CA TYR B 170 -31.29 -46.39 -18.11
C TYR B 170 -30.41 -45.68 -17.10
N THR B 171 -29.46 -46.43 -16.57
CA THR B 171 -28.56 -45.91 -15.56
C THR B 171 -27.12 -46.01 -16.03
N ILE B 172 -26.47 -44.84 -16.09
CA ILE B 172 -25.08 -44.68 -16.48
C ILE B 172 -24.25 -44.17 -15.29
N GLY B 173 -23.22 -44.91 -14.94
CA GLY B 173 -22.26 -44.43 -13.96
C GLY B 173 -20.96 -44.04 -14.65
N GLU B 174 -20.47 -42.84 -14.39
CA GLU B 174 -19.24 -42.39 -15.03
C GLU B 174 -18.13 -42.38 -13.98
N PHE B 175 -17.01 -42.98 -14.33
CA PHE B 175 -15.91 -43.20 -13.39
C PHE B 175 -14.62 -42.63 -13.89
N ASP B 176 -14.13 -41.64 -13.16
CA ASP B 176 -12.80 -41.11 -13.40
C ASP B 176 -11.79 -42.06 -12.74
N LEU B 177 -10.92 -42.66 -13.56
CA LEU B 177 -9.95 -43.64 -13.12
C LEU B 177 -8.57 -43.07 -13.08
N TYR B 178 -7.75 -43.59 -12.17
CA TYR B 178 -6.42 -43.07 -11.93
C TYR B 178 -5.36 -44.18 -11.97
N ILE B 179 -5.10 -44.73 -13.17
CA ILE B 179 -4.22 -45.90 -13.34
C ILE B 179 -2.76 -45.47 -13.40
N PRO B 180 -1.93 -46.02 -12.50
CA PRO B 180 -0.51 -45.68 -12.52
C PRO B 180 0.25 -46.20 -13.72
N LYS B 181 1.37 -45.52 -14.02
CA LYS B 181 2.28 -45.93 -15.07
C LYS B 181 3.63 -46.26 -14.45
N GLY B 182 4.33 -47.19 -15.10
CA GLY B 182 5.73 -47.44 -14.79
C GLY B 182 6.68 -46.49 -15.53
N PRO B 183 7.98 -46.60 -15.23
CA PRO B 183 8.99 -45.74 -15.89
C PRO B 183 9.03 -45.90 -17.42
N ASP B 184 8.64 -47.07 -17.95
CA ASP B 184 8.44 -47.25 -19.39
C ASP B 184 7.25 -46.49 -20.03
N GLY B 185 6.43 -45.83 -19.20
CA GLY B 185 5.24 -45.14 -19.71
C GLY B 185 4.03 -46.03 -19.94
N LYS B 186 4.14 -47.30 -19.62
CA LYS B 186 3.02 -48.22 -19.77
C LYS B 186 2.24 -48.30 -18.46
N TYR B 187 0.95 -48.53 -18.57
CA TYR B 187 0.10 -48.67 -17.40
C TYR B 187 0.50 -49.92 -16.60
N LYS B 188 0.52 -49.80 -15.30
CA LYS B 188 0.87 -50.89 -14.44
C LYS B 188 -0.27 -51.88 -14.33
N ASP B 189 0.10 -53.16 -14.20
CA ASP B 189 -0.80 -54.26 -13.95
C ASP B 189 -0.36 -54.86 -12.59
N TYR B 190 -1.26 -54.88 -11.61
CA TYR B 190 -0.93 -55.31 -10.25
C TYR B 190 -1.47 -56.70 -9.96
N ALA B 191 -0.66 -57.52 -9.32
CA ALA B 191 -1.07 -58.87 -8.96
C ALA B 191 -2.21 -58.80 -7.97
N THR B 192 -2.19 -57.80 -7.08
CA THR B 192 -3.22 -57.71 -6.06
C THR B 192 -3.77 -56.30 -5.93
N LEU B 193 -4.98 -56.24 -5.42
CA LEU B 193 -5.59 -55.00 -5.03
C LEU B 193 -4.70 -54.16 -4.10
N ALA B 194 -4.27 -54.76 -2.99
CA ALA B 194 -3.41 -54.07 -2.03
C ALA B 194 -2.22 -53.41 -2.68
N GLU B 195 -1.60 -54.09 -3.64
CA GLU B 195 -0.42 -53.55 -4.31
C GLU B 195 -0.66 -52.32 -5.17
N SER B 196 -1.91 -52.06 -5.56
CA SER B 196 -2.25 -50.91 -6.39
C SER B 196 -2.35 -49.61 -5.58
N TYR B 197 -2.42 -49.70 -4.27
CA TYR B 197 -2.85 -48.53 -3.47
C TYR B 197 -1.99 -47.29 -3.58
N GLY B 198 -0.72 -47.42 -3.20
CA GLY B 198 0.15 -46.28 -3.03
C GLY B 198 0.30 -45.55 -4.35
N ASP B 199 0.62 -46.29 -5.39
CA ASP B 199 0.78 -45.73 -6.71
C ASP B 199 -0.50 -45.02 -7.17
N THR B 200 -1.65 -45.58 -6.83
CA THR B 200 -2.93 -45.03 -7.31
C THR B 200 -3.18 -43.70 -6.59
N VAL B 201 -2.88 -43.64 -5.29
CA VAL B 201 -3.04 -42.38 -4.55
C VAL B 201 -2.20 -41.26 -5.19
N GLN B 202 -0.96 -41.59 -5.59
CA GLN B 202 -0.07 -40.67 -6.29
CA GLN B 202 -0.16 -40.55 -6.19
C GLN B 202 -0.76 -40.05 -7.52
N VAL B 203 -1.36 -40.92 -8.32
CA VAL B 203 -2.04 -40.46 -9.53
C VAL B 203 -3.24 -39.60 -9.15
N MET B 204 -4.02 -40.09 -8.21
CA MET B 204 -5.16 -39.33 -7.75
C MET B 204 -4.79 -37.90 -7.39
N ARG B 205 -3.70 -37.70 -6.65
CA ARG B 205 -3.38 -36.36 -6.19
C ARG B 205 -3.07 -35.37 -7.33
N THR B 206 -2.73 -35.86 -8.52
CA THR B 206 -2.53 -34.96 -9.64
C THR B 206 -3.87 -34.46 -10.18
N LEU B 207 -4.97 -35.05 -9.73
CA LEU B 207 -6.34 -34.71 -10.23
C LEU B 207 -6.54 -34.92 -11.72
N THR B 208 -5.65 -35.65 -12.39
CA THR B 208 -5.83 -36.01 -13.79
C THR B 208 -6.12 -37.50 -13.94
N PRO B 209 -7.32 -37.83 -14.38
CA PRO B 209 -7.64 -39.20 -14.68
C PRO B 209 -6.90 -39.71 -15.88
N SER B 210 -6.58 -41.00 -15.87
CA SER B 210 -5.93 -41.67 -16.99
C SER B 210 -7.00 -42.11 -17.98
N HIS B 211 -8.18 -42.44 -17.45
CA HIS B 211 -9.36 -42.88 -18.21
C HIS B 211 -10.58 -42.30 -17.51
N ILE B 212 -11.64 -42.06 -18.26
CA ILE B 212 -12.95 -41.71 -17.72
C ILE B 212 -13.94 -42.56 -18.49
N VAL B 213 -14.59 -43.51 -17.82
CA VAL B 213 -15.38 -44.51 -18.51
C VAL B 213 -16.82 -44.52 -18.02
N PHE B 214 -17.75 -44.92 -18.90
CA PHE B 214 -19.11 -45.19 -18.50
C PHE B 214 -19.16 -46.67 -18.18
N ASN B 215 -19.77 -47.01 -17.06
CA ASN B 215 -20.11 -48.38 -16.74
C ASN B 215 -18.95 -49.35 -16.87
N GLY B 216 -17.78 -48.87 -16.47
CA GLY B 216 -16.66 -49.73 -16.19
C GLY B 216 -15.59 -49.92 -17.24
N LYS B 217 -15.81 -49.49 -18.49
CA LYS B 217 -14.78 -49.58 -19.52
C LYS B 217 -15.06 -48.72 -20.75
N VAL B 218 -14.01 -48.51 -21.53
CA VAL B 218 -14.14 -47.78 -22.76
C VAL B 218 -15.06 -48.64 -23.60
N GLY B 219 -16.07 -48.04 -24.22
CA GLY B 219 -16.96 -48.78 -25.11
C GLY B 219 -17.97 -49.69 -24.45
N ALA B 220 -18.14 -49.54 -23.13
CA ALA B 220 -19.08 -50.38 -22.38
C ALA B 220 -20.46 -50.28 -22.97
N LEU B 221 -20.86 -49.08 -23.37
CA LEU B 221 -22.22 -48.84 -23.89
C LEU B 221 -22.20 -48.61 -25.40
N THR B 222 -21.49 -49.47 -26.10
CA THR B 222 -21.45 -49.44 -27.54
C THR B 222 -21.49 -50.88 -28.12
N GLY B 223 -21.62 -50.95 -29.45
CA GLY B 223 -21.65 -52.23 -30.15
C GLY B 223 -22.86 -53.00 -29.69
N ALA B 224 -22.68 -54.30 -29.43
CA ALA B 224 -23.75 -55.12 -28.89
C ALA B 224 -24.35 -54.53 -27.62
N ASN B 225 -23.58 -53.74 -26.88
CA ASN B 225 -24.06 -53.21 -25.60
C ASN B 225 -24.54 -51.77 -25.66
N ALA B 226 -24.80 -51.25 -26.86
CA ALA B 226 -25.44 -49.96 -26.99
C ALA B 226 -26.80 -49.97 -26.32
N LEU B 227 -27.20 -48.84 -25.78
CA LEU B 227 -28.56 -48.66 -25.34
C LEU B 227 -29.41 -48.64 -26.61
N THR B 228 -30.68 -49.04 -26.46
CA THR B 228 -31.65 -49.12 -27.57
C THR B 228 -32.91 -48.35 -27.24
N ALA B 229 -33.52 -47.79 -28.29
CA ALA B 229 -34.80 -47.16 -28.17
C ALA B 229 -35.48 -47.07 -29.54
N LYS B 230 -36.61 -46.36 -29.61
CA LYS B 230 -37.26 -46.12 -30.86
C LYS B 230 -38.02 -44.82 -30.89
N VAL B 231 -38.23 -44.34 -32.11
CA VAL B 231 -38.95 -43.08 -32.30
C VAL B 231 -40.27 -43.18 -31.54
N GLY B 232 -40.57 -42.14 -30.78
CA GLY B 232 -41.73 -42.09 -29.91
C GLY B 232 -41.51 -42.55 -28.47
N GLU B 233 -40.47 -43.36 -28.24
CA GLU B 233 -40.15 -43.81 -26.88
C GLU B 233 -39.56 -42.65 -26.07
N THR B 234 -39.98 -42.54 -24.81
CA THR B 234 -39.42 -41.59 -23.85
C THR B 234 -38.52 -42.38 -22.91
N VAL B 235 -37.25 -41.96 -22.79
CA VAL B 235 -36.30 -42.63 -21.89
C VAL B 235 -35.92 -41.69 -20.78
N LEU B 236 -35.59 -42.28 -19.63
CA LEU B 236 -35.02 -41.51 -18.52
C LEU B 236 -33.56 -41.94 -18.45
N LEU B 237 -32.67 -40.95 -18.53
CA LEU B 237 -31.23 -41.19 -18.48
C LEU B 237 -30.72 -40.70 -17.13
N ILE B 238 -30.45 -41.67 -16.25
CA ILE B 238 -29.88 -41.45 -14.96
C ILE B 238 -28.37 -41.46 -15.08
N HIS B 239 -27.72 -40.43 -14.56
CA HIS B 239 -26.27 -40.29 -14.71
C HIS B 239 -25.68 -39.97 -13.34
N SER B 240 -24.78 -40.82 -12.85
CA SER B 240 -24.10 -40.60 -11.59
C SER B 240 -22.61 -40.37 -11.76
N GLN B 241 -22.06 -39.47 -10.94
CA GLN B 241 -20.62 -39.29 -10.85
C GLN B 241 -20.33 -38.98 -9.39
N ALA B 242 -19.77 -39.97 -8.71
CA ALA B 242 -19.51 -39.91 -7.24
C ALA B 242 -18.30 -39.11 -6.85
N ASN B 243 -17.44 -38.77 -7.81
CA ASN B 243 -16.19 -38.06 -7.47
C ASN B 243 -15.84 -36.79 -8.27
N ARG B 244 -16.44 -36.57 -9.42
CA ARG B 244 -15.98 -35.49 -10.29
C ARG B 244 -17.08 -35.03 -11.27
N ASP B 245 -17.01 -33.77 -11.66
CA ASP B 245 -18.04 -33.22 -12.49
C ASP B 245 -18.05 -33.88 -13.86
N THR B 246 -19.23 -33.93 -14.47
CA THR B 246 -19.38 -34.33 -15.87
C THR B 246 -20.50 -33.49 -16.53
N ARG B 247 -20.57 -33.54 -17.85
CA ARG B 247 -21.50 -32.65 -18.57
C ARG B 247 -22.15 -33.43 -19.68
N PRO B 248 -23.17 -34.22 -19.34
CA PRO B 248 -23.84 -35.06 -20.31
C PRO B 248 -24.50 -34.30 -21.45
N HIS B 249 -24.45 -34.93 -22.61
CA HIS B 249 -25.03 -34.42 -23.83
C HIS B 249 -25.42 -35.60 -24.68
N LEU B 250 -26.58 -35.50 -25.31
CA LEU B 250 -27.02 -36.50 -26.30
C LEU B 250 -26.93 -35.87 -27.68
N ILE B 251 -26.00 -36.38 -28.49
CA ILE B 251 -25.75 -35.86 -29.84
C ILE B 251 -26.91 -36.17 -30.80
N GLY B 252 -27.46 -35.11 -31.37
CA GLY B 252 -28.63 -35.17 -32.25
C GLY B 252 -29.92 -35.17 -31.46
N GLY B 253 -29.81 -34.92 -30.15
CA GLY B 253 -30.93 -34.99 -29.24
C GLY B 253 -30.87 -33.87 -28.26
N HIS B 254 -31.65 -33.98 -27.20
CA HIS B 254 -31.73 -32.93 -26.20
C HIS B 254 -32.06 -33.53 -24.89
N GLY B 255 -32.01 -32.70 -23.84
CA GLY B 255 -32.67 -33.03 -22.58
C GLY B 255 -34.03 -32.33 -22.55
N ASP B 256 -35.12 -33.09 -22.80
CA ASP B 256 -36.45 -32.46 -22.87
C ASP B 256 -36.80 -31.87 -21.52
N TRP B 257 -36.67 -32.69 -20.48
CA TRP B 257 -36.72 -32.21 -19.11
C TRP B 257 -35.58 -32.83 -18.34
N VAL B 258 -34.90 -32.01 -17.54
CA VAL B 258 -33.66 -32.42 -16.88
C VAL B 258 -33.62 -31.84 -15.48
N TRP B 259 -33.32 -32.72 -14.54
CA TRP B 259 -33.00 -32.32 -13.18
C TRP B 259 -31.49 -32.54 -13.02
N GLU B 260 -30.69 -31.54 -13.37
CA GLU B 260 -29.26 -31.79 -13.37
C GLU B 260 -28.72 -32.00 -11.94
N THR B 261 -29.28 -31.30 -10.94
CA THR B 261 -28.98 -31.58 -9.54
C THR B 261 -29.75 -32.78 -9.01
N GLY B 262 -30.63 -33.33 -9.83
CA GLY B 262 -31.22 -34.64 -9.57
C GLY B 262 -32.31 -34.74 -8.51
N LYS B 263 -32.94 -33.63 -8.17
CA LYS B 263 -33.90 -33.62 -7.07
C LYS B 263 -35.31 -33.21 -7.54
N PHE B 264 -36.19 -34.20 -7.57
CA PHE B 264 -37.46 -34.13 -8.33
C PHE B 264 -38.55 -33.21 -7.78
N ALA B 265 -38.40 -32.72 -6.55
CA ALA B 265 -39.32 -31.71 -6.02
C ALA B 265 -39.00 -30.35 -6.63
N ASN B 266 -37.90 -30.27 -7.37
CA ASN B 266 -37.54 -29.03 -8.04
C ASN B 266 -38.00 -29.03 -9.49
N PRO B 267 -38.46 -27.89 -9.97
CA PRO B 267 -38.83 -27.87 -11.35
C PRO B 267 -37.66 -28.20 -12.26
N PRO B 268 -37.86 -29.11 -13.22
CA PRO B 268 -36.85 -29.40 -14.22
C PRO B 268 -36.66 -28.24 -15.22
N GLN B 269 -35.61 -28.35 -16.02
CA GLN B 269 -35.35 -27.38 -17.06
C GLN B 269 -35.53 -28.08 -18.35
N ARG B 270 -35.86 -27.33 -19.39
CA ARG B 270 -36.19 -27.94 -20.67
C ARG B 270 -35.24 -27.48 -21.78
N ASP B 271 -35.16 -28.32 -22.81
CA ASP B 271 -34.46 -28.05 -24.07
C ASP B 271 -32.96 -27.97 -23.93
N LEU B 272 -32.43 -28.62 -22.89
CA LEU B 272 -31.01 -28.56 -22.63
C LEU B 272 -30.22 -29.24 -23.74
N GLU B 273 -29.14 -28.58 -24.16
CA GLU B 273 -28.19 -29.20 -25.06
C GLU B 273 -27.22 -30.05 -24.26
N THR B 274 -26.71 -29.48 -23.17
CA THR B 274 -25.72 -30.14 -22.31
C THR B 274 -26.05 -29.75 -20.90
N TRP B 275 -26.06 -30.74 -20.00
CA TRP B 275 -26.38 -30.49 -18.60
C TRP B 275 -25.15 -30.80 -17.73
N PHE B 276 -25.24 -30.57 -16.42
CA PHE B 276 -24.07 -30.64 -15.54
C PHE B 276 -24.34 -31.43 -14.29
N ILE B 277 -23.64 -32.55 -14.15
CA ILE B 277 -23.71 -33.40 -12.96
C ILE B 277 -22.50 -33.12 -12.07
N ARG B 278 -22.78 -32.57 -10.90
CA ARG B 278 -21.73 -32.19 -9.98
C ARG B 278 -21.11 -33.44 -9.38
N GLY B 279 -19.79 -33.49 -9.29
CA GLY B 279 -19.12 -34.59 -8.55
C GLY B 279 -19.75 -34.80 -7.18
N GLY B 280 -20.08 -36.03 -6.86
CA GLY B 280 -20.89 -36.31 -5.66
C GLY B 280 -22.41 -36.24 -5.88
N SER B 281 -22.87 -36.41 -7.11
CA SER B 281 -24.31 -36.41 -7.34
C SER B 281 -24.77 -37.27 -8.49
N ALA B 282 -26.06 -37.49 -8.52
CA ALA B 282 -26.72 -38.16 -9.65
C ALA B 282 -27.79 -37.24 -10.15
N GLY B 283 -27.91 -37.16 -11.47
CA GLY B 283 -28.96 -36.35 -12.13
C GLY B 283 -29.79 -37.17 -13.10
N ALA B 284 -30.80 -36.57 -13.71
CA ALA B 284 -31.70 -37.37 -14.60
C ALA B 284 -32.29 -36.53 -15.72
N ALA B 285 -32.36 -37.11 -16.91
CA ALA B 285 -32.82 -36.42 -18.10
C ALA B 285 -33.91 -37.24 -18.79
N LEU B 286 -35.02 -36.60 -19.17
CA LEU B 286 -36.05 -37.28 -20.00
C LEU B 286 -35.83 -36.84 -21.41
N TYR B 287 -35.84 -37.80 -22.31
CA TYR B 287 -35.91 -37.47 -23.75
C TYR B 287 -36.84 -38.43 -24.46
N THR B 288 -37.60 -37.86 -25.41
CA THR B 288 -38.50 -38.61 -26.33
C THR B 288 -37.90 -38.57 -27.74
N PHE B 289 -37.54 -39.72 -28.26
CA PHE B 289 -36.88 -39.77 -29.54
C PHE B 289 -37.81 -39.41 -30.68
N LYS B 290 -37.26 -38.68 -31.66
CA LYS B 290 -37.99 -38.21 -32.82
C LYS B 290 -37.33 -38.63 -34.10
N GLN B 291 -36.06 -39.04 -34.07
CA GLN B 291 -35.35 -39.49 -35.27
C GLN B 291 -34.71 -40.83 -35.02
N PRO B 292 -34.67 -41.72 -36.01
CA PRO B 292 -33.97 -42.94 -35.81
C PRO B 292 -32.49 -42.68 -36.01
N GLY B 293 -31.65 -43.64 -35.67
CA GLY B 293 -30.21 -43.59 -35.90
C GLY B 293 -29.41 -43.93 -34.64
N VAL B 294 -28.09 -44.04 -34.82
CA VAL B 294 -27.19 -44.20 -33.67
C VAL B 294 -26.85 -42.81 -33.10
N TYR B 295 -27.26 -42.55 -31.86
CA TYR B 295 -26.93 -41.34 -31.14
C TYR B 295 -25.69 -41.59 -30.25
N ALA B 296 -24.94 -40.56 -29.96
CA ALA B 296 -23.85 -40.66 -28.97
C ALA B 296 -24.28 -39.95 -27.69
N TYR B 297 -24.07 -40.60 -26.56
CA TYR B 297 -24.38 -39.99 -25.27
C TYR B 297 -23.02 -39.92 -24.57
N LEU B 298 -22.61 -38.70 -24.23
CA LEU B 298 -21.22 -38.47 -23.82
C LEU B 298 -21.09 -37.30 -22.90
N ASN B 299 -19.93 -37.24 -22.27
CA ASN B 299 -19.46 -36.10 -21.47
C ASN B 299 -18.90 -35.14 -22.48
N HIS B 300 -19.43 -33.94 -22.53
CA HIS B 300 -19.06 -32.99 -23.61
C HIS B 300 -17.86 -32.13 -23.25
N ASN B 301 -17.00 -32.61 -22.37
CA ASN B 301 -15.58 -32.31 -22.58
C ASN B 301 -15.13 -33.38 -23.55
N LEU B 302 -14.93 -32.98 -24.80
CA LEU B 302 -14.77 -33.98 -25.86
C LEU B 302 -13.47 -34.77 -25.77
N ILE B 303 -12.46 -34.21 -25.12
CA ILE B 303 -11.25 -34.96 -24.84
C ILE B 303 -11.63 -36.07 -23.86
N GLU B 304 -12.39 -35.74 -22.82
CA GLU B 304 -12.81 -36.76 -21.82
C GLU B 304 -13.67 -37.82 -22.52
N ALA B 305 -14.52 -37.38 -23.46
CA ALA B 305 -15.39 -38.36 -24.17
C ALA B 305 -14.59 -39.26 -25.09
N PHE B 306 -13.92 -38.65 -26.06
CA PHE B 306 -13.30 -39.43 -27.11
C PHE B 306 -11.87 -39.85 -26.91
N GLU B 307 -11.06 -39.11 -26.17
CA GLU B 307 -9.71 -39.60 -25.85
C GLU B 307 -9.73 -40.48 -24.61
N LEU B 308 -10.53 -40.13 -23.61
CA LEU B 308 -10.46 -40.81 -22.31
C LEU B 308 -11.54 -41.87 -22.04
N GLY B 309 -12.67 -41.81 -22.74
CA GLY B 309 -13.62 -42.92 -22.74
C GLY B 309 -15.06 -42.65 -22.31
N ALA B 310 -15.38 -41.38 -22.02
CA ALA B 310 -16.66 -41.01 -21.42
C ALA B 310 -17.73 -40.80 -22.49
N ALA B 311 -18.05 -41.87 -23.19
CA ALA B 311 -18.99 -41.89 -24.33
C ALA B 311 -19.63 -43.25 -24.50
N GLY B 312 -20.93 -43.23 -24.80
CA GLY B 312 -21.68 -44.43 -25.22
C GLY B 312 -22.63 -44.13 -26.37
N HIS B 313 -23.37 -45.16 -26.81
CA HIS B 313 -24.33 -45.04 -27.91
C HIS B 313 -25.75 -45.45 -27.56
N ILE B 314 -26.72 -44.82 -28.24
CA ILE B 314 -28.11 -45.25 -28.21
C ILE B 314 -28.56 -45.54 -29.65
N LYS B 315 -28.89 -46.80 -29.92
CA LYS B 315 -29.34 -47.21 -31.25
C LYS B 315 -30.87 -47.12 -31.30
N VAL B 316 -31.36 -46.21 -32.13
CA VAL B 316 -32.77 -45.86 -32.14
C VAL B 316 -33.40 -46.25 -33.47
N GLU B 317 -34.39 -47.13 -33.40
CA GLU B 317 -35.11 -47.62 -34.58
C GLU B 317 -36.23 -46.64 -34.88
N GLY B 318 -36.65 -46.63 -36.15
CA GLY B 318 -37.86 -45.90 -36.56
C GLY B 318 -37.76 -45.19 -37.90
N LYS B 319 -38.67 -44.24 -38.09
CA LYS B 319 -38.83 -43.61 -39.38
C LYS B 319 -38.22 -42.21 -39.42
N TRP B 320 -37.28 -41.97 -40.34
CA TRP B 320 -36.71 -40.63 -40.50
C TRP B 320 -37.75 -39.55 -40.80
N ASN B 321 -37.53 -38.36 -40.25
CA ASN B 321 -38.45 -37.24 -40.36
C ASN B 321 -37.76 -36.01 -40.98
N ASP B 322 -38.11 -35.73 -42.24
CA ASP B 322 -37.43 -34.72 -43.05
C ASP B 322 -37.87 -33.31 -42.68
N ASP B 323 -39.01 -33.16 -42.01
CA ASP B 323 -39.40 -31.84 -41.52
C ASP B 323 -38.43 -31.41 -40.39
N LEU B 324 -38.09 -32.34 -39.48
CA LEU B 324 -37.15 -32.00 -38.38
C LEU B 324 -35.76 -31.76 -38.97
N MET B 325 -35.34 -32.60 -39.90
CA MET B 325 -34.02 -32.43 -40.53
C MET B 325 -33.99 -33.09 -41.89
N LYS B 326 -33.36 -32.41 -42.85
CA LYS B 326 -33.24 -32.92 -44.20
C LYS B 326 -31.93 -32.56 -44.85
N GLN B 327 -31.30 -33.53 -45.50
CA GLN B 327 -30.17 -33.29 -46.35
C GLN B 327 -30.67 -32.67 -47.65
N ILE B 328 -30.59 -31.34 -47.75
CA ILE B 328 -31.08 -30.64 -48.93
C ILE B 328 -30.21 -30.91 -50.15
N LYS B 329 -28.88 -30.76 -49.99
CA LYS B 329 -27.92 -31.18 -51.01
C LYS B 329 -26.79 -31.99 -50.37
N ALA B 330 -26.69 -33.24 -50.79
CA ALA B 330 -25.64 -34.15 -50.34
C ALA B 330 -24.27 -33.60 -50.67
N PRO B 331 -23.24 -34.04 -49.95
CA PRO B 331 -21.87 -33.62 -50.28
C PRO B 331 -21.59 -33.78 -51.77
N ALA B 332 -21.09 -32.72 -52.41
CA ALA B 332 -20.83 -32.74 -53.86
C ALA B 332 -19.77 -31.71 -54.21
N PRO B 333 -19.16 -31.83 -55.39
CA PRO B 333 -18.21 -30.81 -55.85
C PRO B 333 -18.72 -29.38 -55.76
N ILE B 334 -17.85 -28.48 -55.31
CA ILE B 334 -18.16 -27.06 -55.33
C ILE B 334 -18.31 -26.63 -56.82
N PRO B 335 -19.43 -25.96 -57.17
CA PRO B 335 -19.63 -25.58 -58.57
C PRO B 335 -18.76 -24.39 -58.97
N ARG B 336 -18.18 -24.48 -60.17
CA ARG B 336 -17.47 -23.34 -60.79
C ARG B 336 -18.39 -22.10 -60.85
N ASP C 2 -45.55 -27.34 -44.09
CA ASP C 2 -44.56 -28.05 -44.95
C ASP C 2 -43.41 -27.13 -45.39
N ALA C 3 -42.19 -27.51 -45.05
CA ALA C 3 -41.04 -26.60 -45.07
C ALA C 3 -40.67 -26.10 -46.47
N ASP C 4 -40.78 -26.97 -47.48
CA ASP C 4 -40.34 -26.62 -48.86
C ASP C 4 -41.21 -25.47 -49.46
N LYS C 5 -42.42 -25.33 -48.93
CA LYS C 5 -43.41 -24.31 -49.36
C LYS C 5 -43.27 -22.95 -48.64
N LEU C 6 -42.61 -22.89 -47.47
CA LEU C 6 -42.52 -21.61 -46.69
C LEU C 6 -41.60 -20.59 -47.37
N PRO C 7 -41.75 -19.32 -47.02
CA PRO C 7 -40.84 -18.32 -47.59
C PRO C 7 -39.36 -18.53 -47.18
N HIS C 8 -38.43 -18.38 -48.13
CA HIS C 8 -36.99 -18.51 -47.92
C HIS C 8 -36.31 -17.13 -47.91
N THR C 9 -35.61 -16.76 -46.84
CA THR C 9 -34.77 -15.54 -46.81
C THR C 9 -33.34 -15.93 -46.63
N LYS C 10 -32.42 -15.14 -47.15
CA LYS C 10 -31.03 -15.41 -46.88
C LYS C 10 -30.41 -14.27 -46.06
N VAL C 11 -29.56 -14.66 -45.13
CA VAL C 11 -28.98 -13.73 -44.16
C VAL C 11 -27.49 -13.67 -44.39
N THR C 12 -26.94 -12.48 -44.33
CA THR C 12 -25.51 -12.29 -44.43
C THR C 12 -24.93 -12.30 -43.03
N LEU C 13 -23.89 -13.13 -42.82
CA LEU C 13 -23.25 -13.28 -41.52
C LEU C 13 -22.21 -12.21 -41.30
N VAL C 14 -22.11 -11.75 -40.04
CA VAL C 14 -21.04 -10.83 -39.64
C VAL C 14 -20.01 -11.48 -38.66
N ALA C 15 -18.79 -10.97 -38.69
CA ALA C 15 -17.71 -11.52 -37.89
C ALA C 15 -17.94 -11.20 -36.40
N PRO C 16 -17.66 -12.15 -35.51
CA PRO C 16 -17.67 -11.84 -34.07
C PRO C 16 -16.74 -10.70 -33.73
N PRO C 17 -17.00 -9.99 -32.64
CA PRO C 17 -18.04 -10.18 -31.62
C PRO C 17 -19.41 -9.66 -31.96
N GLN C 18 -19.53 -9.01 -33.11
CA GLN C 18 -20.83 -8.49 -33.55
CA GLN C 18 -20.80 -8.47 -33.54
C GLN C 18 -21.70 -9.63 -33.97
N VAL C 19 -23.01 -9.43 -33.93
CA VAL C 19 -23.99 -10.43 -34.39
C VAL C 19 -24.85 -9.82 -35.54
N HIS C 20 -25.21 -10.61 -36.54
CA HIS C 20 -25.96 -10.04 -37.65
C HIS C 20 -27.29 -9.43 -37.20
N PRO C 21 -27.73 -8.35 -37.89
CA PRO C 21 -28.97 -7.67 -37.56
C PRO C 21 -30.12 -8.65 -37.57
N HIS C 22 -31.02 -8.48 -36.62
CA HIS C 22 -32.11 -9.38 -36.47
C HIS C 22 -33.07 -8.67 -35.57
N GLU C 23 -34.28 -9.20 -35.55
CA GLU C 23 -35.33 -8.75 -34.67
C GLU C 23 -35.39 -9.66 -33.46
N GLN C 24 -35.91 -9.12 -32.36
CA GLN C 24 -36.18 -9.93 -31.19
C GLN C 24 -37.60 -10.47 -31.31
N ALA C 25 -38.58 -9.82 -30.68
CA ALA C 25 -40.02 -10.08 -30.94
C ALA C 25 -40.32 -9.78 -32.41
N THR C 26 -40.93 -10.75 -33.10
CA THR C 26 -41.27 -10.59 -34.52
C THR C 26 -42.74 -10.87 -34.81
N LYS C 27 -43.25 -10.13 -35.80
CA LYS C 27 -44.63 -10.30 -36.31
C LYS C 27 -44.63 -11.39 -37.40
N SER C 28 -43.47 -11.60 -38.03
CA SER C 28 -43.33 -12.61 -39.08
C SER C 28 -43.59 -14.03 -38.64
N GLY C 29 -43.89 -14.87 -39.63
CA GLY C 29 -44.15 -16.29 -39.44
C GLY C 29 -42.92 -17.10 -39.82
N PRO C 30 -42.94 -18.40 -39.52
CA PRO C 30 -41.86 -19.29 -39.84
C PRO C 30 -41.31 -19.04 -41.23
N LYS C 31 -39.98 -18.96 -41.34
CA LYS C 31 -39.30 -18.97 -42.61
C LYS C 31 -38.21 -20.04 -42.64
N VAL C 32 -37.71 -20.36 -43.83
CA VAL C 32 -36.54 -21.17 -43.99
C VAL C 32 -35.48 -20.11 -44.18
N VAL C 33 -34.56 -19.98 -43.20
CA VAL C 33 -33.50 -18.95 -43.23
C VAL C 33 -32.21 -19.54 -43.74
N GLU C 34 -31.68 -19.02 -44.83
CA GLU C 34 -30.52 -19.64 -45.51
C GLU C 34 -29.19 -18.96 -45.15
N PHE C 35 -28.16 -19.75 -44.85
CA PHE C 35 -26.85 -19.22 -44.49
C PHE C 35 -25.82 -19.97 -45.27
N THR C 36 -24.64 -19.39 -45.42
CA THR C 36 -23.51 -20.08 -46.00
C THR C 36 -22.28 -19.86 -45.13
N MET C 37 -21.48 -20.89 -44.96
CA MET C 37 -20.24 -20.74 -44.25
C MET C 37 -19.19 -21.49 -45.00
N THR C 38 -17.98 -20.98 -44.97
CA THR C 38 -16.90 -21.54 -45.76
C THR C 38 -15.75 -21.80 -44.81
N ILE C 39 -15.33 -23.05 -44.74
CA ILE C 39 -14.35 -23.45 -43.77
C ILE C 39 -13.02 -22.92 -44.23
N GLU C 40 -12.25 -22.42 -43.27
CA GLU C 40 -10.90 -21.97 -43.53
C GLU C 40 -9.95 -22.50 -42.46
N GLU C 41 -9.00 -23.32 -42.89
CA GLU C 41 -7.90 -23.73 -42.08
C GLU C 41 -6.80 -22.70 -42.20
N LYS C 42 -6.21 -22.28 -41.08
CA LYS C 42 -5.16 -21.28 -41.15
C LYS C 42 -4.34 -21.22 -39.86
N LYS C 43 -3.07 -20.88 -40.02
CA LYS C 43 -2.19 -20.67 -38.91
C LYS C 43 -2.49 -19.30 -38.31
N MET C 44 -2.70 -19.23 -37.00
CA MET C 44 -3.03 -17.96 -36.34
C MET C 44 -2.09 -17.68 -35.18
N VAL C 45 -1.79 -16.40 -34.91
CA VAL C 45 -0.97 -15.98 -33.78
C VAL C 45 -1.93 -15.78 -32.60
N ILE C 46 -1.72 -16.52 -31.53
CA ILE C 46 -2.66 -16.57 -30.43
C ILE C 46 -2.26 -15.81 -29.15
N ASP C 47 -1.02 -15.34 -29.07
CA ASP C 47 -0.58 -14.58 -27.89
C ASP C 47 0.43 -13.53 -28.27
N ASP C 48 0.86 -12.76 -27.28
CA ASP C 48 1.74 -11.62 -27.50
C ASP C 48 3.20 -12.01 -27.65
N LYS C 49 3.56 -13.25 -27.35
CA LYS C 49 4.90 -13.76 -27.65
C LYS C 49 5.01 -14.33 -29.06
N GLY C 50 3.95 -14.30 -29.85
CA GLY C 50 4.06 -14.88 -31.20
C GLY C 50 3.83 -16.37 -31.35
N THR C 51 3.34 -17.04 -30.29
CA THR C 51 2.92 -18.43 -30.39
C THR C 51 1.84 -18.60 -31.44
N THR C 52 1.94 -19.66 -32.23
CA THR C 52 0.93 -19.93 -33.24
C THR C 52 0.10 -21.18 -32.92
N LEU C 53 -1.10 -21.21 -33.49
CA LEU C 53 -1.97 -22.34 -33.48
C LEU C 53 -2.23 -22.69 -34.93
N GLN C 54 -2.08 -23.95 -35.28
CA GLN C 54 -2.61 -24.44 -36.55
C GLN C 54 -4.10 -24.62 -36.40
N ALA C 55 -4.85 -23.57 -36.77
CA ALA C 55 -6.26 -23.47 -36.46
C ALA C 55 -7.13 -23.99 -37.59
N MET C 56 -8.38 -24.27 -37.26
CA MET C 56 -9.40 -24.66 -38.21
C MET C 56 -10.63 -23.82 -37.84
N THR C 57 -11.24 -23.14 -38.82
CA THR C 57 -12.35 -22.23 -38.53
C THR C 57 -13.52 -22.28 -39.51
N PHE C 58 -14.68 -21.91 -39.03
CA PHE C 58 -15.81 -21.56 -39.87
C PHE C 58 -15.74 -20.05 -40.18
N ASN C 59 -15.74 -19.70 -41.49
CA ASN C 59 -15.75 -18.34 -41.97
C ASN C 59 -14.56 -17.52 -41.57
N GLY C 60 -13.44 -18.15 -41.22
CA GLY C 60 -12.22 -17.37 -40.92
C GLY C 60 -12.02 -16.85 -39.51
N SER C 61 -12.95 -17.16 -38.62
CA SER C 61 -12.94 -16.61 -37.28
C SER C 61 -13.11 -17.67 -36.18
N MET C 62 -12.52 -17.38 -35.03
CA MET C 62 -12.81 -18.12 -33.83
C MET C 62 -13.55 -17.17 -32.90
N PRO C 63 -14.78 -17.49 -32.53
CA PRO C 63 -15.64 -18.54 -33.03
C PRO C 63 -16.12 -18.22 -34.44
N GLY C 64 -16.79 -19.18 -35.04
CA GLY C 64 -17.56 -18.88 -36.20
C GLY C 64 -18.65 -17.86 -35.85
N PRO C 65 -19.30 -17.31 -36.88
CA PRO C 65 -20.27 -16.30 -36.65
C PRO C 65 -21.48 -16.91 -35.98
N THR C 66 -22.22 -16.08 -35.26
CA THR C 66 -23.47 -16.48 -34.63
C THR C 66 -24.61 -16.36 -35.69
N LEU C 67 -25.37 -17.43 -35.88
CA LEU C 67 -26.57 -17.43 -36.68
C LEU C 67 -27.78 -17.21 -35.77
N VAL C 68 -28.61 -16.23 -36.09
CA VAL C 68 -29.83 -15.95 -35.34
C VAL C 68 -31.07 -16.26 -36.21
N VAL C 69 -31.98 -17.09 -35.69
CA VAL C 69 -33.29 -17.32 -36.27
C VAL C 69 -34.28 -17.26 -35.13
N HIS C 70 -35.56 -17.54 -35.41
CA HIS C 70 -36.60 -17.58 -34.37
C HIS C 70 -37.19 -18.95 -34.33
N GLU C 71 -37.74 -19.29 -33.17
CA GLU C 71 -38.27 -20.62 -32.89
C GLU C 71 -39.35 -20.88 -33.94
N GLY C 72 -39.30 -22.04 -34.57
CA GLY C 72 -40.23 -22.38 -35.64
C GLY C 72 -39.67 -22.18 -37.03
N ASP C 73 -38.66 -21.31 -37.19
CA ASP C 73 -37.93 -21.24 -38.46
C ASP C 73 -37.18 -22.53 -38.69
N TYR C 74 -36.68 -22.66 -39.91
CA TYR C 74 -35.81 -23.74 -40.32
C TYR C 74 -34.48 -23.10 -40.63
N VAL C 75 -33.38 -23.78 -40.31
CA VAL C 75 -32.08 -23.26 -40.68
C VAL C 75 -31.67 -24.05 -41.87
N GLN C 76 -31.16 -23.39 -42.88
CA GLN C 76 -30.69 -24.09 -44.05
C GLN C 76 -29.32 -23.59 -44.38
N LEU C 77 -28.33 -24.44 -44.09
CA LEU C 77 -26.94 -24.04 -44.19
C LEU C 77 -26.31 -24.74 -45.32
N THR C 78 -25.56 -24.00 -46.10
CA THR C 78 -24.68 -24.52 -47.11
C THR C 78 -23.29 -24.39 -46.55
N LEU C 79 -22.61 -25.51 -46.38
CA LEU C 79 -21.27 -25.55 -45.81
C LEU C 79 -20.28 -25.89 -46.91
N VAL C 80 -19.31 -25.01 -47.12
CA VAL C 80 -18.36 -25.14 -48.18
C VAL C 80 -17.00 -25.44 -47.62
N ASN C 81 -16.34 -26.47 -48.15
CA ASN C 81 -15.00 -26.85 -47.78
C ASN C 81 -14.13 -26.75 -49.03
N PRO C 82 -13.44 -25.61 -49.21
CA PRO C 82 -12.76 -25.36 -50.46
C PRO C 82 -11.51 -26.17 -50.57
N ALA C 83 -11.03 -26.30 -51.81
CA ALA C 83 -9.91 -27.18 -52.14
C ALA C 83 -8.59 -26.67 -51.63
N THR C 84 -8.57 -25.40 -51.22
CA THR C 84 -7.43 -24.82 -50.53
C THR C 84 -7.20 -25.41 -49.10
N ASN C 85 -8.20 -26.13 -48.56
CA ASN C 85 -8.09 -26.83 -47.27
C ASN C 85 -7.50 -28.24 -47.43
N ALA C 86 -6.93 -28.77 -46.34
CA ALA C 86 -6.31 -30.10 -46.36
C ALA C 86 -7.07 -31.16 -45.57
N MET C 87 -8.19 -30.81 -44.93
CA MET C 87 -8.93 -31.80 -44.13
C MET C 87 -10.42 -31.81 -44.41
N PRO C 88 -11.10 -32.94 -44.15
CA PRO C 88 -12.55 -32.99 -44.20
C PRO C 88 -13.16 -32.38 -42.96
N HIS C 89 -14.42 -31.95 -43.05
CA HIS C 89 -15.12 -31.26 -41.95
C HIS C 89 -16.59 -31.56 -42.12
N ASN C 90 -17.39 -31.11 -41.15
CA ASN C 90 -18.82 -31.22 -41.22
C ASN C 90 -19.35 -30.26 -40.19
N VAL C 91 -20.63 -30.34 -39.89
CA VAL C 91 -21.16 -29.50 -38.84
C VAL C 91 -22.26 -30.22 -38.05
N ASP C 92 -22.20 -30.07 -36.72
CA ASP C 92 -23.19 -30.56 -35.78
C ASP C 92 -23.82 -29.36 -35.06
N PHE C 93 -25.13 -29.21 -35.19
CA PHE C 93 -25.87 -28.17 -34.52
C PHE C 93 -26.55 -28.78 -33.31
N HIS C 94 -26.19 -28.31 -32.13
CA HIS C 94 -26.83 -28.75 -30.90
C HIS C 94 -28.30 -28.34 -30.93
N GLY C 95 -28.63 -27.33 -31.74
CA GLY C 95 -30.03 -26.90 -31.86
C GLY C 95 -30.95 -27.77 -32.73
N ALA C 96 -30.36 -28.73 -33.43
CA ALA C 96 -31.03 -29.59 -34.42
C ALA C 96 -31.36 -30.97 -33.83
N THR C 97 -32.32 -31.68 -34.43
CA THR C 97 -32.65 -33.01 -34.02
C THR C 97 -32.36 -34.06 -35.10
N GLY C 98 -31.42 -34.96 -34.80
CA GLY C 98 -31.12 -36.12 -35.62
C GLY C 98 -29.77 -36.12 -36.31
N ALA C 99 -29.38 -37.27 -36.79
CA ALA C 99 -28.19 -37.38 -37.60
C ALA C 99 -26.95 -36.75 -36.91
N LEU C 100 -26.78 -37.08 -35.63
CA LEU C 100 -25.66 -36.54 -34.85
C LEU C 100 -25.57 -35.01 -35.09
N GLY C 101 -26.71 -34.35 -35.03
CA GLY C 101 -26.79 -32.90 -35.22
C GLY C 101 -26.68 -32.36 -36.63
N GLY C 102 -26.65 -33.25 -37.62
CA GLY C 102 -26.35 -32.85 -38.99
C GLY C 102 -24.98 -33.35 -39.46
N ALA C 103 -24.19 -33.86 -38.53
CA ALA C 103 -22.82 -34.22 -38.85
C ALA C 103 -22.79 -35.32 -39.89
N LYS C 104 -23.74 -36.25 -39.81
CA LYS C 104 -23.70 -37.40 -40.71
C LYS C 104 -24.12 -36.97 -42.12
N LEU C 105 -24.81 -35.86 -42.24
CA LEU C 105 -25.36 -35.41 -43.49
C LEU C 105 -24.54 -34.30 -44.16
N THR C 106 -23.44 -33.86 -43.52
CA THR C 106 -22.67 -32.73 -44.00
C THR C 106 -21.19 -33.04 -44.07
N ASN C 107 -20.84 -34.32 -44.16
CA ASN C 107 -19.45 -34.65 -44.37
C ASN C 107 -18.91 -34.17 -45.72
N VAL C 108 -18.01 -33.19 -45.67
CA VAL C 108 -17.45 -32.59 -46.85
C VAL C 108 -15.94 -32.68 -46.91
N ASN C 109 -15.41 -33.37 -47.90
CA ASN C 109 -13.98 -33.32 -48.17
C ASN C 109 -13.59 -32.01 -48.85
N PRO C 110 -12.29 -31.69 -48.85
CA PRO C 110 -11.88 -30.49 -49.52
C PRO C 110 -12.29 -30.58 -50.97
N GLY C 111 -12.92 -29.53 -51.46
CA GLY C 111 -13.44 -29.52 -52.82
C GLY C 111 -14.95 -29.66 -52.85
N GLU C 112 -15.57 -29.90 -51.70
CA GLU C 112 -16.99 -30.19 -51.66
C GLU C 112 -17.74 -29.21 -50.79
N GLN C 113 -19.06 -29.28 -50.92
CA GLN C 113 -19.97 -28.50 -50.13
C GLN C 113 -21.21 -29.33 -50.01
N ALA C 114 -22.13 -28.88 -49.15
CA ALA C 114 -23.34 -29.63 -48.84
C ALA C 114 -24.30 -28.65 -48.23
N THR C 115 -25.59 -28.95 -48.30
CA THR C 115 -26.59 -28.08 -47.72
C THR C 115 -27.46 -28.88 -46.79
N LEU C 116 -27.68 -28.35 -45.57
CA LEU C 116 -28.47 -29.05 -44.56
C LEU C 116 -29.60 -28.14 -44.14
N ARG C 117 -30.78 -28.72 -43.91
CA ARG C 117 -31.88 -27.95 -43.27
C ARG C 117 -32.34 -28.65 -42.00
N PHE C 118 -32.68 -27.88 -40.99
CA PHE C 118 -33.34 -28.46 -39.83
C PHE C 118 -34.30 -27.48 -39.20
N LYS C 119 -35.25 -28.04 -38.47
CA LYS C 119 -36.19 -27.21 -37.77
C LYS C 119 -35.59 -26.77 -36.43
N ALA C 120 -35.47 -25.46 -36.32
CA ALA C 120 -35.06 -24.82 -35.11
C ALA C 120 -36.28 -24.70 -34.19
N ASP C 121 -36.72 -25.84 -33.64
CA ASP C 121 -37.93 -25.85 -32.81
C ASP C 121 -37.73 -25.59 -31.32
N ARG C 122 -36.52 -25.21 -30.92
CA ARG C 122 -36.30 -24.97 -29.48
C ARG C 122 -35.53 -23.70 -29.31
N SER C 123 -36.02 -22.83 -28.43
CA SER C 123 -35.42 -21.54 -28.24
C SER C 123 -34.20 -21.68 -27.31
N GLY C 124 -33.24 -20.81 -27.56
CA GLY C 124 -32.03 -20.69 -26.78
C GLY C 124 -30.79 -20.42 -27.64
N THR C 125 -29.65 -20.18 -26.97
CA THR C 125 -28.33 -20.22 -27.61
C THR C 125 -27.82 -21.67 -27.59
N PHE C 126 -27.36 -22.14 -28.73
CA PHE C 126 -26.91 -23.52 -28.92
C PHE C 126 -25.54 -23.50 -29.61
N VAL C 127 -24.64 -24.39 -29.21
CA VAL C 127 -23.37 -24.47 -29.87
C VAL C 127 -23.52 -25.22 -31.16
N TYR C 128 -22.78 -24.81 -32.20
CA TYR C 128 -22.55 -25.70 -33.33
C TYR C 128 -21.05 -25.91 -33.43
N HIS C 129 -20.65 -27.06 -33.90
CA HIS C 129 -19.22 -27.34 -34.06
C HIS C 129 -18.97 -28.43 -35.07
N CYS C 130 -17.75 -28.51 -35.59
CA CYS C 130 -17.37 -29.58 -36.51
C CYS C 130 -17.24 -30.87 -35.67
N ALA C 131 -17.47 -32.03 -36.30
CA ALA C 131 -17.51 -33.33 -35.62
C ALA C 131 -17.23 -34.45 -36.60
N PRO C 132 -16.03 -34.49 -37.17
CA PRO C 132 -15.73 -35.63 -38.02
C PRO C 132 -15.44 -36.88 -37.20
N GLU C 133 -16.11 -37.98 -37.57
CA GLU C 133 -15.96 -39.23 -36.83
C GLU C 133 -14.48 -39.60 -36.72
N GLY C 134 -13.99 -39.71 -35.49
CA GLY C 134 -12.64 -40.19 -35.21
C GLY C 134 -11.66 -39.10 -34.87
N MET C 135 -12.10 -37.85 -34.96
CA MET C 135 -11.24 -36.73 -34.58
C MET C 135 -12.03 -35.50 -34.18
N VAL C 136 -13.18 -35.71 -33.51
CA VAL C 136 -14.03 -34.57 -33.08
C VAL C 136 -13.26 -33.56 -32.23
N PRO C 137 -12.55 -34.03 -31.18
CA PRO C 137 -11.90 -33.06 -30.28
C PRO C 137 -10.90 -32.14 -30.94
N TRP C 138 -10.05 -32.71 -31.78
CA TRP C 138 -9.08 -31.88 -32.46
C TRP C 138 -9.71 -30.74 -33.26
N HIS C 139 -10.73 -31.04 -34.02
CA HIS C 139 -11.36 -30.03 -34.84
C HIS C 139 -12.02 -29.03 -33.94
N VAL C 140 -12.66 -29.50 -32.87
CA VAL C 140 -13.29 -28.55 -31.96
C VAL C 140 -12.24 -27.64 -31.31
N VAL C 141 -11.20 -28.22 -30.71
CA VAL C 141 -10.26 -27.39 -29.91
C VAL C 141 -9.42 -26.53 -30.84
N SER C 142 -9.30 -26.92 -32.11
CA SER C 142 -8.55 -26.10 -33.08
C SER C 142 -9.32 -24.87 -33.57
N GLY C 143 -10.62 -24.77 -33.24
CA GLY C 143 -11.38 -23.53 -33.49
C GLY C 143 -12.77 -23.63 -34.09
N MET C 144 -13.21 -24.84 -34.43
CA MET C 144 -14.41 -25.02 -35.25
C MET C 144 -15.69 -25.09 -34.41
N SER C 145 -16.08 -23.95 -33.86
CA SER C 145 -17.36 -23.87 -33.15
C SER C 145 -17.87 -22.45 -33.18
N GLY C 146 -19.17 -22.34 -32.92
CA GLY C 146 -19.85 -21.08 -32.80
C GLY C 146 -21.23 -21.29 -32.22
N THR C 147 -22.04 -20.23 -32.23
CA THR C 147 -23.40 -20.27 -31.67
C THR C 147 -24.53 -20.05 -32.70
N LEU C 148 -25.57 -20.86 -32.58
CA LEU C 148 -26.90 -20.63 -33.15
C LEU C 148 -27.77 -20.08 -32.06
N MET C 149 -28.28 -18.86 -32.22
CA MET C 149 -29.28 -18.34 -31.29
C MET C 149 -30.68 -18.37 -31.92
N VAL C 150 -31.56 -19.14 -31.27
CA VAL C 150 -32.93 -19.27 -31.64
C VAL C 150 -33.76 -18.49 -30.66
N LEU C 151 -34.17 -17.28 -31.06
CA LEU C 151 -35.01 -16.44 -30.21
C LEU C 151 -36.44 -16.96 -30.21
N PRO C 152 -37.13 -16.81 -29.07
CA PRO C 152 -38.58 -17.05 -29.10
C PRO C 152 -39.28 -15.98 -29.97
N ARG C 153 -40.38 -16.35 -30.65
CA ARG C 153 -41.00 -15.43 -31.60
C ARG C 153 -41.39 -14.12 -30.97
N ASP C 154 -41.90 -14.16 -29.75
CA ASP C 154 -42.25 -12.93 -29.03
C ASP C 154 -41.10 -12.38 -28.16
N GLY C 155 -39.86 -12.69 -28.54
CA GLY C 155 -38.70 -12.15 -27.81
C GLY C 155 -38.46 -12.79 -26.42
N LEU C 156 -37.48 -12.26 -25.70
CA LEU C 156 -37.05 -12.84 -24.41
C LEU C 156 -37.98 -12.45 -23.26
N LYS C 157 -38.16 -13.35 -22.31
CA LYS C 157 -39.06 -13.14 -21.18
C LYS C 157 -38.41 -13.39 -19.83
N ASP C 158 -38.83 -12.62 -18.83
CA ASP C 158 -38.37 -12.79 -17.48
C ASP C 158 -39.18 -13.91 -16.85
N PRO C 159 -38.98 -14.19 -15.57
CA PRO C 159 -39.69 -15.37 -15.05
C PRO C 159 -41.20 -15.18 -14.88
N GLN C 160 -41.64 -13.94 -14.74
CA GLN C 160 -43.06 -13.61 -14.57
C GLN C 160 -43.72 -13.32 -15.95
N GLY C 161 -42.99 -13.52 -17.03
CA GLY C 161 -43.49 -13.33 -18.39
C GLY C 161 -43.34 -11.89 -18.90
N LYS C 162 -42.73 -11.02 -18.10
CA LYS C 162 -42.47 -9.66 -18.56
C LYS C 162 -41.42 -9.67 -19.67
N PRO C 163 -41.48 -8.72 -20.60
CA PRO C 163 -40.54 -8.78 -21.70
C PRO C 163 -39.20 -8.15 -21.40
N LEU C 164 -38.17 -8.68 -22.06
CA LEU C 164 -36.79 -8.29 -21.84
C LEU C 164 -36.23 -8.03 -23.20
N HIS C 165 -35.58 -6.91 -23.34
CA HIS C 165 -35.17 -6.46 -24.61
C HIS C 165 -33.72 -5.98 -24.50
N TYR C 166 -32.94 -6.22 -25.54
CA TYR C 166 -31.58 -5.71 -25.58
C TYR C 166 -31.34 -4.78 -26.76
N ASP C 167 -30.38 -3.86 -26.61
CA ASP C 167 -30.03 -2.94 -27.66
C ASP C 167 -28.93 -3.51 -28.57
N ARG C 168 -28.04 -4.34 -28.00
CA ARG C 168 -26.90 -4.89 -28.76
C ARG C 168 -26.52 -6.26 -28.19
N ALA C 169 -26.28 -7.21 -29.08
CA ALA C 169 -25.83 -8.53 -28.75
C ALA C 169 -24.37 -8.63 -29.16
N TYR C 170 -23.61 -9.27 -28.29
CA TYR C 170 -22.20 -9.53 -28.52
C TYR C 170 -21.97 -11.01 -28.33
N THR C 171 -21.13 -11.62 -29.15
CA THR C 171 -20.93 -13.04 -29.09
C THR C 171 -19.46 -13.25 -28.81
N ILE C 172 -19.19 -13.97 -27.70
CA ILE C 172 -17.84 -14.35 -27.25
C ILE C 172 -17.71 -15.86 -27.30
N GLY C 173 -16.71 -16.35 -28.03
CA GLY C 173 -16.39 -17.78 -27.99
C GLY C 173 -15.09 -18.00 -27.21
N GLU C 174 -15.10 -18.94 -26.27
CA GLU C 174 -13.93 -19.19 -25.42
C GLU C 174 -13.30 -20.51 -25.84
N PHE C 175 -11.99 -20.48 -26.11
CA PHE C 175 -11.29 -21.63 -26.69
C PHE C 175 -10.11 -22.06 -25.79
N ASP C 176 -10.23 -23.26 -25.24
CA ASP C 176 -9.15 -23.92 -24.53
C ASP C 176 -8.22 -24.48 -25.59
N LEU C 177 -6.98 -23.99 -25.61
CA LEU C 177 -6.00 -24.42 -26.60
C LEU C 177 -4.92 -25.32 -25.99
N TYR C 178 -4.43 -26.27 -26.79
CA TYR C 178 -3.46 -27.28 -26.36
C TYR C 178 -2.19 -27.25 -27.21
N ILE C 179 -1.40 -26.18 -27.07
CA ILE C 179 -0.22 -25.97 -27.92
C ILE C 179 0.98 -26.74 -27.37
N PRO C 180 1.57 -27.64 -28.16
CA PRO C 180 2.73 -28.41 -27.75
C PRO C 180 3.98 -27.60 -27.52
N LYS C 181 4.80 -28.06 -26.58
CA LYS C 181 6.13 -27.50 -26.33
C LYS C 181 7.20 -28.46 -26.79
N GLY C 182 8.32 -27.92 -27.27
CA GLY C 182 9.49 -28.77 -27.57
C GLY C 182 10.36 -29.00 -26.34
N PRO C 183 11.47 -29.72 -26.52
CA PRO C 183 12.36 -30.02 -25.37
C PRO C 183 12.99 -28.78 -24.75
N ASP C 184 13.19 -27.71 -25.53
CA ASP C 184 13.61 -26.40 -24.99
C ASP C 184 12.56 -25.68 -24.14
N GLY C 185 11.35 -26.24 -24.04
CA GLY C 185 10.27 -25.64 -23.26
C GLY C 185 9.53 -24.49 -23.98
N LYS C 186 9.83 -24.30 -25.26
CA LYS C 186 9.17 -23.30 -26.08
C LYS C 186 8.05 -23.96 -26.88
N TYR C 187 7.02 -23.17 -27.16
CA TYR C 187 5.88 -23.64 -27.96
C TYR C 187 6.36 -23.97 -29.37
N LYS C 188 5.91 -25.11 -29.87
CA LYS C 188 6.23 -25.53 -31.21
C LYS C 188 5.46 -24.71 -32.23
N ASP C 189 6.13 -24.45 -33.35
CA ASP C 189 5.55 -23.76 -34.50
C ASP C 189 5.59 -24.77 -35.63
N TYR C 190 4.46 -25.01 -36.27
CA TYR C 190 4.35 -26.10 -37.23
C TYR C 190 4.20 -25.55 -38.63
N ALA C 191 4.89 -26.20 -39.57
CA ALA C 191 4.82 -25.76 -40.95
C ALA C 191 3.44 -26.05 -41.49
N THR C 192 2.86 -27.19 -41.09
CA THR C 192 1.53 -27.54 -41.57
C THR C 192 0.58 -28.01 -40.46
N LEU C 193 -0.71 -27.89 -40.76
CA LEU C 193 -1.77 -28.38 -39.90
C LEU C 193 -1.55 -29.84 -39.57
N ALA C 194 -1.33 -30.66 -40.60
CA ALA C 194 -1.14 -32.08 -40.40
C ALA C 194 -0.04 -32.37 -39.39
N GLU C 195 1.05 -31.62 -39.46
CA GLU C 195 2.20 -31.86 -38.57
C GLU C 195 1.87 -31.57 -37.10
N SER C 196 0.82 -30.78 -36.84
CA SER C 196 0.48 -30.41 -35.47
C SER C 196 -0.27 -31.52 -34.72
N TYR C 197 -0.71 -32.56 -35.42
CA TYR C 197 -1.75 -33.42 -34.91
C TYR C 197 -1.32 -34.29 -33.74
N GLY C 198 -0.33 -35.13 -33.92
CA GLY C 198 0.09 -36.06 -32.87
C GLY C 198 0.45 -35.37 -31.56
N ASP C 199 1.25 -34.32 -31.64
CA ASP C 199 1.76 -33.68 -30.47
C ASP C 199 0.61 -32.97 -29.76
N THR C 200 -0.36 -32.47 -30.52
CA THR C 200 -1.50 -31.77 -29.93
C THR C 200 -2.40 -32.77 -29.18
N VAL C 201 -2.55 -33.96 -29.73
CA VAL C 201 -3.33 -34.99 -29.09
C VAL C 201 -2.66 -35.34 -27.76
N GLN C 202 -1.32 -35.38 -27.69
CA GLN C 202 -0.64 -35.63 -26.41
CA GLN C 202 -0.73 -35.69 -26.40
C GLN C 202 -1.03 -34.57 -25.40
N VAL C 203 -1.02 -33.30 -25.81
CA VAL C 203 -1.27 -32.23 -24.85
C VAL C 203 -2.74 -32.29 -24.36
N MET C 204 -3.65 -32.52 -25.28
CA MET C 204 -5.06 -32.64 -24.96
C MET C 204 -5.33 -33.70 -23.90
N ARG C 205 -4.64 -34.84 -24.00
CA ARG C 205 -4.87 -35.91 -23.08
C ARG C 205 -4.46 -35.51 -21.64
N THR C 206 -3.60 -34.51 -21.46
CA THR C 206 -3.29 -34.02 -20.11
C THR C 206 -4.43 -33.23 -19.49
N LEU C 207 -5.40 -32.86 -20.33
CA LEU C 207 -6.53 -32.01 -19.94
C LEU C 207 -6.12 -30.63 -19.45
N THR C 208 -4.90 -30.18 -19.72
CA THR C 208 -4.47 -28.88 -19.24
C THR C 208 -4.20 -27.97 -20.45
N PRO C 209 -5.03 -26.94 -20.65
CA PRO C 209 -4.78 -26.06 -21.75
C PRO C 209 -3.52 -25.23 -21.53
N SER C 210 -2.81 -24.94 -22.61
CA SER C 210 -1.69 -24.00 -22.56
C SER C 210 -2.18 -22.57 -22.57
N HIS C 211 -3.33 -22.35 -23.21
CA HIS C 211 -3.92 -21.02 -23.36
C HIS C 211 -5.45 -21.20 -23.36
N ILE C 212 -6.18 -20.17 -22.94
CA ILE C 212 -7.64 -20.16 -22.99
C ILE C 212 -7.94 -18.73 -23.44
N VAL C 213 -8.45 -18.58 -24.67
CA VAL C 213 -8.63 -17.26 -25.27
C VAL C 213 -10.10 -16.98 -25.67
N PHE C 214 -10.48 -15.72 -25.61
CA PHE C 214 -11.70 -15.26 -26.18
C PHE C 214 -11.43 -14.90 -27.60
N ASN C 215 -12.28 -15.39 -28.49
CA ASN C 215 -12.32 -14.94 -29.87
C ASN C 215 -10.98 -15.05 -30.59
N GLY C 216 -10.22 -16.09 -30.25
CA GLY C 216 -9.06 -16.47 -31.03
C GLY C 216 -7.68 -16.09 -30.54
N LYS C 217 -7.58 -15.18 -29.56
CA LYS C 217 -6.26 -14.78 -29.08
C LYS C 217 -6.29 -13.98 -27.79
N VAL C 218 -5.15 -13.96 -27.11
CA VAL C 218 -5.02 -13.13 -25.92
C VAL C 218 -5.24 -11.69 -26.38
N GLY C 219 -6.04 -10.93 -25.63
CA GLY C 219 -6.38 -9.58 -26.00
C GLY C 219 -7.33 -9.36 -27.19
N ALA C 220 -7.97 -10.41 -27.70
CA ALA C 220 -8.85 -10.21 -28.85
C ALA C 220 -9.88 -9.10 -28.58
N LEU C 221 -10.50 -9.09 -27.40
CA LEU C 221 -11.54 -8.15 -27.05
C LEU C 221 -11.04 -7.10 -26.10
N THR C 222 -9.82 -6.62 -26.37
CA THR C 222 -9.29 -5.55 -25.58
C THR C 222 -8.69 -4.44 -26.46
N GLY C 223 -8.50 -3.27 -25.88
CA GLY C 223 -7.85 -2.15 -26.60
C GLY C 223 -8.79 -1.57 -27.65
N ALA C 224 -8.30 -1.46 -28.87
CA ALA C 224 -9.12 -0.99 -29.96
C ALA C 224 -10.32 -1.91 -30.19
N ASN C 225 -10.15 -3.20 -29.85
CA ASN C 225 -11.17 -4.21 -30.07
C ASN C 225 -12.02 -4.48 -28.85
N ALA C 226 -11.87 -3.63 -27.84
CA ALA C 226 -12.81 -3.66 -26.72
C ALA C 226 -14.26 -3.60 -27.24
N LEU C 227 -15.14 -4.32 -26.58
CA LEU C 227 -16.57 -4.17 -26.76
C LEU C 227 -16.96 -2.79 -26.23
N THR C 228 -18.05 -2.24 -26.74
CA THR C 228 -18.46 -0.89 -26.37
C THR C 228 -19.90 -0.87 -25.94
N ALA C 229 -20.21 0.10 -25.11
CA ALA C 229 -21.56 0.29 -24.62
C ALA C 229 -21.63 1.67 -23.95
N LYS C 230 -22.80 2.04 -23.44
CA LYS C 230 -22.93 3.30 -22.69
C LYS C 230 -23.94 3.13 -21.60
N VAL C 231 -23.92 4.03 -20.61
CA VAL C 231 -24.86 3.94 -19.50
C VAL C 231 -26.26 3.97 -20.07
N GLY C 232 -27.13 3.10 -19.56
CA GLY C 232 -28.50 3.01 -20.01
C GLY C 232 -28.75 1.93 -21.05
N GLU C 233 -27.69 1.55 -21.77
CA GLU C 233 -27.77 0.51 -22.76
C GLU C 233 -27.83 -0.89 -22.13
N THR C 234 -28.71 -1.73 -22.67
CA THR C 234 -28.80 -3.13 -22.32
C THR C 234 -28.10 -3.99 -23.37
N VAL C 235 -27.10 -4.78 -22.95
CA VAL C 235 -26.40 -5.71 -23.86
C VAL C 235 -26.75 -7.17 -23.54
N LEU C 236 -26.75 -8.02 -24.56
CA LEU C 236 -26.85 -9.47 -24.40
C LEU C 236 -25.46 -10.00 -24.70
N LEU C 237 -24.92 -10.76 -23.75
CA LEU C 237 -23.58 -11.28 -23.86
C LEU C 237 -23.74 -12.80 -24.02
N ILE C 238 -23.48 -13.27 -25.23
CA ILE C 238 -23.61 -14.66 -25.60
C ILE C 238 -22.24 -15.27 -25.45
N HIS C 239 -22.15 -16.37 -24.71
CA HIS C 239 -20.86 -17.02 -24.39
C HIS C 239 -20.89 -18.51 -24.72
N SER C 240 -20.04 -18.94 -25.65
CA SER C 240 -19.98 -20.32 -26.03
C SER C 240 -18.64 -20.99 -25.61
N GLN C 241 -18.72 -22.26 -25.22
CA GLN C 241 -17.55 -23.04 -24.93
C GLN C 241 -17.89 -24.45 -25.34
N ALA C 242 -17.31 -24.90 -26.43
CA ALA C 242 -17.70 -26.17 -27.05
C ALA C 242 -17.06 -27.36 -26.38
N ASN C 243 -16.06 -27.15 -25.50
CA ASN C 243 -15.26 -28.26 -24.99
C ASN C 243 -15.00 -28.25 -23.50
N ARG C 244 -15.16 -27.12 -22.83
CA ARG C 244 -14.71 -27.05 -21.48
C ARG C 244 -15.49 -25.99 -20.70
N ASP C 245 -15.68 -26.25 -19.41
CA ASP C 245 -16.49 -25.34 -18.60
C ASP C 245 -15.81 -23.99 -18.53
N THR C 246 -16.60 -22.93 -18.35
CA THR C 246 -16.10 -21.62 -17.99
C THR C 246 -17.11 -20.93 -17.08
N ARG C 247 -16.70 -19.82 -16.46
CA ARG C 247 -17.52 -19.13 -15.44
C ARG C 247 -17.45 -17.63 -15.67
N PRO C 248 -18.29 -17.12 -16.58
CA PRO C 248 -18.14 -15.71 -16.99
C PRO C 248 -18.57 -14.77 -15.88
N HIS C 249 -17.96 -13.60 -15.87
CA HIS C 249 -18.17 -12.59 -14.86
C HIS C 249 -17.88 -11.27 -15.51
N LEU C 250 -18.64 -10.23 -15.15
CA LEU C 250 -18.42 -8.85 -15.63
C LEU C 250 -18.03 -8.04 -14.40
N ILE C 251 -16.77 -7.59 -14.36
CA ILE C 251 -16.23 -6.97 -13.16
C ILE C 251 -16.82 -5.55 -13.06
N GLY C 252 -17.45 -5.27 -11.92
CA GLY C 252 -18.13 -4.00 -11.68
C GLY C 252 -19.56 -4.07 -12.14
N GLY C 253 -20.00 -5.18 -12.73
CA GLY C 253 -21.36 -5.38 -13.13
C GLY C 253 -21.94 -6.66 -12.56
N HIS C 254 -22.98 -7.16 -13.25
CA HIS C 254 -23.72 -8.33 -12.86
C HIS C 254 -24.34 -8.94 -14.09
N GLY C 255 -24.96 -10.09 -13.89
CA GLY C 255 -25.79 -10.69 -14.88
C GLY C 255 -27.21 -10.42 -14.43
N ASP C 256 -27.83 -9.42 -15.06
CA ASP C 256 -29.15 -8.93 -14.59
C ASP C 256 -30.15 -10.08 -14.71
N TRP C 257 -30.13 -10.71 -15.87
CA TRP C 257 -30.91 -11.91 -16.13
C TRP C 257 -30.01 -12.84 -16.93
N VAL C 258 -29.90 -14.10 -16.53
CA VAL C 258 -28.98 -15.00 -17.17
C VAL C 258 -29.61 -16.33 -17.41
N TRP C 259 -29.37 -16.88 -18.60
CA TRP C 259 -29.75 -18.23 -18.90
C TRP C 259 -28.45 -19.00 -19.05
N GLU C 260 -27.93 -19.54 -17.96
CA GLU C 260 -26.55 -20.09 -17.99
C GLU C 260 -26.51 -21.39 -18.78
N THR C 261 -27.59 -22.16 -18.71
CA THR C 261 -27.75 -23.34 -19.56
C THR C 261 -28.20 -22.93 -20.95
N GLY C 262 -28.59 -21.67 -21.09
CA GLY C 262 -28.76 -21.07 -22.41
C GLY C 262 -30.06 -21.41 -23.14
N LYS C 263 -31.12 -21.77 -22.42
CA LYS C 263 -32.38 -22.19 -23.07
C LYS C 263 -33.56 -21.33 -22.60
N PHE C 264 -34.03 -20.49 -23.53
CA PHE C 264 -34.92 -19.35 -23.22
C PHE C 264 -36.33 -19.70 -22.76
N ALA C 265 -36.77 -20.93 -22.99
CA ALA C 265 -38.07 -21.38 -22.43
C ALA C 265 -37.98 -21.56 -20.91
N ASN C 266 -36.78 -21.56 -20.36
CA ASN C 266 -36.63 -21.68 -18.90
C ASN C 266 -36.48 -20.30 -18.32
N PRO C 267 -37.00 -20.10 -17.10
CA PRO C 267 -36.85 -18.78 -16.52
C PRO C 267 -35.38 -18.43 -16.24
N PRO C 268 -34.99 -17.19 -16.45
CA PRO C 268 -33.64 -16.79 -16.15
C PRO C 268 -33.43 -16.58 -14.69
N GLN C 269 -32.17 -16.40 -14.29
CA GLN C 269 -31.85 -16.08 -12.89
C GLN C 269 -31.35 -14.66 -12.88
N ARG C 270 -31.59 -13.94 -11.79
CA ARG C 270 -31.19 -12.54 -11.74
C ARG C 270 -30.06 -12.26 -10.71
N ASP C 271 -29.39 -11.13 -10.92
CA ASP C 271 -28.38 -10.61 -10.00
C ASP C 271 -27.09 -11.46 -9.87
N LEU C 272 -26.76 -12.26 -10.87
CA LEU C 272 -25.62 -13.15 -10.77
C LEU C 272 -24.34 -12.36 -10.82
N GLU C 273 -23.38 -12.79 -9.99
CA GLU C 273 -22.03 -12.22 -10.01
C GLU C 273 -21.22 -12.99 -11.06
N THR C 274 -21.39 -14.30 -11.06
CA THR C 274 -20.62 -15.18 -11.92
C THR C 274 -21.52 -16.30 -12.31
N TRP C 275 -21.53 -16.66 -13.57
CA TRP C 275 -22.40 -17.75 -14.01
C TRP C 275 -21.56 -18.87 -14.62
N PHE C 276 -22.20 -19.94 -15.09
CA PHE C 276 -21.51 -21.15 -15.49
C PHE C 276 -21.99 -21.63 -16.82
N ILE C 277 -21.05 -21.67 -17.78
CA ILE C 277 -21.26 -22.25 -19.10
C ILE C 277 -20.62 -23.64 -19.14
N ARG C 278 -21.44 -24.65 -19.28
CA ARG C 278 -20.95 -26.00 -19.34
C ARG C 278 -20.28 -26.28 -20.66
N GLY C 279 -19.15 -26.98 -20.60
CA GLY C 279 -18.44 -27.37 -21.80
C GLY C 279 -19.44 -28.04 -22.70
N GLY C 280 -19.55 -27.57 -23.94
CA GLY C 280 -20.51 -28.15 -24.91
C GLY C 280 -21.81 -27.40 -24.94
N SER C 281 -21.77 -26.13 -24.54
CA SER C 281 -22.98 -25.32 -24.50
C SER C 281 -22.71 -23.83 -24.72
N ALA C 282 -23.79 -23.08 -24.93
CA ALA C 282 -23.73 -21.63 -25.01
C ALA C 282 -24.82 -21.09 -24.09
N GLY C 283 -24.55 -19.97 -23.46
CA GLY C 283 -25.48 -19.35 -22.55
C GLY C 283 -25.47 -17.88 -22.86
N ALA C 284 -26.32 -17.11 -22.18
CA ALA C 284 -26.53 -15.71 -22.52
C ALA C 284 -26.90 -14.93 -21.27
N ALA C 285 -26.42 -13.71 -21.20
CA ALA C 285 -26.69 -12.85 -20.06
C ALA C 285 -27.08 -11.49 -20.55
N LEU C 286 -28.06 -10.86 -19.88
CA LEU C 286 -28.41 -9.47 -20.15
C LEU C 286 -27.82 -8.61 -19.06
N TYR C 287 -27.27 -7.47 -19.42
CA TYR C 287 -26.91 -6.48 -18.44
C TYR C 287 -27.16 -5.07 -18.99
N THR C 288 -27.66 -4.20 -18.12
CA THR C 288 -27.92 -2.81 -18.45
C THR C 288 -26.93 -2.00 -17.65
N PHE C 289 -26.11 -1.25 -18.34
CA PHE C 289 -25.07 -0.51 -17.72
C PHE C 289 -25.58 0.70 -16.94
N LYS C 290 -25.03 0.86 -15.74
CA LYS C 290 -25.33 1.98 -14.87
C LYS C 290 -24.10 2.84 -14.60
N GLN C 291 -22.90 2.38 -14.95
CA GLN C 291 -21.72 3.20 -14.66
C GLN C 291 -20.82 3.19 -15.85
N PRO C 292 -20.14 4.31 -16.08
CA PRO C 292 -19.16 4.34 -17.10
C PRO C 292 -17.87 3.74 -16.59
N GLY C 293 -16.94 3.50 -17.51
CA GLY C 293 -15.64 2.96 -17.19
C GLY C 293 -15.33 1.77 -18.08
N VAL C 294 -14.08 1.30 -17.97
CA VAL C 294 -13.64 0.09 -18.65
C VAL C 294 -13.93 -1.08 -17.70
N TYR C 295 -14.81 -1.96 -18.14
CA TYR C 295 -15.17 -3.18 -17.42
C TYR C 295 -14.32 -4.33 -17.96
N ALA C 296 -13.99 -5.30 -17.13
CA ALA C 296 -13.41 -6.54 -17.63
C ALA C 296 -14.51 -7.59 -17.64
N TYR C 297 -14.54 -8.41 -18.69
CA TYR C 297 -15.47 -9.53 -18.79
C TYR C 297 -14.55 -10.71 -18.92
N LEU C 298 -14.66 -11.68 -18.01
CA LEU C 298 -13.68 -12.75 -17.94
C LEU C 298 -14.20 -14.05 -17.39
N ASN C 299 -13.44 -15.09 -17.57
CA ASN C 299 -13.65 -16.39 -16.93
C ASN C 299 -13.11 -16.24 -15.52
N HIS C 300 -13.95 -16.42 -14.51
CA HIS C 300 -13.52 -16.09 -13.16
C HIS C 300 -12.71 -17.18 -12.43
N ASN C 301 -12.07 -18.06 -13.20
CA ASN C 301 -10.91 -18.69 -12.68
C ASN C 301 -9.86 -17.72 -13.14
N LEU C 302 -9.34 -16.96 -12.18
CA LEU C 302 -8.51 -15.83 -12.49
C LEU C 302 -7.15 -16.20 -13.10
N ILE C 303 -6.70 -17.43 -12.84
CA ILE C 303 -5.52 -17.98 -13.53
C ILE C 303 -5.89 -18.17 -15.00
N GLU C 304 -7.00 -18.82 -15.26
CA GLU C 304 -7.45 -18.96 -16.63
C GLU C 304 -7.61 -17.60 -17.34
N ALA C 305 -8.12 -16.59 -16.64
CA ALA C 305 -8.28 -15.27 -17.22
C ALA C 305 -6.98 -14.55 -17.43
N PHE C 306 -6.28 -14.28 -16.35
CA PHE C 306 -5.13 -13.39 -16.43
C PHE C 306 -3.83 -14.05 -16.87
N GLU C 307 -3.64 -15.33 -16.54
CA GLU C 307 -2.41 -16.00 -17.02
C GLU C 307 -2.60 -16.66 -18.37
N LEU C 308 -3.78 -17.24 -18.65
CA LEU C 308 -3.92 -18.03 -19.86
C LEU C 308 -4.68 -17.32 -21.00
N GLY C 309 -5.43 -16.26 -20.72
CA GLY C 309 -5.97 -15.39 -21.76
C GLY C 309 -7.46 -15.13 -21.80
N ALA C 310 -8.20 -15.70 -20.85
CA ALA C 310 -9.66 -15.73 -20.89
C ALA C 310 -10.28 -14.46 -20.29
N ALA C 311 -10.01 -13.34 -20.95
CA ALA C 311 -10.48 -12.05 -20.47
C ALA C 311 -10.54 -11.03 -21.62
N GLY C 312 -11.53 -10.16 -21.54
CA GLY C 312 -11.65 -9.03 -22.47
C GLY C 312 -12.22 -7.84 -21.74
N HIS C 313 -12.43 -6.75 -22.49
CA HIS C 313 -12.95 -5.49 -21.96
C HIS C 313 -14.21 -4.93 -22.65
N ILE C 314 -15.04 -4.26 -21.85
CA ILE C 314 -16.18 -3.47 -22.36
C ILE C 314 -15.95 -2.02 -21.94
N LYS C 315 -15.73 -1.14 -22.91
CA LYS C 315 -15.54 0.28 -22.60
C LYS C 315 -16.89 1.00 -22.61
N VAL C 316 -17.30 1.55 -21.47
CA VAL C 316 -18.65 2.10 -21.34
C VAL C 316 -18.64 3.63 -21.16
N GLU C 317 -19.31 4.39 -22.05
CA GLU C 317 -19.40 5.87 -21.95
C GLU C 317 -20.56 6.25 -21.05
N GLY C 318 -20.49 7.43 -20.46
CA GLY C 318 -21.57 7.88 -19.58
C GLY C 318 -21.17 8.67 -18.36
N LYS C 319 -22.16 8.93 -17.53
CA LYS C 319 -22.00 9.76 -16.36
C LYS C 319 -21.88 8.91 -15.07
N TRP C 320 -20.87 9.20 -14.28
CA TRP C 320 -20.65 8.50 -13.02
C TRP C 320 -21.80 8.81 -12.05
N ASN C 321 -22.15 7.82 -11.25
CA ASN C 321 -23.26 7.88 -10.33
C ASN C 321 -22.78 7.59 -8.90
N ASP C 322 -22.58 8.64 -8.12
CA ASP C 322 -22.07 8.57 -6.76
C ASP C 322 -23.00 7.83 -5.82
N ASP C 323 -24.26 7.68 -6.20
CA ASP C 323 -25.17 7.02 -5.30
C ASP C 323 -24.88 5.51 -5.34
N LEU C 324 -24.60 5.01 -6.54
CA LEU C 324 -24.33 3.59 -6.70
C LEU C 324 -22.96 3.28 -6.07
N MET C 325 -22.01 4.18 -6.27
CA MET C 325 -20.70 3.99 -5.70
C MET C 325 -19.98 5.31 -5.60
N LYS C 326 -19.36 5.56 -4.45
CA LYS C 326 -18.55 6.75 -4.29
C LYS C 326 -17.26 6.52 -3.51
N GLN C 327 -16.20 7.15 -3.98
CA GLN C 327 -14.95 7.26 -3.27
C GLN C 327 -15.08 8.30 -2.17
N ILE C 328 -15.37 7.85 -0.96
CA ILE C 328 -15.56 8.73 0.17
C ILE C 328 -14.23 9.36 0.60
N LYS C 329 -13.20 8.52 0.76
CA LYS C 329 -11.82 9.01 0.98
C LYS C 329 -10.84 8.36 0.01
N ALA C 330 -10.22 9.17 -0.81
CA ALA C 330 -9.17 8.71 -1.69
C ALA C 330 -7.98 8.10 -0.88
N PRO C 331 -7.20 7.24 -1.54
CA PRO C 331 -6.02 6.67 -0.90
C PRO C 331 -5.10 7.74 -0.39
N ALA C 332 -4.78 7.60 0.88
CA ALA C 332 -3.93 8.58 1.55
C ALA C 332 -3.39 8.00 2.84
N PRO C 333 -2.40 8.67 3.43
CA PRO C 333 -1.77 8.20 4.65
C PRO C 333 -2.74 7.79 5.74
N ILE C 334 -2.46 6.63 6.32
CA ILE C 334 -3.12 6.20 7.54
C ILE C 334 -2.95 7.32 8.56
N PRO C 335 -4.05 7.80 9.15
CA PRO C 335 -3.93 8.92 10.10
C PRO C 335 -3.14 8.53 11.35
N ARG C 336 -2.60 9.53 12.02
CA ARG C 336 -1.67 9.32 13.13
C ARG C 336 -2.35 8.78 14.42
N ASP D 2 7.67 65.22 8.02
CA ASP D 2 6.85 64.92 9.24
C ASP D 2 5.67 63.94 8.96
N ALA D 3 5.57 62.93 9.83
CA ALA D 3 4.63 61.81 9.66
C ALA D 3 3.15 62.19 9.68
N ASP D 4 2.76 63.08 10.60
CA ASP D 4 1.36 63.51 10.73
C ASP D 4 0.84 64.14 9.41
N LYS D 5 1.75 64.81 8.67
CA LYS D 5 1.40 65.50 7.41
C LYS D 5 1.41 64.61 6.14
N LEU D 6 1.85 63.36 6.24
CA LEU D 6 1.85 62.48 5.07
C LEU D 6 0.42 62.03 4.74
N PRO D 7 0.19 61.57 3.51
CA PRO D 7 -1.12 60.98 3.24
C PRO D 7 -1.36 59.70 4.09
N HIS D 8 -2.58 59.56 4.61
CA HIS D 8 -2.99 58.36 5.33
C HIS D 8 -3.81 57.49 4.39
N THR D 9 -3.71 56.17 4.53
CA THR D 9 -4.47 55.23 3.73
C THR D 9 -4.83 53.98 4.58
N LYS D 10 -5.97 53.37 4.28
CA LYS D 10 -6.50 52.28 5.08
C LYS D 10 -6.40 51.03 4.25
N VAL D 11 -5.83 49.96 4.81
CA VAL D 11 -5.80 48.67 4.11
C VAL D 11 -6.67 47.67 4.86
N THR D 12 -7.45 46.92 4.10
CA THR D 12 -8.30 45.89 4.63
C THR D 12 -7.48 44.59 4.62
N LEU D 13 -7.33 43.96 5.77
CA LEU D 13 -6.50 42.74 5.89
C LEU D 13 -7.29 41.55 5.40
N VAL D 14 -6.59 40.58 4.79
CA VAL D 14 -7.20 39.29 4.42
C VAL D 14 -6.60 38.10 5.25
N ALA D 15 -7.40 37.05 5.38
CA ALA D 15 -7.09 35.88 6.17
C ALA D 15 -6.00 35.04 5.48
N PRO D 16 -5.02 34.57 6.26
CA PRO D 16 -4.05 33.61 5.67
C PRO D 16 -4.72 32.39 5.06
N PRO D 17 -4.08 31.75 4.08
CA PRO D 17 -2.72 32.00 3.62
C PRO D 17 -2.61 33.10 2.57
N GLN D 18 -3.71 33.77 2.22
CA GLN D 18 -3.59 34.86 1.24
C GLN D 18 -2.96 36.06 1.91
N VAL D 19 -2.47 36.98 1.08
CA VAL D 19 -1.92 38.24 1.53
C VAL D 19 -2.69 39.34 0.81
N HIS D 20 -2.97 40.41 1.52
CA HIS D 20 -3.76 41.47 0.93
C HIS D 20 -3.06 42.07 -0.29
N PRO D 21 -3.88 42.54 -1.25
CA PRO D 21 -3.34 43.09 -2.49
C PRO D 21 -2.39 44.23 -2.22
N HIS D 22 -1.32 44.30 -2.99
CA HIS D 22 -0.30 45.29 -2.78
C HIS D 22 0.53 45.36 -4.04
N GLU D 23 1.27 46.45 -4.16
CA GLU D 23 2.25 46.58 -5.21
C GLU D 23 3.62 46.12 -4.73
N GLN D 24 4.45 45.65 -5.65
CA GLN D 24 5.85 45.43 -5.32
C GLN D 24 6.63 46.73 -5.50
N ALA D 25 7.30 46.93 -6.63
CA ALA D 25 7.84 48.27 -6.95
C ALA D 25 6.67 49.27 -7.04
N THR D 26 6.76 50.37 -6.30
CA THR D 26 5.73 51.42 -6.33
C THR D 26 6.36 52.79 -6.66
N LYS D 27 5.58 53.60 -7.40
CA LYS D 27 5.98 54.99 -7.75
C LYS D 27 5.61 55.91 -6.63
N SER D 28 4.65 55.48 -5.82
CA SER D 28 4.19 56.22 -4.65
C SER D 28 5.29 56.56 -3.68
N GLY D 29 5.08 57.66 -2.95
CA GLY D 29 5.95 58.07 -1.86
C GLY D 29 5.38 57.57 -0.54
N PRO D 30 6.13 57.77 0.55
CA PRO D 30 5.75 57.39 1.90
C PRO D 30 4.31 57.69 2.26
N LYS D 31 3.72 56.82 3.09
CA LYS D 31 2.35 56.97 3.57
C LYS D 31 2.28 56.44 4.98
N VAL D 32 1.32 56.95 5.76
CA VAL D 32 0.93 56.30 6.97
C VAL D 32 -0.14 55.31 6.56
N VAL D 33 0.18 54.00 6.63
CA VAL D 33 -0.77 52.94 6.28
C VAL D 33 -1.47 52.42 7.55
N GLU D 34 -2.81 52.44 7.50
CA GLU D 34 -3.66 52.20 8.64
C GLU D 34 -4.26 50.81 8.58
N PHE D 35 -4.15 50.11 9.70
CA PHE D 35 -4.59 48.72 9.82
C PHE D 35 -5.35 48.59 11.13
N THR D 36 -6.38 47.75 11.14
CA THR D 36 -7.02 47.39 12.40
C THR D 36 -6.96 45.89 12.57
N MET D 37 -6.71 45.48 13.81
CA MET D 37 -6.77 44.06 14.18
C MET D 37 -7.46 43.91 15.51
N THR D 38 -8.26 42.85 15.64
CA THR D 38 -9.09 42.58 16.82
C THR D 38 -8.69 41.23 17.41
N ILE D 39 -8.23 41.23 18.64
CA ILE D 39 -7.81 40.00 19.28
C ILE D 39 -9.02 39.10 19.56
N GLU D 40 -8.95 37.84 19.13
CA GLU D 40 -9.98 36.83 19.39
CA GLU D 40 -9.96 36.83 19.48
C GLU D 40 -9.33 35.61 20.17
N GLU D 41 -9.65 35.44 21.45
CA GLU D 41 -9.33 34.23 22.20
C GLU D 41 -10.39 33.19 21.86
N LYS D 42 -9.97 31.98 21.47
CA LYS D 42 -10.93 30.94 21.12
C LYS D 42 -10.37 29.54 21.18
N LYS D 43 -11.28 28.62 21.42
CA LYS D 43 -10.97 27.21 21.51
C LYS D 43 -11.01 26.68 20.12
N MET D 44 -9.89 26.16 19.63
CA MET D 44 -9.78 25.68 18.26
C MET D 44 -9.40 24.20 18.25
N VAL D 45 -9.89 23.49 17.25
CA VAL D 45 -9.62 22.08 17.03
C VAL D 45 -8.39 21.99 16.14
N ILE D 46 -7.34 21.34 16.62
CA ILE D 46 -6.03 21.44 15.96
C ILE D 46 -5.57 20.17 15.23
N ASP D 47 -6.27 19.04 15.45
CA ASP D 47 -5.94 17.80 14.74
C ASP D 47 -7.19 17.01 14.36
N ASP D 48 -6.97 15.92 13.61
CA ASP D 48 -8.07 15.08 13.14
C ASP D 48 -8.70 14.15 14.21
N LYS D 49 -8.10 14.02 15.39
CA LYS D 49 -8.75 13.34 16.52
C LYS D 49 -9.64 14.28 17.34
N GLY D 50 -9.67 15.57 17.03
CA GLY D 50 -10.49 16.51 17.79
C GLY D 50 -9.84 17.12 19.02
N THR D 51 -8.51 17.04 19.10
CA THR D 51 -7.78 17.73 20.16
C THR D 51 -8.00 19.24 20.05
N THR D 52 -8.16 19.91 21.18
CA THR D 52 -8.37 21.35 21.14
C THR D 52 -7.23 22.13 21.76
N LEU D 53 -7.07 23.36 21.25
CA LEU D 53 -6.17 24.32 21.81
C LEU D 53 -7.00 25.49 22.35
N GLN D 54 -6.72 25.88 23.57
CA GLN D 54 -7.21 27.15 24.09
C GLN D 54 -6.33 28.25 23.51
N ALA D 55 -6.75 28.73 22.36
CA ALA D 55 -5.96 29.57 21.48
C ALA D 55 -6.18 31.05 21.72
N MET D 56 -5.23 31.83 21.22
CA MET D 56 -5.26 33.29 21.28
C MET D 56 -4.77 33.75 19.94
N THR D 57 -5.53 34.65 19.29
CA THR D 57 -5.24 35.05 17.91
C THR D 57 -5.39 36.54 17.68
N PHE D 58 -4.65 37.03 16.70
CA PHE D 58 -4.95 38.30 16.05
C PHE D 58 -5.96 38.03 14.94
N ASN D 59 -7.13 38.68 15.00
CA ASN D 59 -8.13 38.60 13.92
C ASN D 59 -8.75 37.23 13.67
N GLY D 60 -8.63 36.32 14.64
CA GLY D 60 -9.36 35.05 14.60
C GLY D 60 -8.68 33.90 13.90
N SER D 61 -7.44 34.13 13.47
CA SER D 61 -6.66 33.15 12.69
C SER D 61 -5.23 32.98 13.24
N MET D 62 -4.67 31.80 12.95
CA MET D 62 -3.29 31.46 13.24
C MET D 62 -2.68 31.16 11.90
N PRO D 63 -1.67 31.93 11.48
CA PRO D 63 -1.19 33.17 12.07
C PRO D 63 -2.19 34.31 11.91
N GLY D 64 -1.92 35.41 12.57
CA GLY D 64 -2.54 36.67 12.20
C GLY D 64 -2.31 36.99 10.74
N PRO D 65 -3.10 37.93 10.18
CA PRO D 65 -2.88 38.28 8.77
C PRO D 65 -1.55 38.99 8.60
N THR D 66 -0.98 38.83 7.41
CA THR D 66 0.20 39.58 7.03
C THR D 66 -0.17 41.05 6.64
N LEU D 67 0.49 42.01 7.27
CA LEU D 67 0.43 43.41 6.92
C LEU D 67 1.59 43.71 5.99
N VAL D 68 1.29 44.35 4.85
CA VAL D 68 2.33 44.67 3.84
C VAL D 68 2.38 46.18 3.64
N VAL D 69 3.58 46.74 3.72
CA VAL D 69 3.81 48.15 3.43
C VAL D 69 5.11 48.26 2.64
N HIS D 70 5.53 49.49 2.32
CA HIS D 70 6.82 49.68 1.68
C HIS D 70 7.77 50.38 2.61
N GLU D 71 9.06 50.16 2.39
CA GLU D 71 10.09 50.80 3.20
C GLU D 71 9.94 52.32 3.14
N GLY D 72 9.94 52.96 4.29
CA GLY D 72 9.66 54.38 4.41
C GLY D 72 8.24 54.69 4.83
N ASP D 73 7.27 53.80 4.57
CA ASP D 73 5.91 54.01 5.07
C ASP D 73 5.94 53.97 6.59
N TYR D 74 4.86 54.40 7.21
CA TYR D 74 4.69 54.28 8.63
C TYR D 74 3.52 53.32 8.77
N VAL D 75 3.60 52.40 9.74
CA VAL D 75 2.50 51.48 10.00
C VAL D 75 1.74 52.10 11.14
N GLN D 76 0.41 52.13 11.02
CA GLN D 76 -0.44 52.65 12.08
C GLN D 76 -1.58 51.67 12.36
N LEU D 77 -1.45 50.98 13.50
CA LEU D 77 -2.31 49.85 13.80
C LEU D 77 -3.21 50.21 14.94
N THR D 78 -4.51 49.92 14.77
CA THR D 78 -5.44 49.99 15.89
C THR D 78 -5.67 48.55 16.37
N LEU D 79 -5.25 48.27 17.61
CA LEU D 79 -5.36 46.94 18.19
C LEU D 79 -6.52 46.98 19.14
N VAL D 80 -7.55 46.19 18.87
CA VAL D 80 -8.74 46.12 19.70
C VAL D 80 -8.77 44.82 20.53
N ASN D 81 -9.06 44.91 21.83
CA ASN D 81 -9.24 43.74 22.69
C ASN D 81 -10.68 43.75 23.20
N PRO D 82 -11.56 43.04 22.52
CA PRO D 82 -12.96 43.12 22.88
C PRO D 82 -13.23 42.72 24.30
N ALA D 83 -14.37 43.16 24.80
CA ALA D 83 -14.77 42.96 26.19
C ALA D 83 -14.98 41.50 26.53
N THR D 84 -15.19 40.68 25.52
CA THR D 84 -15.47 39.28 25.74
C THR D 84 -14.22 38.37 25.92
N ASN D 85 -13.01 38.94 25.87
CA ASN D 85 -11.78 38.20 26.11
C ASN D 85 -11.48 38.16 27.60
N ALA D 86 -10.67 37.19 28.02
CA ALA D 86 -10.31 37.05 29.41
C ALA D 86 -9.08 37.84 29.75
N MET D 87 -8.12 37.95 28.82
CA MET D 87 -6.79 38.48 29.18
C MET D 87 -6.39 39.80 28.50
N PRO D 88 -5.42 40.49 29.12
CA PRO D 88 -4.75 41.60 28.48
C PRO D 88 -3.84 41.12 27.39
N HIS D 89 -3.63 41.95 26.38
CA HIS D 89 -2.76 41.65 25.26
C HIS D 89 -2.07 42.96 24.84
N ASN D 90 -1.21 42.87 23.83
CA ASN D 90 -0.49 43.99 23.25
C ASN D 90 0.13 43.49 21.98
N VAL D 91 1.03 44.26 21.40
CA VAL D 91 1.71 43.84 20.18
C VAL D 91 3.14 44.37 20.14
N ASP D 92 4.06 43.50 19.70
CA ASP D 92 5.48 43.77 19.51
C ASP D 92 5.73 43.53 18.05
N PHE D 93 6.14 44.55 17.31
CA PHE D 93 6.51 44.39 15.93
C PHE D 93 8.02 44.31 15.86
N HIS D 94 8.55 43.20 15.33
CA HIS D 94 9.99 43.10 15.17
C HIS D 94 10.44 44.18 14.15
N GLY D 95 9.52 44.61 13.30
CA GLY D 95 9.85 45.64 12.30
C GLY D 95 10.02 47.07 12.80
N ALA D 96 9.69 47.32 14.06
CA ALA D 96 9.57 48.64 14.65
C ALA D 96 10.75 48.90 15.56
N THR D 97 11.01 50.17 15.88
CA THR D 97 12.09 50.54 16.78
C THR D 97 11.60 51.26 18.02
N GLY D 98 11.86 50.67 19.20
CA GLY D 98 11.51 51.26 20.48
C GLY D 98 10.39 50.59 21.26
N ALA D 99 10.40 50.85 22.56
CA ALA D 99 9.31 50.42 23.46
C ALA D 99 8.94 48.93 23.27
N LEU D 100 9.97 48.10 23.30
CA LEU D 100 9.78 46.66 23.15
C LEU D 100 8.88 46.37 21.96
N GLY D 101 9.18 47.05 20.87
CA GLY D 101 8.55 46.82 19.57
C GLY D 101 7.15 47.39 19.45
N GLY D 102 6.76 48.22 20.41
CA GLY D 102 5.38 48.68 20.52
C GLY D 102 4.61 48.12 21.71
N ALA D 103 5.13 47.08 22.34
CA ALA D 103 4.40 46.35 23.38
C ALA D 103 4.09 47.24 24.56
N LYS D 104 5.00 48.14 24.93
CA LYS D 104 4.74 48.97 26.12
C LYS D 104 3.68 50.02 25.84
N LEU D 105 3.32 50.22 24.58
CA LEU D 105 2.42 51.32 24.24
C LEU D 105 1.07 50.80 23.79
N THR D 106 0.87 49.48 23.85
CA THR D 106 -0.34 48.85 23.31
C THR D 106 -0.95 47.82 24.30
N ASN D 107 -0.67 48.02 25.58
CA ASN D 107 -1.29 47.20 26.59
C ASN D 107 -2.80 47.42 26.70
N VAL D 108 -3.58 46.58 26.03
CA VAL D 108 -5.02 46.66 26.05
C VAL D 108 -5.69 45.51 26.84
N ASN D 109 -6.40 45.89 27.89
CA ASN D 109 -7.20 45.00 28.64
C ASN D 109 -8.49 44.78 27.90
N PRO D 110 -9.21 43.68 28.21
CA PRO D 110 -10.47 43.45 27.51
C PRO D 110 -11.40 44.66 27.64
N GLY D 111 -11.98 45.06 26.53
CA GLY D 111 -12.80 46.23 26.44
C GLY D 111 -12.09 47.49 25.99
N GLU D 112 -10.76 47.39 25.78
CA GLU D 112 -9.96 48.51 25.36
C GLU D 112 -9.34 48.32 23.97
N GLN D 113 -8.93 49.45 23.39
CA GLN D 113 -8.13 49.48 22.18
C GLN D 113 -7.06 50.56 22.32
N ALA D 114 -6.14 50.55 21.37
CA ALA D 114 -5.00 51.46 21.36
C ALA D 114 -4.53 51.55 19.94
N THR D 115 -3.93 52.70 19.61
CA THR D 115 -3.40 52.90 18.27
C THR D 115 -1.91 53.22 18.35
N LEU D 116 -1.12 52.55 17.52
CA LEU D 116 0.35 52.66 17.52
C LEU D 116 0.80 53.04 16.14
N ARG D 117 1.76 53.94 16.06
CA ARG D 117 2.41 54.22 14.79
C ARG D 117 3.90 53.96 14.91
N PHE D 118 4.49 53.34 13.88
CA PHE D 118 5.95 53.30 13.82
C PHE D 118 6.38 53.39 12.39
N LYS D 119 7.63 53.79 12.21
CA LYS D 119 8.22 53.87 10.89
C LYS D 119 8.82 52.55 10.46
N ALA D 120 8.33 52.02 9.34
CA ALA D 120 8.86 50.80 8.78
C ALA D 120 10.07 51.17 7.96
N ASP D 121 11.18 51.50 8.61
CA ASP D 121 12.39 51.96 7.90
C ASP D 121 13.36 50.84 7.45
N ARG D 122 12.96 49.59 7.61
CA ARG D 122 13.83 48.47 7.22
C ARG D 122 13.01 47.46 6.42
N SER D 123 13.57 47.00 5.31
CA SER D 123 12.83 46.08 4.48
C SER D 123 13.05 44.63 4.91
N GLY D 124 12.03 43.80 4.68
CA GLY D 124 12.05 42.38 4.99
C GLY D 124 10.72 41.87 5.50
N THR D 125 10.65 40.56 5.76
CA THR D 125 9.55 40.00 6.52
C THR D 125 9.96 40.01 8.00
N PHE D 126 9.06 40.49 8.85
CA PHE D 126 9.29 40.62 10.27
C PHE D 126 8.12 40.04 11.04
N VAL D 127 8.41 39.27 12.09
CA VAL D 127 7.35 38.73 12.92
C VAL D 127 6.74 39.89 13.76
N TYR D 128 5.42 39.88 13.95
CA TYR D 128 4.84 40.60 15.09
C TYR D 128 4.21 39.57 16.00
N HIS D 129 4.16 39.85 17.30
CA HIS D 129 3.50 38.93 18.23
C HIS D 129 3.06 39.59 19.51
N CYS D 130 2.12 38.96 20.22
CA CYS D 130 1.74 39.48 21.51
C CYS D 130 2.92 39.29 22.50
N ALA D 131 3.02 40.15 23.53
CA ALA D 131 4.11 40.11 24.52
C ALA D 131 3.70 40.79 25.81
N PRO D 132 2.65 40.28 26.47
CA PRO D 132 2.29 40.84 27.74
C PRO D 132 3.25 40.39 28.81
N GLU D 133 3.66 41.36 29.58
CA GLU D 133 4.66 41.18 30.60
C GLU D 133 4.40 39.93 31.46
N GLY D 134 5.41 39.07 31.56
CA GLY D 134 5.30 37.82 32.37
C GLY D 134 4.48 36.70 31.75
N MET D 135 3.91 36.91 30.56
CA MET D 135 3.07 35.91 29.91
C MET D 135 3.42 35.72 28.45
N VAL D 136 4.64 36.08 28.07
CA VAL D 136 4.98 36.18 26.66
C VAL D 136 4.98 34.82 25.95
N PRO D 137 5.69 33.81 26.49
CA PRO D 137 5.71 32.53 25.81
C PRO D 137 4.32 31.97 25.64
N TRP D 138 3.53 32.05 26.69
CA TRP D 138 2.19 31.49 26.60
C TRP D 138 1.31 32.12 25.49
N HIS D 139 1.33 33.44 25.36
CA HIS D 139 0.49 34.10 24.36
C HIS D 139 1.00 33.79 22.98
N VAL D 140 2.31 33.74 22.84
CA VAL D 140 2.91 33.41 21.54
C VAL D 140 2.63 31.97 21.13
N VAL D 141 2.91 30.98 21.98
CA VAL D 141 2.66 29.59 21.56
C VAL D 141 1.17 29.30 21.44
N SER D 142 0.32 30.05 22.13
CA SER D 142 -1.11 29.85 21.96
C SER D 142 -1.70 30.49 20.68
N GLY D 143 -0.84 31.16 19.89
CA GLY D 143 -1.25 31.56 18.56
C GLY D 143 -1.02 32.98 18.11
N MET D 144 -0.54 33.87 18.98
CA MET D 144 -0.58 35.34 18.74
C MET D 144 0.65 35.80 18.03
N SER D 145 0.75 35.47 16.76
CA SER D 145 1.85 35.99 15.98
C SER D 145 1.47 36.06 14.52
N GLY D 146 2.18 36.89 13.77
CA GLY D 146 2.02 36.95 12.31
C GLY D 146 3.15 37.73 11.69
N THR D 147 2.99 38.10 10.41
CA THR D 147 4.05 38.77 9.68
C THR D 147 3.73 40.20 9.17
N LEU D 148 4.72 41.08 9.32
CA LEU D 148 4.80 42.36 8.65
C LEU D 148 5.83 42.23 7.55
N MET D 149 5.40 42.37 6.29
CA MET D 149 6.34 42.48 5.18
C MET D 149 6.50 43.95 4.73
N VAL D 150 7.75 44.44 4.80
CA VAL D 150 8.12 45.74 4.36
C VAL D 150 8.86 45.56 3.06
N LEU D 151 8.14 45.74 1.95
CA LEU D 151 8.76 45.60 0.63
C LEU D 151 9.66 46.80 0.34
N PRO D 152 10.79 46.59 -0.35
CA PRO D 152 11.54 47.76 -0.79
C PRO D 152 10.72 48.52 -1.84
N ARG D 153 10.84 49.85 -1.88
CA ARG D 153 10.04 50.68 -2.84
C ARG D 153 10.18 50.24 -4.27
N ASP D 154 11.40 49.89 -4.68
CA ASP D 154 11.57 49.42 -6.05
C ASP D 154 11.50 47.90 -6.18
N GLY D 155 10.77 47.26 -5.26
CA GLY D 155 10.62 45.79 -5.30
C GLY D 155 11.83 44.96 -4.92
N LEU D 156 11.67 43.66 -5.04
CA LEU D 156 12.72 42.74 -4.64
C LEU D 156 13.84 42.68 -5.65
N LYS D 157 15.06 42.54 -5.13
CA LYS D 157 16.27 42.44 -5.97
C LYS D 157 17.10 41.17 -5.75
N ASP D 158 17.68 40.67 -6.84
CA ASP D 158 18.63 39.58 -6.78
C ASP D 158 19.99 40.13 -6.33
N PRO D 159 21.00 39.28 -6.18
CA PRO D 159 22.25 39.78 -5.58
C PRO D 159 23.02 40.78 -6.45
N GLN D 160 22.75 40.70 -7.75
CA GLN D 160 23.37 41.57 -8.76
C GLN D 160 22.52 42.82 -9.03
N GLY D 161 21.37 42.94 -8.38
CA GLY D 161 20.51 44.11 -8.49
C GLY D 161 19.41 43.92 -9.50
N LYS D 162 19.30 42.74 -10.10
CA LYS D 162 18.23 42.50 -11.06
C LYS D 162 16.89 42.38 -10.35
N PRO D 163 15.80 42.80 -10.99
CA PRO D 163 14.50 42.73 -10.32
C PRO D 163 13.97 41.31 -10.24
N LEU D 164 13.31 41.03 -9.12
CA LEU D 164 12.63 39.76 -8.93
C LEU D 164 11.18 40.13 -8.67
N HIS D 165 10.28 39.38 -9.27
CA HIS D 165 8.86 39.71 -9.22
C HIS D 165 8.11 38.44 -8.95
N TYR D 166 7.06 38.56 -8.16
CA TYR D 166 6.21 37.40 -7.92
C TYR D 166 4.79 37.68 -8.36
N ASP D 167 4.09 36.62 -8.71
CA ASP D 167 2.70 36.68 -9.13
C ASP D 167 1.70 36.55 -7.97
N ARG D 168 2.14 35.96 -6.85
CA ARG D 168 1.24 35.60 -5.74
C ARG D 168 2.10 35.35 -4.49
N ALA D 169 1.72 35.95 -3.37
CA ALA D 169 2.37 35.73 -2.12
C ALA D 169 1.47 34.86 -1.29
N TYR D 170 2.04 33.88 -0.62
CA TYR D 170 1.33 33.08 0.36
C TYR D 170 2.01 33.23 1.69
N THR D 171 1.22 33.24 2.76
CA THR D 171 1.75 33.38 4.09
C THR D 171 1.45 32.13 4.97
N ILE D 172 2.52 31.47 5.41
CA ILE D 172 2.45 30.27 6.28
C ILE D 172 3.02 30.64 7.64
N GLY D 173 2.20 30.43 8.66
CA GLY D 173 2.66 30.51 10.03
C GLY D 173 2.80 29.12 10.62
N GLU D 174 3.94 28.83 11.23
CA GLU D 174 4.17 27.51 11.85
C GLU D 174 4.16 27.63 13.37
N PHE D 175 3.35 26.81 14.03
CA PHE D 175 3.09 26.93 15.44
C PHE D 175 3.44 25.63 16.19
N ASP D 176 4.41 25.74 17.10
CA ASP D 176 4.74 24.63 17.98
C ASP D 176 3.76 24.72 19.12
N LEU D 177 2.96 23.68 19.29
CA LEU D 177 1.93 23.69 20.33
C LEU D 177 2.29 22.71 21.44
N TYR D 178 1.90 23.05 22.66
CA TYR D 178 2.24 22.31 23.87
C TYR D 178 0.98 21.86 24.60
N ILE D 179 0.22 20.92 24.02
CA ILE D 179 -1.04 20.57 24.59
C ILE D 179 -0.86 19.52 25.71
N PRO D 180 -1.36 19.80 26.92
CA PRO D 180 -1.22 18.82 28.00
C PRO D 180 -2.04 17.56 27.85
N LYS D 181 -1.61 16.55 28.60
CA LYS D 181 -2.25 15.25 28.66
C LYS D 181 -2.63 14.94 30.09
N GLY D 182 -3.67 14.14 30.25
CA GLY D 182 -4.07 13.65 31.55
C GLY D 182 -3.42 12.31 31.86
N PRO D 183 -3.72 11.77 33.05
CA PRO D 183 -3.23 10.48 33.54
C PRO D 183 -3.51 9.32 32.60
N ASP D 184 -4.69 9.33 31.98
CA ASP D 184 -5.01 8.40 30.90
C ASP D 184 -4.21 8.59 29.59
N GLY D 185 -3.30 9.56 29.54
CA GLY D 185 -2.52 9.80 28.31
C GLY D 185 -3.29 10.44 27.14
N LYS D 186 -4.51 10.90 27.38
CA LYS D 186 -5.23 11.64 26.34
C LYS D 186 -5.03 13.17 26.49
N TYR D 187 -5.08 13.89 25.37
CA TYR D 187 -5.01 15.37 25.45
C TYR D 187 -6.18 15.98 26.26
N LYS D 188 -5.84 16.88 27.16
CA LYS D 188 -6.83 17.62 27.91
C LYS D 188 -7.63 18.63 27.08
N ASP D 189 -8.90 18.75 27.43
CA ASP D 189 -9.83 19.69 26.86
C ASP D 189 -10.25 20.59 28.01
N TYR D 190 -10.02 21.90 27.87
CA TYR D 190 -10.30 22.84 28.95
C TYR D 190 -11.51 23.70 28.60
N ALA D 191 -12.30 24.07 29.62
CA ALA D 191 -13.50 24.88 29.37
C ALA D 191 -13.11 26.34 29.20
N THR D 192 -12.09 26.81 29.93
CA THR D 192 -11.62 28.18 29.83
C THR D 192 -10.11 28.30 29.54
N LEU D 193 -9.73 29.41 28.92
CA LEU D 193 -8.35 29.76 28.68
C LEU D 193 -7.55 29.68 29.95
N ALA D 194 -7.98 30.33 31.00
CA ALA D 194 -7.17 30.34 32.21
C ALA D 194 -6.95 28.89 32.75
N GLU D 195 -7.88 27.99 32.46
CA GLU D 195 -7.79 26.63 33.00
C GLU D 195 -6.61 25.87 32.39
N SER D 196 -6.27 26.23 31.14
CA SER D 196 -5.21 25.60 30.37
C SER D 196 -3.79 26.02 30.78
N TYR D 197 -3.68 27.10 31.55
CA TYR D 197 -2.41 27.75 31.81
C TYR D 197 -1.34 26.90 32.51
N GLY D 198 -1.60 26.50 33.74
CA GLY D 198 -0.61 25.75 34.54
C GLY D 198 -0.11 24.48 33.84
N ASP D 199 -1.04 23.72 33.28
CA ASP D 199 -0.69 22.51 32.59
C ASP D 199 0.16 22.82 31.34
N THR D 200 -0.18 23.90 30.62
CA THR D 200 0.49 24.22 29.37
C THR D 200 1.92 24.62 29.67
N VAL D 201 2.09 25.42 30.70
CA VAL D 201 3.41 25.83 31.10
C VAL D 201 4.30 24.61 31.42
N GLN D 202 3.78 23.58 32.11
CA GLN D 202 4.54 22.35 32.40
CA GLN D 202 4.68 22.48 32.41
C GLN D 202 5.06 21.75 31.10
N VAL D 203 4.15 21.65 30.12
CA VAL D 203 4.51 21.03 28.85
C VAL D 203 5.55 21.90 28.11
N MET D 204 5.39 23.22 28.18
CA MET D 204 6.33 24.11 27.52
C MET D 204 7.76 23.91 28.04
N ARG D 205 7.92 23.81 29.35
CA ARG D 205 9.24 23.72 29.96
CA ARG D 205 9.23 23.70 29.99
C ARG D 205 9.98 22.46 29.51
N THR D 206 9.29 21.47 28.94
CA THR D 206 9.96 20.30 28.41
C THR D 206 10.56 20.55 27.03
N LEU D 207 10.22 21.67 26.40
CA LEU D 207 10.68 22.04 25.07
C LEU D 207 10.23 21.07 24.01
N THR D 208 9.30 20.16 24.31
CA THR D 208 8.84 19.20 23.33
C THR D 208 7.40 19.47 22.90
N PRO D 209 7.20 19.97 21.67
CA PRO D 209 5.82 20.22 21.23
C PRO D 209 5.01 18.94 21.08
N SER D 210 3.75 18.98 21.48
CA SER D 210 2.81 17.90 21.18
C SER D 210 2.43 17.90 19.73
N HIS D 211 2.35 19.09 19.13
CA HIS D 211 2.00 19.27 17.70
C HIS D 211 2.74 20.46 17.14
N ILE D 212 3.05 20.43 15.85
CA ILE D 212 3.63 21.55 15.13
C ILE D 212 2.81 21.70 13.84
N VAL D 213 2.06 22.81 13.71
CA VAL D 213 1.09 22.97 12.64
C VAL D 213 1.29 24.25 11.82
N PHE D 214 1.00 24.14 10.53
CA PHE D 214 0.87 25.30 9.65
C PHE D 214 -0.53 25.89 9.81
N ASN D 215 -0.59 27.19 10.05
CA ASN D 215 -1.84 27.93 9.97
C ASN D 215 -2.94 27.31 10.82
N GLY D 216 -2.58 26.88 12.02
CA GLY D 216 -3.55 26.59 13.08
C GLY D 216 -4.02 25.15 13.27
N LYS D 217 -3.74 24.26 12.32
CA LYS D 217 -4.14 22.88 12.50
C LYS D 217 -3.46 21.91 11.56
N VAL D 218 -3.43 20.64 11.96
CA VAL D 218 -2.94 19.61 11.07
C VAL D 218 -3.83 19.65 9.84
N GLY D 219 -3.21 19.60 8.67
CA GLY D 219 -3.94 19.56 7.44
C GLY D 219 -4.48 20.92 6.97
N ALA D 220 -4.19 22.00 7.67
CA ALA D 220 -4.72 23.33 7.29
C ALA D 220 -4.52 23.66 5.81
N LEU D 221 -3.35 23.37 5.25
CA LEU D 221 -3.04 23.72 3.88
C LEU D 221 -3.05 22.52 2.95
N THR D 222 -4.07 21.69 3.13
CA THR D 222 -4.24 20.54 2.28
C THR D 222 -5.70 20.35 1.84
N GLY D 223 -5.90 19.47 0.86
CA GLY D 223 -7.26 19.19 0.36
C GLY D 223 -7.85 20.42 -0.31
N ALA D 224 -9.10 20.74 0.04
CA ALA D 224 -9.77 21.93 -0.48
C ALA D 224 -8.94 23.20 -0.20
N ASN D 225 -8.15 23.18 0.87
CA ASN D 225 -7.34 24.34 1.23
C ASN D 225 -5.87 24.25 0.82
N ALA D 226 -5.52 23.31 -0.05
CA ALA D 226 -4.19 23.32 -0.64
C ALA D 226 -3.94 24.72 -1.26
N LEU D 227 -2.71 25.17 -1.19
CA LEU D 227 -2.29 26.30 -1.95
C LEU D 227 -2.35 25.86 -3.41
N THR D 228 -2.34 26.85 -4.30
CA THR D 228 -2.43 26.61 -5.74
C THR D 228 -1.53 27.53 -6.54
N ALA D 229 -1.10 27.01 -7.68
CA ALA D 229 -0.22 27.72 -8.58
C ALA D 229 -0.28 27.07 -9.96
N LYS D 230 0.49 27.57 -10.91
CA LYS D 230 0.62 26.87 -12.18
C LYS D 230 1.99 26.99 -12.77
N VAL D 231 2.31 26.10 -13.72
CA VAL D 231 3.59 26.14 -14.37
C VAL D 231 3.79 27.52 -14.97
N GLY D 232 4.94 28.11 -14.70
CA GLY D 232 5.31 29.44 -15.17
C GLY D 232 5.07 30.55 -14.18
N GLU D 233 4.24 30.28 -13.18
CA GLU D 233 3.95 31.23 -12.11
C GLU D 233 5.03 31.26 -11.02
N THR D 234 5.32 32.45 -10.51
CA THR D 234 6.29 32.69 -9.44
C THR D 234 5.52 33.02 -8.17
N VAL D 235 5.73 32.22 -7.10
CA VAL D 235 5.10 32.48 -5.81
C VAL D 235 6.16 32.95 -4.82
N LEU D 236 5.73 33.80 -3.88
CA LEU D 236 6.53 34.18 -2.74
C LEU D 236 5.91 33.43 -1.57
N LEU D 237 6.73 32.60 -0.91
CA LEU D 237 6.28 31.84 0.26
C LEU D 237 6.88 32.47 1.49
N ILE D 238 6.03 33.17 2.26
CA ILE D 238 6.43 33.83 3.49
C ILE D 238 6.20 32.85 4.63
N HIS D 239 7.24 32.65 5.45
CA HIS D 239 7.20 31.65 6.54
C HIS D 239 7.57 32.28 7.87
N SER D 240 6.65 32.28 8.84
CA SER D 240 6.94 32.82 10.13
C SER D 240 6.98 31.74 11.21
N GLN D 241 7.88 31.93 12.18
CA GLN D 241 7.92 31.07 13.36
C GLN D 241 8.39 31.94 14.49
N ALA D 242 7.47 32.28 15.35
CA ALA D 242 7.73 33.25 16.39
C ALA D 242 8.47 32.63 17.60
N ASN D 243 8.50 31.30 17.71
CA ASN D 243 9.04 30.69 18.95
C ASN D 243 10.11 29.64 18.78
N ARG D 244 10.21 29.05 17.59
CA ARG D 244 11.03 27.89 17.42
C ARG D 244 11.51 27.74 16.01
N ASP D 245 12.70 27.16 15.83
CA ASP D 245 13.25 27.00 14.50
C ASP D 245 12.41 26.07 13.59
N THR D 246 12.49 26.31 12.30
CA THR D 246 11.94 25.42 11.30
C THR D 246 12.83 25.44 10.07
N ARG D 247 12.64 24.49 9.19
CA ARG D 247 13.51 24.35 8.05
C ARG D 247 12.63 24.03 6.81
N PRO D 248 12.12 25.06 6.16
CA PRO D 248 11.21 24.84 5.05
C PRO D 248 11.84 24.20 3.85
N HIS D 249 11.06 23.36 3.18
CA HIS D 249 11.45 22.71 1.95
C HIS D 249 10.22 22.50 1.07
N LEU D 250 10.38 22.64 -0.24
CA LEU D 250 9.31 22.37 -1.19
C LEU D 250 9.70 21.10 -1.92
N ILE D 251 8.96 20.00 -1.70
CA ILE D 251 9.33 18.73 -2.28
C ILE D 251 8.97 18.70 -3.76
N GLY D 252 9.98 18.42 -4.56
CA GLY D 252 9.91 18.49 -5.99
C GLY D 252 10.33 19.86 -6.53
N GLY D 253 10.48 20.85 -5.67
CA GLY D 253 10.93 22.16 -6.10
C GLY D 253 12.13 22.62 -5.32
N HIS D 254 12.34 23.95 -5.32
CA HIS D 254 13.50 24.56 -4.74
C HIS D 254 13.16 25.92 -4.22
N GLY D 255 14.11 26.52 -3.52
CA GLY D 255 14.06 27.94 -3.25
C GLY D 255 14.94 28.63 -4.29
N ASP D 256 14.30 29.18 -5.35
CA ASP D 256 15.05 29.90 -6.42
C ASP D 256 15.82 31.03 -5.83
N TRP D 257 15.16 31.84 -5.02
CA TRP D 257 15.85 32.91 -4.30
C TRP D 257 15.25 32.99 -2.94
N VAL D 258 16.11 32.97 -1.91
CA VAL D 258 15.65 32.85 -0.54
C VAL D 258 16.34 33.83 0.38
N TRP D 259 15.53 34.49 1.21
CA TRP D 259 16.04 35.31 2.27
C TRP D 259 15.66 34.61 3.59
N GLU D 260 16.47 33.65 4.01
CA GLU D 260 16.04 32.84 5.17
C GLU D 260 15.99 33.66 6.43
N THR D 261 16.88 34.62 6.59
CA THR D 261 16.75 35.60 7.67
C THR D 261 15.74 36.72 7.38
N GLY D 262 15.15 36.69 6.18
CA GLY D 262 13.99 37.52 5.84
C GLY D 262 14.24 39.00 5.65
N LYS D 263 15.43 39.40 5.29
CA LYS D 263 15.74 40.82 5.31
C LYS D 263 16.28 41.25 3.93
N PHE D 264 15.44 42.00 3.20
CA PHE D 264 15.59 42.13 1.74
C PHE D 264 16.75 43.02 1.26
N ALA D 265 17.32 43.83 2.15
CA ALA D 265 18.53 44.61 1.80
C ALA D 265 19.76 43.73 1.69
N ASN D 266 19.67 42.45 2.09
CA ASN D 266 20.79 41.52 1.96
C ASN D 266 20.57 40.72 0.71
N PRO D 267 21.63 40.29 0.06
CA PRO D 267 21.38 39.44 -1.07
C PRO D 267 20.84 38.06 -0.68
N PRO D 268 19.90 37.58 -1.45
CA PRO D 268 19.34 36.29 -1.27
C PRO D 268 20.28 35.22 -1.77
N GLN D 269 19.93 33.97 -1.46
CA GLN D 269 20.67 32.81 -1.89
C GLN D 269 19.82 32.01 -2.83
N ARG D 270 20.45 31.24 -3.72
CA ARG D 270 19.72 30.53 -4.75
C ARG D 270 19.91 29.04 -4.69
N ASP D 271 18.94 28.37 -5.31
CA ASP D 271 18.95 26.94 -5.51
C ASP D 271 18.82 26.11 -4.22
N LEU D 272 18.37 26.73 -3.14
CA LEU D 272 18.26 26.05 -1.88
C LEU D 272 17.30 24.87 -1.95
N GLU D 273 17.71 23.75 -1.35
CA GLU D 273 16.79 22.62 -1.16
C GLU D 273 15.95 22.88 0.08
N THR D 274 16.61 23.34 1.15
CA THR D 274 15.98 23.51 2.43
C THR D 274 16.60 24.71 3.04
N TRP D 275 15.78 25.57 3.62
CA TRP D 275 16.27 26.75 4.28
C TRP D 275 15.87 26.76 5.77
N PHE D 276 16.14 27.85 6.48
CA PHE D 276 16.08 27.82 7.91
C PHE D 276 15.54 29.12 8.42
N ILE D 277 14.44 29.03 9.17
CA ILE D 277 13.81 30.17 9.82
C ILE D 277 14.10 30.06 11.30
N ARG D 278 14.90 30.97 11.77
CA ARG D 278 15.23 31.07 13.18
C ARG D 278 13.99 31.37 13.97
N GLY D 279 13.79 30.64 15.05
CA GLY D 279 12.69 30.95 15.93
C GLY D 279 12.73 32.40 16.30
N GLY D 280 11.61 33.07 16.14
CA GLY D 280 11.55 34.51 16.40
C GLY D 280 11.73 35.31 15.12
N SER D 281 11.39 34.75 13.97
CA SER D 281 11.62 35.46 12.73
C SER D 281 10.75 34.97 11.59
N ALA D 282 10.75 35.75 10.50
CA ALA D 282 10.03 35.42 9.27
C ALA D 282 11.02 35.51 8.14
N GLY D 283 10.90 34.60 7.19
CA GLY D 283 11.74 34.56 6.03
C GLY D 283 10.86 34.40 4.79
N ALA D 284 11.46 34.41 3.62
CA ALA D 284 10.68 34.43 2.39
C ALA D 284 11.47 33.77 1.28
N ALA D 285 10.78 32.98 0.47
CA ALA D 285 11.36 32.24 -0.63
C ALA D 285 10.54 32.48 -1.91
N LEU D 286 11.25 32.69 -3.01
CA LEU D 286 10.64 32.78 -4.35
C LEU D 286 10.82 31.49 -5.10
N TYR D 287 9.77 30.98 -5.75
CA TYR D 287 9.94 29.85 -6.64
C TYR D 287 9.03 29.97 -7.87
N THR D 288 9.58 29.58 -9.01
CA THR D 288 8.82 29.58 -10.26
C THR D 288 8.60 28.14 -10.63
N PHE D 289 7.36 27.72 -10.60
CA PHE D 289 7.02 26.34 -10.90
C PHE D 289 7.29 25.95 -12.33
N LYS D 290 7.84 24.75 -12.52
CA LYS D 290 8.19 24.23 -13.83
C LYS D 290 7.54 22.87 -14.09
N GLN D 291 6.93 22.25 -13.08
CA GLN D 291 6.25 21.01 -13.29
C GLN D 291 4.91 21.08 -12.60
N PRO D 292 3.91 20.42 -13.17
CA PRO D 292 2.64 20.34 -12.54
C PRO D 292 2.65 19.23 -11.56
N GLY D 293 1.64 19.20 -10.72
CA GLY D 293 1.50 18.15 -9.72
C GLY D 293 1.18 18.73 -8.35
N VAL D 294 0.96 17.84 -7.38
CA VAL D 294 0.83 18.22 -5.98
C VAL D 294 2.23 18.16 -5.33
N TYR D 295 2.66 19.30 -4.82
CA TYR D 295 3.92 19.48 -4.10
C TYR D 295 3.59 19.43 -2.61
N ALA D 296 4.57 19.07 -1.78
CA ALA D 296 4.43 19.23 -0.34
C ALA D 296 5.36 20.34 0.03
N TYR D 297 4.92 21.23 0.90
CA TYR D 297 5.74 22.30 1.46
C TYR D 297 5.80 21.95 2.92
N LEU D 298 7.01 21.76 3.45
CA LEU D 298 7.10 21.25 4.81
C LEU D 298 8.34 21.67 5.55
N ASN D 299 8.30 21.45 6.84
CA ASN D 299 9.44 21.53 7.76
C ASN D 299 10.19 20.22 7.62
N HIS D 300 11.45 20.28 7.18
CA HIS D 300 12.14 19.04 6.80
C HIS D 300 12.83 18.35 7.98
N ASN D 301 12.36 18.60 9.21
CA ASN D 301 12.44 17.52 10.20
C ASN D 301 11.17 16.76 9.94
N LEU D 302 11.35 15.61 9.30
CA LEU D 302 10.26 14.86 8.75
C LEU D 302 9.34 14.31 9.83
N ILE D 303 9.85 14.13 11.05
CA ILE D 303 8.99 13.74 12.17
C ILE D 303 8.08 14.91 12.46
N GLU D 304 8.68 16.10 12.53
CA GLU D 304 7.92 17.34 12.77
C GLU D 304 6.83 17.54 11.71
N ALA D 305 7.14 17.20 10.48
CA ALA D 305 6.24 17.35 9.35
C ALA D 305 5.14 16.33 9.37
N PHE D 306 5.51 15.05 9.24
CA PHE D 306 4.52 14.00 9.03
C PHE D 306 3.95 13.38 10.28
N GLU D 307 4.63 13.49 11.42
CA GLU D 307 4.02 12.99 12.64
C GLU D 307 3.35 14.07 13.46
N LEU D 308 3.94 15.26 13.52
CA LEU D 308 3.43 16.32 14.40
C LEU D 308 2.62 17.40 13.69
N GLY D 309 2.72 17.51 12.36
CA GLY D 309 1.78 18.32 11.58
C GLY D 309 2.29 19.42 10.65
N ALA D 310 3.60 19.64 10.59
CA ALA D 310 4.22 20.76 9.92
C ALA D 310 4.41 20.51 8.40
N ALA D 311 3.28 20.40 7.71
CA ALA D 311 3.28 20.12 6.29
C ALA D 311 2.02 20.63 5.62
N GLY D 312 2.19 21.16 4.41
CA GLY D 312 1.06 21.44 3.54
C GLY D 312 1.31 21.08 2.08
N HIS D 313 0.31 21.38 1.24
CA HIS D 313 0.41 21.03 -0.17
C HIS D 313 0.20 22.26 -1.04
N ILE D 314 0.81 22.21 -2.22
CA ILE D 314 0.56 23.13 -3.30
C ILE D 314 0.15 22.29 -4.55
N LYS D 315 -1.09 22.51 -5.01
CA LYS D 315 -1.62 21.91 -6.26
C LYS D 315 -1.30 22.81 -7.45
N VAL D 316 -0.54 22.28 -8.39
CA VAL D 316 0.00 23.06 -9.46
C VAL D 316 -0.50 22.50 -10.80
N GLU D 317 -1.18 23.35 -11.60
CA GLU D 317 -1.72 22.95 -12.92
C GLU D 317 -0.65 23.19 -13.95
N GLY D 318 -0.70 22.43 -15.06
CA GLY D 318 0.16 22.67 -16.24
C GLY D 318 0.67 21.42 -16.92
N LYS D 319 1.65 21.60 -17.81
CA LYS D 319 2.17 20.52 -18.68
C LYS D 319 3.46 19.90 -18.15
N TRP D 320 3.48 18.58 -18.02
CA TRP D 320 4.69 17.87 -17.60
C TRP D 320 5.84 18.09 -18.56
N ASN D 321 7.04 18.28 -18.02
CA ASN D 321 8.24 18.51 -18.79
C ASN D 321 9.26 17.36 -18.63
N ASP D 322 9.28 16.44 -19.60
CA ASP D 322 10.14 15.28 -19.59
C ASP D 322 11.65 15.58 -19.68
N ASP D 323 12.01 16.75 -20.15
CA ASP D 323 13.41 17.13 -20.16
C ASP D 323 13.89 17.26 -18.70
N LEU D 324 13.08 17.90 -17.86
CA LEU D 324 13.44 18.11 -16.46
C LEU D 324 13.41 16.79 -15.69
N MET D 325 12.39 15.97 -15.93
CA MET D 325 12.27 14.66 -15.31
C MET D 325 11.41 13.72 -16.15
N LYS D 326 11.88 12.49 -16.33
CA LYS D 326 11.12 11.51 -17.06
C LYS D 326 11.27 10.12 -16.46
N GLN D 327 10.16 9.40 -16.40
CA GLN D 327 10.16 8.01 -16.01
C GLN D 327 10.63 7.16 -17.19
N ILE D 328 11.93 6.82 -17.24
CA ILE D 328 12.48 6.01 -18.32
C ILE D 328 11.89 4.63 -18.31
N LYS D 329 11.88 3.99 -17.13
CA LYS D 329 11.22 2.69 -16.97
C LYS D 329 10.34 2.67 -15.70
N ALA D 330 9.05 2.48 -15.91
CA ALA D 330 8.11 2.35 -14.82
C ALA D 330 8.44 1.13 -13.94
N PRO D 331 8.11 1.20 -12.66
CA PRO D 331 8.23 0.05 -11.79
C PRO D 331 7.71 -1.21 -12.46
N ALA D 332 8.56 -2.22 -12.56
CA ALA D 332 8.21 -3.50 -13.17
C ALA D 332 9.00 -4.58 -12.47
N PRO D 333 8.57 -5.85 -12.58
CA PRO D 333 9.36 -6.92 -11.95
C PRO D 333 10.78 -7.04 -12.51
N ILE D 334 11.70 -7.45 -11.64
CA ILE D 334 13.10 -7.57 -12.02
C ILE D 334 13.20 -8.80 -12.93
N PRO D 335 13.82 -8.62 -14.12
CA PRO D 335 14.05 -9.76 -15.03
C PRO D 335 14.71 -10.93 -14.28
N ARG D 336 14.03 -12.08 -14.33
CA ARG D 336 14.41 -13.30 -13.58
C ARG D 336 15.38 -14.16 -14.39
N ASP E 2 17.92 17.72 -27.04
CA ASP E 2 17.10 16.56 -26.56
C ASP E 2 17.99 15.52 -25.85
N ALA E 3 17.59 15.13 -24.63
CA ALA E 3 18.41 14.33 -23.72
C ALA E 3 18.62 12.92 -24.21
N ASP E 4 17.65 12.38 -24.94
CA ASP E 4 17.72 11.00 -25.44
C ASP E 4 18.91 10.86 -26.42
N LYS E 5 19.27 11.97 -27.07
CA LYS E 5 20.38 12.03 -28.03
C LYS E 5 21.75 12.38 -27.42
N LEU E 6 21.82 12.66 -26.12
CA LEU E 6 23.11 12.93 -25.48
C LEU E 6 23.89 11.64 -25.27
N PRO E 7 25.21 11.74 -25.20
CA PRO E 7 25.98 10.54 -24.84
C PRO E 7 25.62 10.04 -23.43
N HIS E 8 25.51 8.73 -23.26
CA HIS E 8 25.22 8.10 -21.99
C HIS E 8 26.49 7.48 -21.47
N THR E 9 26.84 7.76 -20.21
CA THR E 9 27.98 7.09 -19.58
C THR E 9 27.58 6.42 -18.25
N LYS E 10 28.19 5.28 -17.95
CA LYS E 10 27.93 4.56 -16.70
C LYS E 10 29.00 4.86 -15.63
N VAL E 11 28.56 5.19 -14.41
CA VAL E 11 29.46 5.37 -13.27
C VAL E 11 29.24 4.24 -12.26
N THR E 12 30.34 3.71 -11.76
CA THR E 12 30.31 2.70 -10.72
C THR E 12 30.39 3.47 -9.40
N LEU E 13 29.46 3.21 -8.50
CA LEU E 13 29.46 3.94 -7.22
C LEU E 13 30.42 3.26 -6.23
N VAL E 14 30.99 4.02 -5.32
CA VAL E 14 31.82 3.48 -4.23
C VAL E 14 31.22 3.79 -2.82
N ALA E 15 31.50 2.91 -1.87
CA ALA E 15 31.01 3.05 -0.52
C ALA E 15 31.56 4.29 0.16
N PRO E 16 30.73 4.97 0.98
CA PRO E 16 31.21 6.03 1.85
C PRO E 16 32.25 5.50 2.79
N PRO E 17 33.16 6.36 3.26
CA PRO E 17 33.26 7.80 3.14
C PRO E 17 33.89 8.30 1.87
N GLN E 18 34.38 7.38 1.05
CA GLN E 18 34.93 7.73 -0.26
C GLN E 18 33.80 8.11 -1.21
N VAL E 19 34.20 8.82 -2.25
CA VAL E 19 33.33 9.26 -3.33
C VAL E 19 33.93 8.73 -4.66
N HIS E 20 33.08 8.29 -5.59
CA HIS E 20 33.58 7.76 -6.85
C HIS E 20 34.43 8.80 -7.57
N PRO E 21 35.44 8.35 -8.34
CA PRO E 21 36.31 9.30 -9.02
C PRO E 21 35.52 10.20 -9.96
N HIS E 22 35.99 11.42 -10.14
CA HIS E 22 35.29 12.40 -10.95
C HIS E 22 36.17 13.61 -11.17
N GLU E 23 35.80 14.42 -12.16
CA GLU E 23 36.50 15.67 -12.44
C GLU E 23 35.82 16.83 -11.74
N GLN E 24 36.58 17.85 -11.37
CA GLN E 24 35.99 19.08 -10.93
C GLN E 24 35.64 19.95 -12.16
N ALA E 25 36.53 20.84 -12.57
CA ALA E 25 36.40 21.52 -13.89
C ALA E 25 36.49 20.47 -14.99
N THR E 26 35.52 20.46 -15.90
CA THR E 26 35.51 19.51 -17.03
C THR E 26 35.35 20.25 -18.37
N LYS E 27 36.04 19.72 -19.40
CA LYS E 27 35.86 20.18 -20.80
C LYS E 27 34.68 19.44 -21.46
N SER E 28 34.28 18.30 -20.90
CA SER E 28 33.08 17.58 -21.36
C SER E 28 31.83 18.43 -21.36
N GLY E 29 30.92 18.08 -22.25
CA GLY E 29 29.60 18.66 -22.29
C GLY E 29 28.63 17.70 -21.64
N PRO E 30 27.36 18.13 -21.49
CA PRO E 30 26.30 17.37 -20.83
C PRO E 30 26.29 15.91 -21.23
N LYS E 31 26.04 15.02 -20.27
CA LYS E 31 25.80 13.63 -20.55
C LYS E 31 24.64 13.12 -19.72
N VAL E 32 24.11 11.96 -20.09
CA VAL E 32 23.19 11.26 -19.27
C VAL E 32 24.08 10.31 -18.49
N VAL E 33 24.27 10.58 -17.18
CA VAL E 33 25.14 9.74 -16.36
C VAL E 33 24.26 8.71 -15.70
N GLU E 34 24.59 7.45 -15.93
CA GLU E 34 23.77 6.36 -15.43
C GLU E 34 24.34 5.75 -14.16
N PHE E 35 23.44 5.46 -13.20
CA PHE E 35 23.79 4.85 -11.91
C PHE E 35 22.77 3.79 -11.59
N THR E 36 23.16 2.81 -10.78
CA THR E 36 22.24 1.81 -10.27
C THR E 36 22.45 1.75 -8.78
N MET E 37 21.37 1.62 -8.02
CA MET E 37 21.49 1.36 -6.60
C MET E 37 20.48 0.31 -6.28
N THR E 38 20.83 -0.54 -5.34
CA THR E 38 20.02 -1.65 -4.94
C THR E 38 19.71 -1.54 -3.46
N ILE E 39 18.45 -1.59 -3.11
CA ILE E 39 18.05 -1.34 -1.74
C ILE E 39 18.34 -2.56 -0.90
N GLU E 40 18.83 -2.35 0.33
CA GLU E 40 19.01 -3.46 1.26
C GLU E 40 18.53 -3.09 2.67
N GLU E 41 17.53 -3.83 3.10
CA GLU E 41 17.07 -3.87 4.47
C GLU E 41 17.93 -4.87 5.23
N LYS E 42 18.46 -4.43 6.37
CA LYS E 42 19.32 -5.30 7.16
C LYS E 42 19.44 -4.78 8.58
N LYS E 43 19.50 -5.72 9.50
CA LYS E 43 19.77 -5.41 10.89
C LYS E 43 21.26 -5.06 11.01
N MET E 44 21.57 -3.94 11.67
CA MET E 44 22.95 -3.45 11.82
C MET E 44 23.24 -3.16 13.28
N VAL E 45 24.48 -3.40 13.71
CA VAL E 45 24.90 -3.09 15.08
C VAL E 45 25.39 -1.66 15.04
N ILE E 46 24.89 -0.82 15.93
CA ILE E 46 25.16 0.62 15.81
C ILE E 46 26.00 1.24 16.91
N ASP E 47 26.26 0.50 17.99
CA ASP E 47 27.09 1.01 19.08
C ASP E 47 28.00 -0.08 19.65
N ASP E 48 28.85 0.30 20.61
CA ASP E 48 29.84 -0.62 21.16
C ASP E 48 29.22 -1.64 22.10
N LYS E 49 27.99 -1.38 22.58
CA LYS E 49 27.27 -2.30 23.46
C LYS E 49 26.43 -3.33 22.74
N GLY E 50 26.50 -3.41 21.40
CA GLY E 50 25.67 -4.38 20.66
C GLY E 50 24.21 -3.97 20.35
N THR E 51 23.86 -2.70 20.55
CA THR E 51 22.52 -2.23 20.19
C THR E 51 22.35 -2.36 18.68
N THR E 52 21.21 -2.88 18.25
CA THR E 52 20.94 -3.03 16.82
C THR E 52 19.89 -2.03 16.31
N LEU E 53 19.94 -1.79 15.01
CA LEU E 53 18.97 -1.01 14.29
C LEU E 53 18.42 -1.89 13.17
N GLN E 54 17.09 -2.01 13.10
CA GLN E 54 16.44 -2.58 11.93
C GLN E 54 16.47 -1.53 10.86
N ALA E 55 17.53 -1.59 10.05
CA ALA E 55 17.89 -0.51 9.15
C ALA E 55 17.39 -0.78 7.76
N MET E 56 17.48 0.28 6.94
CA MET E 56 17.05 0.26 5.54
C MET E 56 18.05 1.15 4.86
N THR E 57 18.62 0.68 3.74
CA THR E 57 19.70 1.37 3.08
C THR E 57 19.62 1.35 1.56
N PHE E 58 20.27 2.32 0.96
CA PHE E 58 20.60 2.28 -0.45
C PHE E 58 21.99 1.67 -0.53
N ASN E 59 22.12 0.56 -1.26
CA ASN E 59 23.42 -0.03 -1.57
C ASN E 59 24.14 -0.58 -0.34
N GLY E 60 23.39 -0.83 0.73
CA GLY E 60 23.92 -1.56 1.87
C GLY E 60 24.63 -0.72 2.90
N SER E 61 24.71 0.61 2.67
CA SER E 61 25.44 1.53 3.54
C SER E 61 24.58 2.70 4.05
N MET E 62 24.96 3.25 5.20
CA MET E 62 24.49 4.52 5.69
C MET E 62 25.68 5.44 5.77
N PRO E 63 25.66 6.55 5.04
CA PRO E 63 24.66 6.87 4.07
C PRO E 63 24.76 6.00 2.84
N GLY E 64 23.80 6.18 1.94
CA GLY E 64 23.94 5.71 0.57
C GLY E 64 25.14 6.38 -0.05
N PRO E 65 25.66 5.80 -1.13
CA PRO E 65 26.82 6.33 -1.81
C PRO E 65 26.52 7.70 -2.39
N THR E 66 27.54 8.51 -2.56
CA THR E 66 27.41 9.84 -3.13
C THR E 66 27.55 9.72 -4.65
N LEU E 67 26.59 10.30 -5.38
CA LEU E 67 26.54 10.34 -6.85
C LEU E 67 27.02 11.71 -7.26
N VAL E 68 28.06 11.81 -8.09
CA VAL E 68 28.55 13.12 -8.58
C VAL E 68 28.32 13.28 -10.09
N VAL E 69 27.84 14.44 -10.52
CA VAL E 69 27.65 14.75 -11.92
C VAL E 69 28.00 16.21 -12.05
N HIS E 70 27.85 16.81 -13.22
CA HIS E 70 28.11 18.25 -13.38
C HIS E 70 26.86 18.92 -13.81
N GLU E 71 26.74 20.20 -13.48
CA GLU E 71 25.55 20.97 -13.81
C GLU E 71 25.27 20.88 -15.33
N GLY E 72 24.03 20.58 -15.67
CA GLY E 72 23.66 20.40 -17.08
C GLY E 72 23.55 18.93 -17.46
N ASP E 73 24.21 18.04 -16.71
CA ASP E 73 24.06 16.61 -16.92
C ASP E 73 22.67 16.17 -16.53
N TYR E 74 22.33 14.94 -16.89
CA TYR E 74 21.07 14.33 -16.52
C TYR E 74 21.49 13.12 -15.71
N VAL E 75 20.76 12.82 -14.64
CA VAL E 75 21.08 11.67 -13.83
C VAL E 75 20.09 10.67 -14.22
N GLN E 76 20.55 9.46 -14.51
CA GLN E 76 19.63 8.40 -14.80
C GLN E 76 19.88 7.21 -13.87
N LEU E 77 18.96 7.00 -12.95
CA LEU E 77 19.17 6.02 -11.90
C LEU E 77 18.25 4.87 -12.07
N THR E 78 18.79 3.67 -11.96
CA THR E 78 17.97 2.51 -11.91
C THR E 78 17.96 2.08 -10.48
N LEU E 79 16.78 2.06 -9.86
CA LEU E 79 16.63 1.72 -8.47
C LEU E 79 16.07 0.34 -8.41
N VAL E 80 16.74 -0.58 -7.73
CA VAL E 80 16.32 -1.98 -7.64
C VAL E 80 15.89 -2.34 -6.21
N ASN E 81 14.72 -2.95 -6.05
CA ASN E 81 14.22 -3.40 -4.77
C ASN E 81 14.03 -4.91 -4.82
N PRO E 82 15.07 -5.66 -4.47
CA PRO E 82 15.04 -7.09 -4.62
C PRO E 82 13.97 -7.74 -3.78
N ALA E 83 13.65 -8.96 -4.16
CA ALA E 83 12.61 -9.75 -3.54
C ALA E 83 12.99 -10.15 -2.15
N THR E 84 14.28 -10.04 -1.83
CA THR E 84 14.78 -10.38 -0.49
C THR E 84 14.32 -9.37 0.59
N ASN E 85 13.92 -8.18 0.13
CA ASN E 85 13.34 -7.13 0.95
C ASN E 85 11.85 -7.37 1.26
N ALA E 86 11.37 -6.69 2.30
CA ALA E 86 10.01 -6.81 2.84
C ALA E 86 9.13 -5.57 2.68
N MET E 87 9.72 -4.44 2.24
CA MET E 87 9.00 -3.19 2.18
C MET E 87 9.17 -2.48 0.83
N PRO E 88 8.18 -1.67 0.44
CA PRO E 88 8.33 -0.84 -0.76
C PRO E 88 9.21 0.33 -0.49
N HIS E 89 9.85 0.85 -1.54
CA HIS E 89 10.66 2.03 -1.43
C HIS E 89 10.51 2.86 -2.71
N ASN E 90 11.16 4.01 -2.70
CA ASN E 90 11.27 4.87 -3.85
C ASN E 90 12.45 5.78 -3.61
N VAL E 91 12.60 6.80 -4.42
CA VAL E 91 13.66 7.77 -4.23
C VAL E 91 13.19 9.20 -4.59
N ASP E 92 13.61 10.16 -3.75
CA ASP E 92 13.30 11.57 -3.86
C ASP E 92 14.64 12.26 -3.89
N PHE E 93 14.94 12.96 -4.97
CA PHE E 93 16.18 13.69 -5.13
C PHE E 93 15.90 15.18 -4.97
N HIS E 94 16.42 15.78 -3.91
CA HIS E 94 16.24 17.19 -3.66
C HIS E 94 16.86 17.98 -4.84
N GLY E 95 17.75 17.34 -5.59
CA GLY E 95 18.36 17.99 -6.75
C GLY E 95 17.51 18.04 -8.01
N ALA E 96 16.37 17.37 -8.00
CA ALA E 96 15.51 17.17 -9.19
C ALA E 96 14.27 18.05 -9.09
N THR E 97 13.62 18.28 -10.24
CA THR E 97 12.37 19.08 -10.30
C THR E 97 11.18 18.22 -10.75
N GLY E 98 10.13 18.18 -9.94
CA GLY E 98 8.91 17.48 -10.27
C GLY E 98 8.72 16.18 -9.54
N ALA E 99 7.45 15.77 -9.47
CA ALA E 99 7.01 14.46 -9.01
C ALA E 99 7.61 14.10 -7.62
N LEU E 100 7.58 15.08 -6.71
CA LEU E 100 8.07 14.88 -5.34
C LEU E 100 9.51 14.35 -5.34
N GLY E 101 10.35 14.93 -6.19
CA GLY E 101 11.75 14.56 -6.35
C GLY E 101 12.02 13.31 -7.15
N GLY E 102 10.97 12.70 -7.70
CA GLY E 102 11.07 11.40 -8.35
C GLY E 102 10.34 10.32 -7.57
N ALA E 103 9.90 10.62 -6.35
CA ALA E 103 9.32 9.59 -5.51
C ALA E 103 8.03 9.03 -6.12
N LYS E 104 7.23 9.90 -6.76
CA LYS E 104 6.00 9.46 -7.46
C LYS E 104 6.29 8.50 -8.62
N LEU E 105 7.45 8.63 -9.26
CA LEU E 105 7.78 7.81 -10.42
C LEU E 105 8.64 6.58 -10.11
N THR E 106 8.89 6.27 -8.84
CA THR E 106 9.85 5.23 -8.50
C THR E 106 9.37 4.30 -7.43
N ASN E 107 8.06 4.15 -7.26
CA ASN E 107 7.52 3.27 -6.25
C ASN E 107 7.76 1.80 -6.61
N VAL E 108 8.79 1.23 -5.99
CA VAL E 108 9.15 -0.13 -6.25
C VAL E 108 8.84 -1.00 -5.06
N ASN E 109 7.97 -1.98 -5.25
CA ASN E 109 7.77 -3.01 -4.25
C ASN E 109 8.85 -4.05 -4.29
N PRO E 110 8.94 -4.87 -3.24
CA PRO E 110 9.99 -5.90 -3.31
C PRO E 110 9.79 -6.77 -4.55
N GLY E 111 10.87 -6.93 -5.33
CA GLY E 111 10.84 -7.71 -6.53
C GLY E 111 10.79 -6.85 -7.77
N GLU E 112 10.89 -5.52 -7.63
CA GLU E 112 10.76 -4.62 -8.78
C GLU E 112 11.89 -3.62 -8.88
N GLN E 113 11.94 -2.92 -9.99
CA GLN E 113 12.88 -1.86 -10.18
C GLN E 113 12.28 -0.82 -11.10
N ALA E 114 12.96 0.30 -11.22
CA ALA E 114 12.48 1.35 -12.05
C ALA E 114 13.67 2.20 -12.39
N THR E 115 13.52 2.99 -13.44
CA THR E 115 14.58 3.88 -13.87
C THR E 115 13.99 5.26 -14.03
N LEU E 116 14.73 6.24 -13.50
CA LEU E 116 14.30 7.62 -13.45
C LEU E 116 15.35 8.43 -14.06
N ARG E 117 14.97 9.45 -14.81
CA ARG E 117 15.92 10.43 -15.27
C ARG E 117 15.48 11.83 -14.89
N PHE E 118 16.43 12.68 -14.49
CA PHE E 118 16.13 14.07 -14.26
C PHE E 118 17.31 14.89 -14.68
N LYS E 119 17.06 16.16 -15.01
CA LYS E 119 18.13 17.11 -15.31
C LYS E 119 18.72 17.71 -14.03
N ALA E 120 20.04 17.61 -13.89
CA ALA E 120 20.76 18.17 -12.77
C ALA E 120 21.11 19.58 -13.13
N ASP E 121 20.11 20.46 -13.15
CA ASP E 121 20.32 21.85 -13.64
C ASP E 121 20.78 22.87 -12.61
N ARG E 122 20.98 22.41 -11.37
CA ARG E 122 21.39 23.28 -10.29
C ARG E 122 22.59 22.70 -9.56
N SER E 123 23.62 23.51 -9.37
CA SER E 123 24.83 23.01 -8.73
C SER E 123 24.68 22.98 -7.19
N GLY E 124 25.40 22.06 -6.56
CA GLY E 124 25.38 21.96 -5.10
C GLY E 124 25.43 20.54 -4.62
N THR E 125 25.47 20.37 -3.29
CA THR E 125 25.24 19.06 -2.67
C THR E 125 23.77 18.99 -2.29
N PHE E 126 23.10 17.90 -2.65
CA PHE E 126 21.70 17.74 -2.42
C PHE E 126 21.39 16.36 -1.79
N VAL E 127 20.46 16.30 -0.86
CA VAL E 127 20.10 15.03 -0.26
C VAL E 127 19.20 14.28 -1.23
N TYR E 128 19.36 12.97 -1.30
CA TYR E 128 18.34 12.13 -1.84
C TYR E 128 17.95 11.20 -0.71
N HIS E 129 16.68 10.81 -0.67
CA HIS E 129 16.21 9.90 0.34
C HIS E 129 14.96 9.19 -0.11
N CYS E 130 14.64 8.07 0.56
CA CYS E 130 13.43 7.32 0.28
C CYS E 130 12.25 8.12 0.89
N ALA E 131 11.06 7.96 0.32
CA ALA E 131 9.91 8.73 0.71
C ALA E 131 8.62 8.02 0.30
N PRO E 132 8.35 6.83 0.87
CA PRO E 132 7.08 6.20 0.58
C PRO E 132 5.96 6.92 1.28
N GLU E 133 4.89 7.21 0.55
CA GLU E 133 3.77 7.99 1.07
C GLU E 133 3.19 7.29 2.26
N GLY E 134 3.13 8.01 3.37
CA GLY E 134 2.52 7.47 4.57
C GLY E 134 3.51 7.03 5.59
N MET E 135 4.78 6.93 5.21
CA MET E 135 5.82 6.51 6.18
C MET E 135 7.21 7.04 5.82
N VAL E 136 7.29 8.27 5.38
CA VAL E 136 8.55 8.86 4.96
C VAL E 136 9.54 8.91 6.12
N PRO E 137 9.13 9.36 7.31
CA PRO E 137 10.12 9.53 8.36
C PRO E 137 10.80 8.22 8.76
N TRP E 138 10.03 7.16 8.90
CA TRP E 138 10.58 5.87 9.32
C TRP E 138 11.68 5.38 8.36
N HIS E 139 11.40 5.50 7.08
CA HIS E 139 12.34 5.04 6.09
C HIS E 139 13.59 5.91 6.09
N VAL E 140 13.41 7.21 6.26
CA VAL E 140 14.55 8.10 6.31
C VAL E 140 15.39 7.86 7.59
N VAL E 141 14.77 7.84 8.76
CA VAL E 141 15.58 7.74 10.00
C VAL E 141 16.19 6.34 10.12
N SER E 142 15.60 5.38 9.42
CA SER E 142 16.13 4.02 9.39
C SER E 142 17.34 3.85 8.49
N GLY E 143 17.72 4.89 7.75
CA GLY E 143 18.97 4.85 6.98
C GLY E 143 18.94 5.22 5.49
N MET E 144 17.78 5.48 4.93
CA MET E 144 17.69 5.67 3.49
C MET E 144 17.89 7.10 3.02
N SER E 145 19.13 7.55 3.05
CA SER E 145 19.51 8.85 2.46
C SER E 145 20.97 8.90 2.08
N GLY E 146 21.32 9.92 1.28
CA GLY E 146 22.65 10.08 0.76
C GLY E 146 22.75 11.40 -0.01
N THR E 147 23.87 11.65 -0.68
CA THR E 147 24.06 12.94 -1.34
C THR E 147 24.22 12.81 -2.86
N LEU E 148 23.68 13.78 -3.58
CA LEU E 148 23.98 13.96 -5.01
C LEU E 148 24.75 15.21 -5.02
N MET E 149 25.99 15.17 -5.52
CA MET E 149 26.78 16.37 -5.70
C MET E 149 26.80 16.73 -7.19
N VAL E 150 26.37 17.93 -7.49
CA VAL E 150 26.31 18.44 -8.83
C VAL E 150 27.29 19.57 -8.88
N LEU E 151 28.47 19.27 -9.39
CA LEU E 151 29.53 20.26 -9.44
C LEU E 151 29.26 21.25 -10.60
N PRO E 152 29.64 22.51 -10.43
CA PRO E 152 29.55 23.35 -11.65
C PRO E 152 30.54 22.87 -12.73
N ARG E 153 30.23 23.06 -14.04
CA ARG E 153 31.12 22.62 -15.15
C ARG E 153 32.54 23.12 -14.97
N ASP E 154 32.73 24.38 -14.60
CA ASP E 154 34.10 24.94 -14.41
CA ASP E 154 34.07 24.97 -14.41
C ASP E 154 34.63 24.74 -12.98
N GLY E 155 34.01 23.83 -12.21
CA GLY E 155 34.46 23.60 -10.81
C GLY E 155 34.01 24.65 -9.81
N LEU E 156 34.54 24.53 -8.59
CA LEU E 156 34.13 25.39 -7.45
C LEU E 156 34.85 26.74 -7.46
N LYS E 157 34.14 27.77 -7.03
CA LYS E 157 34.67 29.12 -7.04
C LYS E 157 34.47 29.82 -5.69
N ASP E 158 35.45 30.64 -5.32
CA ASP E 158 35.33 31.52 -4.19
C ASP E 158 34.45 32.74 -4.51
N PRO E 159 34.22 33.61 -3.53
CA PRO E 159 33.22 34.66 -3.79
C PRO E 159 33.63 35.68 -4.88
N GLN E 160 34.93 35.77 -5.14
CA GLN E 160 35.48 36.68 -6.17
C GLN E 160 35.65 35.97 -7.54
N GLY E 161 35.19 34.74 -7.66
CA GLY E 161 35.32 34.00 -8.90
C GLY E 161 36.62 33.23 -9.05
N LYS E 162 37.50 33.28 -8.07
CA LYS E 162 38.75 32.51 -8.13
C LYS E 162 38.46 31.01 -7.95
N PRO E 163 39.23 30.14 -8.61
CA PRO E 163 38.93 28.73 -8.53
C PRO E 163 39.39 28.11 -7.24
N LEU E 164 38.60 27.14 -6.77
CA LEU E 164 38.93 26.35 -5.58
C LEU E 164 38.99 24.90 -6.00
N HIS E 165 39.95 24.16 -5.51
CA HIS E 165 40.17 22.81 -5.98
C HIS E 165 40.47 21.95 -4.78
N TYR E 166 39.98 20.72 -4.79
CA TYR E 166 40.32 19.78 -3.74
C TYR E 166 40.98 18.56 -4.29
N ASP E 167 41.79 17.95 -3.44
CA ASP E 167 42.48 16.72 -3.76
C ASP E 167 41.66 15.50 -3.43
N ARG E 168 40.78 15.62 -2.44
CA ARG E 168 39.97 14.49 -2.04
C ARG E 168 38.67 14.93 -1.39
N ALA E 169 37.60 14.25 -1.77
CA ALA E 169 36.29 14.43 -1.20
C ALA E 169 36.00 13.24 -0.28
N TYR E 170 35.42 13.54 0.88
CA TYR E 170 34.85 12.52 1.74
C TYR E 170 33.38 12.80 1.99
N THR E 171 32.60 11.74 2.14
CA THR E 171 31.22 11.93 2.39
C THR E 171 30.82 11.35 3.75
N ILE E 172 30.18 12.20 4.55
CA ILE E 172 29.69 11.85 5.90
C ILE E 172 28.18 12.05 5.92
N GLY E 173 27.44 11.02 6.22
CA GLY E 173 26.02 11.16 6.53
C GLY E 173 25.80 10.95 8.01
N GLU E 174 25.04 11.85 8.65
CA GLU E 174 24.76 11.85 10.05
C GLU E 174 23.32 11.42 10.24
N PHE E 175 23.12 10.41 11.08
CA PHE E 175 21.85 9.76 11.27
C PHE E 175 21.38 9.80 12.71
N ASP E 176 20.23 10.45 12.94
CA ASP E 176 19.56 10.51 14.22
C ASP E 176 18.68 9.31 14.30
N LEU E 177 18.94 8.48 15.31
CA LEU E 177 18.30 7.20 15.43
C LEU E 177 17.39 7.20 16.64
N TYR E 178 16.33 6.40 16.56
CA TYR E 178 15.25 6.42 17.50
C TYR E 178 14.99 4.95 17.96
N ILE E 179 15.92 4.38 18.72
CA ILE E 179 15.85 2.95 19.05
C ILE E 179 15.00 2.76 20.30
N PRO E 180 13.91 2.00 20.22
CA PRO E 180 13.09 1.80 21.41
C PRO E 180 13.78 1.04 22.55
N LYS E 181 13.21 1.22 23.74
CA LYS E 181 13.62 0.50 24.95
C LYS E 181 12.47 -0.26 25.55
N GLY E 182 12.76 -1.36 26.21
CA GLY E 182 11.74 -2.11 26.91
C GLY E 182 11.59 -1.59 28.33
N PRO E 183 10.74 -2.27 29.13
CA PRO E 183 10.49 -1.94 30.55
C PRO E 183 11.75 -2.00 31.43
N ASP E 184 12.66 -2.93 31.11
CA ASP E 184 13.98 -3.01 31.79
C ASP E 184 14.96 -1.86 31.47
N GLY E 185 14.54 -0.93 30.61
CA GLY E 185 15.40 0.19 30.24
C GLY E 185 16.50 -0.15 29.23
N LYS E 186 16.45 -1.33 28.63
CA LYS E 186 17.47 -1.74 27.65
C LYS E 186 16.89 -1.57 26.25
N TYR E 187 17.76 -1.30 25.30
CA TYR E 187 17.32 -1.24 23.91
C TYR E 187 16.74 -2.54 23.45
N LYS E 188 15.64 -2.44 22.75
CA LYS E 188 14.99 -3.60 22.14
C LYS E 188 15.74 -4.03 20.90
N ASP E 189 15.70 -5.34 20.71
CA ASP E 189 16.31 -6.03 19.59
C ASP E 189 15.21 -6.80 18.88
N TYR E 190 14.93 -6.47 17.63
CA TYR E 190 13.74 -6.99 16.96
C TYR E 190 14.15 -8.07 15.97
N ALA E 191 13.32 -9.11 15.90
CA ALA E 191 13.59 -10.21 15.00
C ALA E 191 13.33 -9.76 13.58
N THR E 192 12.38 -8.84 13.37
CA THR E 192 12.10 -8.39 12.00
C THR E 192 11.97 -6.89 11.91
N LEU E 193 12.21 -6.36 10.70
CA LEU E 193 11.99 -4.96 10.38
C LEU E 193 10.56 -4.54 10.75
N ALA E 194 9.59 -5.29 10.26
CA ALA E 194 8.19 -4.99 10.55
C ALA E 194 7.91 -4.81 12.02
N GLU E 195 8.50 -5.63 12.86
CA GLU E 195 8.25 -5.56 14.31
C GLU E 195 8.78 -4.31 15.00
N SER E 196 9.75 -3.66 14.38
CA SER E 196 10.34 -2.47 14.94
C SER E 196 9.48 -1.20 14.78
N TYR E 197 8.41 -1.26 13.99
CA TYR E 197 7.76 -0.04 13.45
C TYR E 197 7.06 0.79 14.50
N GLY E 198 6.09 0.20 15.17
CA GLY E 198 5.26 0.94 16.12
C GLY E 198 6.07 1.56 17.23
N ASP E 199 6.93 0.75 17.83
CA ASP E 199 7.75 1.22 18.93
C ASP E 199 8.67 2.33 18.44
N THR E 200 9.15 2.24 17.22
CA THR E 200 10.09 3.24 16.73
C THR E 200 9.39 4.58 16.53
N VAL E 201 8.20 4.52 15.94
CA VAL E 201 7.39 5.73 15.78
C VAL E 201 7.12 6.41 17.10
N GLN E 202 6.84 5.65 18.17
CA GLN E 202 6.70 6.25 19.51
CA GLN E 202 6.65 6.34 19.44
C GLN E 202 7.94 7.04 19.90
N VAL E 203 9.12 6.50 19.62
CA VAL E 203 10.34 7.20 20.03
C VAL E 203 10.53 8.47 19.20
N MET E 204 10.28 8.35 17.92
CA MET E 204 10.46 9.46 16.98
C MET E 204 9.65 10.66 17.45
N ARG E 205 8.42 10.41 17.90
CA ARG E 205 7.53 11.46 18.30
C ARG E 205 8.01 12.24 19.50
N THR E 206 8.95 11.70 20.27
CA THR E 206 9.54 12.45 21.36
C THR E 206 10.56 13.45 20.85
N LEU E 207 11.00 13.30 19.62
CA LEU E 207 12.02 14.15 18.99
C LEU E 207 13.40 14.04 19.64
N THR E 208 13.58 13.03 20.51
CA THR E 208 14.88 12.83 21.17
C THR E 208 15.52 11.57 20.61
N PRO E 209 16.58 11.71 19.81
CA PRO E 209 17.24 10.50 19.32
C PRO E 209 17.98 9.75 20.44
N SER E 210 18.05 8.43 20.32
CA SER E 210 18.80 7.58 21.25
C SER E 210 20.29 7.58 20.94
N HIS E 211 20.60 7.71 19.66
CA HIS E 211 21.95 7.74 19.12
C HIS E 211 21.96 8.72 17.95
N ILE E 212 23.09 9.37 17.73
CA ILE E 212 23.30 10.18 16.53
C ILE E 212 24.65 9.73 16.00
N VAL E 213 24.66 9.03 14.85
CA VAL E 213 25.89 8.43 14.33
C VAL E 213 26.31 8.94 12.94
N PHE E 214 27.63 9.03 12.73
CA PHE E 214 28.18 9.21 11.39
C PHE E 214 28.31 7.85 10.74
N ASN E 215 27.87 7.78 9.48
CA ASN E 215 28.07 6.63 8.63
C ASN E 215 27.68 5.33 9.28
N GLY E 216 26.62 5.36 10.06
CA GLY E 216 25.94 4.12 10.43
C GLY E 216 26.22 3.56 11.80
N LYS E 217 27.30 3.97 12.46
CA LYS E 217 27.54 3.56 13.84
C LYS E 217 28.45 4.46 14.63
N VAL E 218 28.34 4.34 15.95
CA VAL E 218 29.29 4.98 16.84
C VAL E 218 30.66 4.49 16.41
N GLY E 219 31.61 5.40 16.21
CA GLY E 219 32.98 5.00 15.82
C GLY E 219 33.23 4.57 14.37
N ALA E 220 32.25 4.77 13.49
CA ALA E 220 32.40 4.40 12.07
C ALA E 220 33.62 5.03 11.43
N LEU E 221 33.91 6.29 11.73
CA LEU E 221 35.03 7.02 11.15
C LEU E 221 36.14 7.26 12.17
N THR E 222 36.44 6.23 12.95
CA THR E 222 37.55 6.26 13.92
C THR E 222 38.40 4.97 13.88
N GLY E 223 39.59 5.05 14.45
CA GLY E 223 40.54 3.93 14.42
C GLY E 223 41.01 3.59 13.02
N ALA E 224 40.90 2.31 12.67
CA ALA E 224 41.33 1.84 11.34
C ALA E 224 40.56 2.59 10.25
N ASN E 225 39.36 3.07 10.60
CA ASN E 225 38.45 3.71 9.63
C ASN E 225 38.43 5.21 9.72
N ALA E 226 39.39 5.80 10.40
CA ALA E 226 39.57 7.25 10.36
C ALA E 226 39.72 7.71 8.93
N LEU E 227 39.26 8.92 8.64
CA LEU E 227 39.56 9.54 7.37
C LEU E 227 41.05 9.85 7.44
N THR E 228 41.69 10.08 6.28
CA THR E 228 43.13 10.37 6.23
C THR E 228 43.45 11.53 5.27
N ALA E 229 44.51 12.26 5.61
CA ALA E 229 44.97 13.39 4.82
C ALA E 229 46.45 13.67 5.18
N LYS E 230 47.02 14.71 4.58
CA LYS E 230 48.33 15.17 4.96
C LYS E 230 48.47 16.66 4.81
N VAL E 231 49.51 17.21 5.42
CA VAL E 231 49.70 18.60 5.41
C VAL E 231 49.80 19.07 3.96
N GLY E 232 49.13 20.15 3.64
CA GLY E 232 49.14 20.68 2.26
C GLY E 232 48.00 20.18 1.38
N GLU E 233 47.38 19.06 1.77
CA GLU E 233 46.22 18.52 1.06
C GLU E 233 44.92 19.30 1.38
N THR E 234 44.08 19.47 0.34
CA THR E 234 42.80 20.13 0.48
C THR E 234 41.75 19.05 0.35
N VAL E 235 40.85 19.00 1.35
CA VAL E 235 39.75 18.06 1.31
C VAL E 235 38.42 18.80 1.23
N LEU E 236 37.44 18.16 0.60
CA LEU E 236 36.07 18.63 0.62
C LEU E 236 35.37 17.66 1.55
N LEU E 237 34.74 18.19 2.60
CA LEU E 237 33.93 17.38 3.49
C LEU E 237 32.46 17.63 3.22
N ILE E 238 31.81 16.63 2.65
CA ILE E 238 30.38 16.63 2.35
C ILE E 238 29.65 16.03 3.53
N HIS E 239 28.63 16.74 4.04
CA HIS E 239 27.90 16.37 5.23
C HIS E 239 26.40 16.47 4.94
N SER E 240 25.71 15.35 5.07
CA SER E 240 24.30 15.28 4.83
C SER E 240 23.60 14.93 6.15
N GLN E 241 22.45 15.55 6.36
CA GLN E 241 21.51 15.18 7.42
C GLN E 241 20.11 15.30 6.84
N ALA E 242 19.49 14.18 6.54
CA ALA E 242 18.17 14.16 5.87
C ALA E 242 16.95 14.53 6.79
N ASN E 243 17.14 14.61 8.12
CA ASN E 243 16.00 14.74 9.05
C ASN E 243 16.17 15.75 10.16
N ARG E 244 17.39 16.14 10.47
CA ARG E 244 17.62 16.93 11.70
C ARG E 244 18.85 17.77 11.58
N ASP E 245 18.86 18.91 12.21
CA ASP E 245 19.97 19.85 12.06
C ASP E 245 21.23 19.24 12.71
N THR E 246 22.41 19.62 12.21
CA THR E 246 23.68 19.34 12.83
C THR E 246 24.60 20.53 12.60
N ARG E 247 25.74 20.57 13.29
CA ARG E 247 26.59 21.71 13.27
C ARG E 247 28.03 21.23 13.23
N PRO E 248 28.50 20.85 12.03
CA PRO E 248 29.84 20.32 11.89
C PRO E 248 30.96 21.27 12.33
N HIS E 249 32.02 20.66 12.84
CA HIS E 249 33.21 21.35 13.28
C HIS E 249 34.41 20.41 13.17
N LEU E 250 35.54 20.95 12.74
CA LEU E 250 36.77 20.21 12.66
C LEU E 250 37.69 20.77 13.74
N ILE E 251 37.95 19.98 14.79
CA ILE E 251 38.71 20.48 15.96
C ILE E 251 40.17 20.62 15.60
N GLY E 252 40.74 21.80 15.87
CA GLY E 252 42.09 22.11 15.45
C GLY E 252 42.18 22.62 14.02
N GLY E 253 41.06 22.64 13.31
CA GLY E 253 41.01 23.21 11.97
C GLY E 253 39.85 24.15 11.77
N HIS E 254 39.44 24.31 10.50
CA HIS E 254 38.42 25.27 10.11
C HIS E 254 37.72 24.83 8.87
N GLY E 255 36.68 25.57 8.55
CA GLY E 255 36.10 25.52 7.23
C GLY E 255 36.70 26.68 6.46
N ASP E 256 37.62 26.38 5.57
CA ASP E 256 38.32 27.46 4.82
C ASP E 256 37.28 28.16 3.94
N TRP E 257 36.50 27.35 3.24
CA TRP E 257 35.39 27.86 2.44
C TRP E 257 34.24 26.89 2.62
N VAL E 258 33.07 27.40 2.98
CA VAL E 258 31.96 26.54 3.30
C VAL E 258 30.70 27.00 2.65
N TRP E 259 29.99 26.03 2.08
CA TRP E 259 28.64 26.24 1.59
C TRP E 259 27.74 25.48 2.57
N GLU E 260 27.33 26.14 3.64
CA GLU E 260 26.53 25.42 4.67
C GLU E 260 25.15 25.00 4.15
N THR E 261 24.55 25.83 3.29
CA THR E 261 23.29 25.46 2.62
C THR E 261 23.55 24.58 1.41
N GLY E 262 24.82 24.42 1.08
CA GLY E 262 25.21 23.39 0.14
C GLY E 262 24.98 23.70 -1.35
N LYS E 263 24.92 24.98 -1.73
CA LYS E 263 24.61 25.34 -3.12
C LYS E 263 25.68 26.25 -3.76
N PHE E 264 26.38 25.69 -4.74
CA PHE E 264 27.67 26.23 -5.18
C PHE E 264 27.60 27.51 -6.01
N ALA E 265 26.43 27.88 -6.52
CA ALA E 265 26.31 29.15 -7.24
C ALA E 265 26.31 30.29 -6.26
N ASN E 266 26.17 30.00 -4.97
CA ASN E 266 26.24 31.07 -3.94
C ASN E 266 27.66 31.18 -3.49
N PRO E 267 28.09 32.38 -3.10
CA PRO E 267 29.42 32.49 -2.55
C PRO E 267 29.55 31.76 -1.21
N PRO E 268 30.66 31.06 -1.01
CA PRO E 268 30.92 30.44 0.27
C PRO E 268 31.31 31.45 1.32
N GLN E 269 31.32 30.98 2.56
CA GLN E 269 31.80 31.77 3.66
C GLN E 269 33.13 31.19 4.10
N ARG E 270 33.99 32.03 4.64
CA ARG E 270 35.32 31.57 5.04
C ARG E 270 35.61 31.67 6.53
N ASP E 271 36.63 30.91 6.92
CA ASP E 271 37.17 30.88 8.30
C ASP E 271 36.20 30.34 9.36
N LEU E 272 35.25 29.49 8.98
CA LEU E 272 34.22 29.12 9.93
C LEU E 272 34.83 28.17 10.99
N GLU E 273 34.44 28.36 12.24
CA GLU E 273 34.76 27.40 13.27
C GLU E 273 33.78 26.26 13.20
N THR E 274 32.49 26.63 13.12
CA THR E 274 31.43 25.62 13.12
C THR E 274 30.40 26.08 12.12
N TRP E 275 29.83 25.16 11.35
CA TRP E 275 28.81 25.52 10.35
C TRP E 275 27.54 24.77 10.62
N PHE E 276 26.54 24.89 9.73
CA PHE E 276 25.22 24.42 10.07
C PHE E 276 24.55 23.78 8.90
N ILE E 277 24.20 22.50 9.08
CA ILE E 277 23.50 21.75 8.08
C ILE E 277 22.07 21.57 8.56
N ARG E 278 21.13 22.15 7.83
CA ARG E 278 19.72 22.10 8.19
C ARG E 278 19.21 20.72 7.89
N GLY E 279 18.42 20.14 8.79
CA GLY E 279 17.77 18.88 8.48
C GLY E 279 17.09 18.97 7.11
N GLY E 280 17.27 17.94 6.28
CA GLY E 280 16.82 17.96 4.90
C GLY E 280 17.77 18.57 3.88
N SER E 281 19.07 18.58 4.19
CA SER E 281 20.08 19.17 3.31
C SER E 281 21.47 18.57 3.47
N ALA E 282 22.34 18.97 2.55
CA ALA E 282 23.74 18.56 2.55
C ALA E 282 24.52 19.82 2.26
N GLY E 283 25.63 20.00 2.96
CA GLY E 283 26.52 21.13 2.74
C GLY E 283 27.91 20.58 2.52
N ALA E 284 28.85 21.48 2.27
CA ALA E 284 30.20 21.05 1.93
C ALA E 284 31.19 22.09 2.41
N ALA E 285 32.30 21.61 2.95
CA ALA E 285 33.36 22.48 3.43
C ALA E 285 34.71 22.06 2.83
N LEU E 286 35.52 23.06 2.50
CA LEU E 286 36.88 22.82 2.03
C LEU E 286 37.80 23.17 3.17
N TYR E 287 38.84 22.36 3.36
CA TYR E 287 39.89 22.69 4.29
C TYR E 287 41.21 22.17 3.77
N THR E 288 42.27 22.95 3.98
CA THR E 288 43.62 22.59 3.57
C THR E 288 44.42 22.46 4.86
N PHE E 289 44.88 21.27 5.12
CA PHE E 289 45.57 21.00 6.36
C PHE E 289 46.90 21.70 6.41
N LYS E 290 47.24 22.20 7.59
CA LYS E 290 48.50 22.87 7.85
C LYS E 290 49.25 22.22 9.02
N GLN E 291 48.63 21.30 9.75
CA GLN E 291 49.27 20.69 10.92
C GLN E 291 48.95 19.23 10.91
N PRO E 292 49.92 18.39 11.29
CA PRO E 292 49.69 16.98 11.39
C PRO E 292 48.99 16.69 12.72
N GLY E 293 48.46 15.48 12.88
CA GLY E 293 47.78 15.08 14.11
C GLY E 293 46.46 14.40 13.83
N VAL E 294 45.86 13.81 14.87
CA VAL E 294 44.55 13.17 14.72
C VAL E 294 43.57 14.28 15.02
N TYR E 295 42.75 14.65 14.04
CA TYR E 295 41.73 15.66 14.25
C TYR E 295 40.44 14.94 14.59
N ALA E 296 39.51 15.65 15.22
CA ALA E 296 38.16 15.14 15.37
C ALA E 296 37.23 16.01 14.54
N TYR E 297 36.32 15.37 13.83
CA TYR E 297 35.30 16.08 13.03
C TYR E 297 34.00 15.65 13.65
N LEU E 298 33.21 16.61 14.11
CA LEU E 298 32.01 16.29 14.88
C LEU E 298 30.92 17.30 14.78
N ASN E 299 29.75 16.85 15.20
CA ASN E 299 28.62 17.69 15.55
C ASN E 299 28.89 18.43 16.87
N HIS E 300 28.95 19.75 16.83
CA HIS E 300 29.38 20.50 18.00
C HIS E 300 28.25 20.83 18.95
N ASN E 301 27.18 20.04 18.94
CA ASN E 301 26.50 19.85 20.19
C ASN E 301 27.27 18.68 20.80
N LEU E 302 28.07 19.00 21.81
CA LEU E 302 29.08 18.09 22.30
C LEU E 302 28.45 16.87 22.99
N ILE E 303 27.25 17.04 23.53
CA ILE E 303 26.51 15.87 24.01
C ILE E 303 26.17 14.91 22.86
N GLU E 304 25.67 15.49 21.77
CA GLU E 304 25.35 14.68 20.59
C GLU E 304 26.64 14.02 20.04
N ALA E 305 27.78 14.69 20.14
CA ALA E 305 29.03 14.13 19.62
C ALA E 305 29.49 13.02 20.55
N PHE E 306 29.82 13.37 21.78
CA PHE E 306 30.55 12.44 22.63
C PHE E 306 29.66 11.45 23.36
N GLU E 307 28.45 11.85 23.72
CA GLU E 307 27.51 10.94 24.36
C GLU E 307 26.69 10.14 23.37
N LEU E 308 26.24 10.72 22.24
CA LEU E 308 25.30 9.98 21.34
C LEU E 308 25.90 9.45 20.04
N GLY E 309 27.09 9.93 19.67
CA GLY E 309 27.91 9.28 18.65
C GLY E 309 28.33 10.08 17.44
N ALA E 310 28.01 11.37 17.40
CA ALA E 310 28.19 12.17 16.18
C ALA E 310 29.58 12.76 16.10
N ALA E 311 30.56 11.88 15.92
CA ALA E 311 32.00 12.26 15.90
C ALA E 311 32.83 11.23 15.14
N GLY E 312 33.80 11.73 14.40
CA GLY E 312 34.79 10.88 13.72
C GLY E 312 36.16 11.53 13.79
N HIS E 313 37.13 10.95 13.09
CA HIS E 313 38.49 11.47 13.17
C HIS E 313 39.13 11.56 11.81
N ILE E 314 40.09 12.47 11.68
CA ILE E 314 40.92 12.59 10.49
C ILE E 314 42.41 12.50 10.92
N LYS E 315 43.06 11.42 10.52
CA LYS E 315 44.49 11.24 10.82
C LYS E 315 45.34 11.91 9.75
N VAL E 316 46.09 12.94 10.15
CA VAL E 316 46.85 13.78 9.21
C VAL E 316 48.39 13.62 9.37
N GLU E 317 49.05 13.20 8.28
CA GLU E 317 50.53 13.08 8.20
C GLU E 317 51.20 14.41 7.87
N GLY E 318 52.46 14.57 8.29
CA GLY E 318 53.23 15.75 7.95
C GLY E 318 53.99 16.36 9.10
N LYS E 319 54.45 17.58 8.87
CA LYS E 319 55.41 18.20 9.73
C LYS E 319 54.77 19.34 10.54
N TRP E 320 54.98 19.29 11.87
CA TRP E 320 54.44 20.27 12.80
C TRP E 320 55.01 21.66 12.54
N ASN E 321 54.17 22.68 12.69
CA ASN E 321 54.50 24.07 12.40
C ASN E 321 54.37 24.98 13.64
N ASP E 322 55.50 25.29 14.25
CA ASP E 322 55.55 26.01 15.52
C ASP E 322 55.14 27.45 15.37
N ASP E 323 55.15 27.95 14.14
CA ASP E 323 54.69 29.31 13.94
C ASP E 323 53.17 29.35 14.12
N LEU E 324 52.47 28.34 13.66
CA LEU E 324 50.99 28.30 13.80
C LEU E 324 50.61 28.00 15.26
N MET E 325 51.34 27.07 15.87
CA MET E 325 51.10 26.75 17.27
C MET E 325 52.33 26.15 17.94
N LYS E 326 52.65 26.64 19.12
CA LYS E 326 53.76 26.08 19.85
C LYS E 326 53.47 25.94 21.34
N GLN E 327 53.86 24.80 21.88
CA GLN E 327 53.86 24.60 23.33
C GLN E 327 55.06 25.33 23.91
N ILE E 328 54.82 26.53 24.43
CA ILE E 328 55.89 27.36 24.94
C ILE E 328 56.42 26.73 26.23
N LYS E 329 55.52 26.36 27.14
CA LYS E 329 55.87 25.59 28.35
C LYS E 329 54.93 24.41 28.53
N ALA E 330 55.49 23.22 28.51
CA ALA E 330 54.72 22.03 28.80
C ALA E 330 54.12 22.05 30.22
N PRO E 331 53.01 21.33 30.40
CA PRO E 331 52.37 21.23 31.71
C PRO E 331 53.41 20.93 32.80
N ALA E 332 53.50 21.79 33.82
CA ALA E 332 54.45 21.57 34.91
C ALA E 332 53.97 22.27 36.18
N PRO E 333 54.62 21.97 37.33
CA PRO E 333 54.21 22.57 38.58
C PRO E 333 54.08 24.07 38.54
N ILE E 334 53.05 24.60 39.16
CA ILE E 334 52.87 26.05 39.28
C ILE E 334 54.10 26.57 40.02
N PRO E 335 54.66 27.68 39.57
CA PRO E 335 55.82 28.21 40.27
C PRO E 335 55.52 28.51 41.71
N ARG E 336 56.49 28.18 42.55
CA ARG E 336 56.34 28.38 43.97
C ARG E 336 57.29 29.48 44.27
N ASP F 2 -31.09 10.11 -0.60
CA ASP F 2 -29.66 10.53 -0.66
C ASP F 2 -28.80 9.94 0.50
N ALA F 3 -27.82 9.12 0.12
CA ALA F 3 -27.00 8.36 1.05
C ALA F 3 -26.31 9.20 2.11
N ASP F 4 -25.85 10.40 1.76
CA ASP F 4 -25.07 11.25 2.68
C ASP F 4 -25.89 11.58 3.96
N LYS F 5 -27.21 11.71 3.79
CA LYS F 5 -28.11 12.05 4.90
C LYS F 5 -28.79 10.87 5.59
N LEU F 6 -28.51 9.63 5.14
CA LEU F 6 -29.00 8.45 5.87
C LEU F 6 -28.28 8.25 7.20
N PRO F 7 -28.89 7.51 8.14
CA PRO F 7 -28.16 7.14 9.34
C PRO F 7 -26.97 6.20 9.07
N HIS F 8 -25.91 6.37 9.85
CA HIS F 8 -24.68 5.60 9.74
C HIS F 8 -24.51 4.77 11.00
N THR F 9 -24.36 3.45 10.88
CA THR F 9 -24.00 2.58 12.00
C THR F 9 -22.69 1.85 11.74
N LYS F 10 -21.98 1.54 12.82
CA LYS F 10 -20.70 0.87 12.74
C LYS F 10 -20.88 -0.57 13.14
N VAL F 11 -20.41 -1.50 12.29
CA VAL F 11 -20.45 -2.90 12.67
C VAL F 11 -19.05 -3.39 13.00
N THR F 12 -18.93 -4.15 14.07
CA THR F 12 -17.67 -4.77 14.43
C THR F 12 -17.64 -6.16 13.78
N LEU F 13 -16.58 -6.45 13.03
CA LEU F 13 -16.48 -7.74 12.31
C LEU F 13 -15.96 -8.82 13.23
N VAL F 14 -16.45 -10.04 13.03
CA VAL F 14 -15.86 -11.22 13.67
C VAL F 14 -15.21 -12.22 12.67
N ALA F 15 -14.24 -12.96 13.20
CA ALA F 15 -13.44 -13.87 12.44
C ALA F 15 -14.27 -15.11 12.03
N PRO F 16 -14.04 -15.61 10.81
CA PRO F 16 -14.65 -16.85 10.39
C PRO F 16 -14.31 -17.97 11.35
N PRO F 17 -15.12 -19.03 11.44
CA PRO F 17 -16.30 -19.29 10.65
C PRO F 17 -17.55 -18.58 11.14
N GLN F 18 -17.47 -17.80 12.22
CA GLN F 18 -18.66 -17.11 12.72
CA GLN F 18 -18.61 -17.11 12.76
C GLN F 18 -18.90 -15.88 11.87
N VAL F 19 -20.14 -15.39 11.93
CA VAL F 19 -20.54 -14.17 11.25
C VAL F 19 -21.00 -13.18 12.31
N HIS F 20 -20.73 -11.90 12.09
CA HIS F 20 -21.19 -10.91 13.06
C HIS F 20 -22.71 -10.90 13.26
N PRO F 21 -23.14 -10.53 14.48
CA PRO F 21 -24.58 -10.50 14.78
C PRO F 21 -25.33 -9.59 13.82
N HIS F 22 -26.51 -10.04 13.41
CA HIS F 22 -27.30 -9.29 12.46
C HIS F 22 -28.71 -9.82 12.52
N GLU F 23 -29.62 -9.04 11.95
CA GLU F 23 -31.00 -9.43 11.82
C GLU F 23 -31.23 -9.99 10.45
N GLN F 24 -32.12 -10.96 10.35
CA GLN F 24 -32.60 -11.41 9.07
C GLN F 24 -33.68 -10.43 8.56
N ALA F 25 -34.97 -10.74 8.77
CA ALA F 25 -36.04 -9.76 8.51
C ALA F 25 -35.86 -8.61 9.51
N THR F 26 -35.83 -7.39 8.99
CA THR F 26 -35.60 -6.20 9.81
C THR F 26 -36.67 -5.16 9.48
N LYS F 27 -36.99 -4.35 10.48
CA LYS F 27 -37.96 -3.27 10.31
C LYS F 27 -37.27 -1.94 10.10
N SER F 28 -35.93 -1.93 10.30
CA SER F 28 -35.12 -0.76 9.94
C SER F 28 -35.21 -0.41 8.47
N GLY F 29 -34.93 0.85 8.18
CA GLY F 29 -34.83 1.29 6.80
C GLY F 29 -33.36 1.37 6.39
N PRO F 30 -33.11 1.69 5.12
CA PRO F 30 -31.78 1.80 4.59
C PRO F 30 -30.84 2.56 5.53
N LYS F 31 -29.61 2.05 5.68
CA LYS F 31 -28.53 2.69 6.42
C LYS F 31 -27.21 2.65 5.64
N VAL F 32 -26.31 3.60 5.92
CA VAL F 32 -24.92 3.45 5.55
C VAL F 32 -24.25 2.62 6.65
N VAL F 33 -23.90 1.36 6.34
CA VAL F 33 -23.25 0.48 7.32
C VAL F 33 -21.72 0.53 7.12
N GLU F 34 -21.03 0.98 8.17
CA GLU F 34 -19.58 1.23 8.17
C GLU F 34 -18.78 0.03 8.69
N PHE F 35 -17.78 -0.37 7.91
CA PHE F 35 -16.83 -1.42 8.26
C PHE F 35 -15.42 -0.95 8.06
N THR F 36 -14.50 -1.53 8.83
CA THR F 36 -13.06 -1.33 8.62
C THR F 36 -12.38 -2.68 8.49
N MET F 37 -11.47 -2.79 7.52
CA MET F 37 -10.65 -3.97 7.38
C MET F 37 -9.21 -3.56 7.15
N THR F 38 -8.31 -4.33 7.76
CA THR F 38 -6.87 -4.11 7.69
C THR F 38 -6.18 -5.32 7.03
N ILE F 39 -5.43 -5.05 5.99
CA ILE F 39 -4.74 -6.06 5.25
C ILE F 39 -3.52 -6.53 6.03
N GLU F 40 -3.41 -7.83 6.24
CA GLU F 40 -2.27 -8.43 6.92
CA GLU F 40 -2.24 -8.42 6.89
C GLU F 40 -1.63 -9.47 5.95
N GLU F 41 -0.42 -9.18 5.48
CA GLU F 41 0.45 -10.15 4.82
C GLU F 41 1.16 -10.98 5.93
N LYS F 42 1.18 -12.30 5.83
CA LYS F 42 1.81 -13.13 6.85
C LYS F 42 2.08 -14.54 6.36
N LYS F 43 3.10 -15.16 6.95
CA LYS F 43 3.46 -16.51 6.56
C LYS F 43 2.59 -17.40 7.37
N MET F 44 1.87 -18.34 6.76
CA MET F 44 0.94 -19.18 7.52
C MET F 44 1.21 -20.66 7.28
N VAL F 45 1.03 -21.47 8.33
CA VAL F 45 1.21 -22.91 8.24
C VAL F 45 -0.10 -23.53 7.77
N ILE F 46 -0.08 -24.25 6.64
CA ILE F 46 -1.31 -24.67 5.99
C ILE F 46 -1.63 -26.16 6.05
N ASP F 47 -0.69 -26.98 6.53
CA ASP F 47 -0.94 -28.44 6.66
C ASP F 47 -0.18 -29.02 7.85
N ASP F 48 -0.49 -30.28 8.16
CA ASP F 48 0.03 -30.94 9.37
C ASP F 48 1.55 -31.25 9.25
N LYS F 49 2.08 -31.27 8.03
CA LYS F 49 3.53 -31.36 7.76
C LYS F 49 4.33 -30.06 8.03
N GLY F 50 3.67 -28.95 8.34
CA GLY F 50 4.37 -27.66 8.47
C GLY F 50 4.66 -26.88 7.19
N THR F 51 4.00 -27.26 6.09
CA THR F 51 4.11 -26.50 4.84
C THR F 51 3.58 -25.09 5.12
N THR F 52 4.27 -24.08 4.62
CA THR F 52 3.83 -22.72 4.82
C THR F 52 3.36 -22.08 3.52
N LEU F 53 2.51 -21.05 3.65
CA LEU F 53 2.11 -20.19 2.54
C LEU F 53 2.49 -18.77 2.84
N GLN F 54 3.12 -18.09 1.89
CA GLN F 54 3.32 -16.67 2.02
C GLN F 54 1.98 -16.04 1.65
N ALA F 55 1.16 -15.78 2.67
CA ALA F 55 -0.25 -15.47 2.53
C ALA F 55 -0.53 -13.96 2.55
N MET F 56 -1.69 -13.58 2.01
CA MET F 56 -2.19 -12.20 2.05
C MET F 56 -3.64 -12.26 2.48
N THR F 57 -4.04 -11.44 3.45
CA THR F 57 -5.34 -11.57 4.05
C THR F 57 -6.01 -10.23 4.34
N PHE F 58 -7.33 -10.27 4.38
CA PHE F 58 -8.12 -9.20 4.95
C PHE F 58 -8.31 -9.55 6.40
N ASN F 59 -7.89 -8.64 7.29
CA ASN F 59 -8.11 -8.79 8.71
C ASN F 59 -7.45 -10.01 9.33
N GLY F 60 -6.41 -10.55 8.69
CA GLY F 60 -5.62 -11.62 9.28
C GLY F 60 -6.16 -13.05 9.16
N SER F 61 -7.26 -13.24 8.42
CA SER F 61 -7.90 -14.56 8.32
C SER F 61 -8.12 -14.93 6.86
N MET F 62 -8.21 -16.22 6.59
CA MET F 62 -8.63 -16.74 5.30
C MET F 62 -9.84 -17.55 5.64
N PRO F 63 -11.01 -17.16 5.13
CA PRO F 63 -11.28 -15.98 4.35
C PRO F 63 -11.25 -14.75 5.20
N GLY F 64 -11.34 -13.58 4.57
CA GLY F 64 -11.73 -12.37 5.29
C GLY F 64 -13.07 -12.54 6.00
N PRO F 65 -13.39 -11.64 6.91
CA PRO F 65 -14.69 -11.79 7.58
C PRO F 65 -15.86 -11.52 6.65
N THR F 66 -16.99 -12.15 6.93
CA THR F 66 -18.21 -11.93 6.20
C THR F 66 -18.88 -10.63 6.71
N LEU F 67 -19.15 -9.71 5.79
CA LEU F 67 -19.87 -8.46 6.04
C LEU F 67 -21.33 -8.69 5.65
N VAL F 68 -22.24 -8.45 6.60
CA VAL F 68 -23.69 -8.59 6.39
C VAL F 68 -24.39 -7.21 6.47
N VAL F 69 -25.16 -6.89 5.44
CA VAL F 69 -26.07 -5.75 5.44
C VAL F 69 -27.39 -6.20 4.83
N HIS F 70 -28.34 -5.29 4.66
CA HIS F 70 -29.61 -5.61 3.98
C HIS F 70 -29.74 -4.85 2.70
N GLU F 71 -30.52 -5.43 1.81
CA GLU F 71 -30.74 -4.86 0.49
C GLU F 71 -31.23 -3.44 0.65
N GLY F 72 -30.62 -2.53 -0.08
CA GLY F 72 -30.93 -1.10 0.05
C GLY F 72 -29.99 -0.35 0.94
N ASP F 73 -29.32 -1.04 1.87
CA ASP F 73 -28.24 -0.44 2.63
C ASP F 73 -27.06 -0.02 1.74
N TYR F 74 -26.17 0.78 2.30
CA TYR F 74 -24.94 1.18 1.65
C TYR F 74 -23.79 0.62 2.51
N VAL F 75 -22.76 0.10 1.83
CA VAL F 75 -21.60 -0.42 2.53
C VAL F 75 -20.56 0.64 2.39
N GLN F 76 -19.97 1.02 3.51
CA GLN F 76 -18.91 2.00 3.50
C GLN F 76 -17.70 1.38 4.20
N LEU F 77 -16.69 1.02 3.42
CA LEU F 77 -15.53 0.28 3.93
C LEU F 77 -14.35 1.19 3.97
N THR F 78 -13.69 1.21 5.12
CA THR F 78 -12.37 1.80 5.20
C THR F 78 -11.41 0.62 5.12
N LEU F 79 -10.55 0.63 4.09
CA LEU F 79 -9.55 -0.41 3.86
C LEU F 79 -8.17 0.16 4.17
N VAL F 80 -7.46 -0.48 5.11
CA VAL F 80 -6.18 -0.01 5.61
C VAL F 80 -5.10 -0.99 5.20
N ASN F 81 -4.02 -0.46 4.62
CA ASN F 81 -2.86 -1.24 4.24
C ASN F 81 -1.69 -0.73 5.07
N PRO F 82 -1.40 -1.38 6.19
CA PRO F 82 -0.35 -0.94 7.12
C PRO F 82 1.03 -0.71 6.52
N ALA F 83 1.77 0.20 7.11
CA ALA F 83 3.10 0.55 6.64
C ALA F 83 4.04 -0.63 6.57
N THR F 84 3.79 -1.67 7.35
CA THR F 84 4.71 -2.80 7.37
C THR F 84 4.46 -3.91 6.31
N ASN F 85 3.45 -3.75 5.45
CA ASN F 85 3.19 -4.70 4.35
C ASN F 85 4.13 -4.38 3.22
N ALA F 86 4.33 -5.37 2.34
CA ALA F 86 5.18 -5.24 1.14
C ALA F 86 4.44 -4.75 -0.12
N MET F 87 3.17 -5.10 -0.27
CA MET F 87 2.48 -4.89 -1.57
C MET F 87 1.32 -3.91 -1.54
N PRO F 88 0.99 -3.34 -2.71
CA PRO F 88 -0.28 -2.60 -2.85
C PRO F 88 -1.44 -3.56 -2.84
N HIS F 89 -2.60 -3.10 -2.40
CA HIS F 89 -3.81 -3.86 -2.40
C HIS F 89 -5.05 -2.98 -2.76
N ASN F 90 -6.23 -3.58 -2.85
CA ASN F 90 -7.48 -2.85 -3.05
C ASN F 90 -8.58 -3.83 -2.73
N VAL F 91 -9.83 -3.53 -3.10
CA VAL F 91 -10.92 -4.46 -2.93
C VAL F 91 -11.95 -4.32 -4.05
N ASP F 92 -12.46 -5.47 -4.48
CA ASP F 92 -13.44 -5.56 -5.55
C ASP F 92 -14.58 -6.28 -4.94
N PHE F 93 -15.72 -5.61 -4.77
CA PHE F 93 -16.92 -6.24 -4.24
C PHE F 93 -17.80 -6.65 -5.40
N HIS F 94 -18.04 -7.95 -5.57
CA HIS F 94 -18.94 -8.39 -6.60
C HIS F 94 -20.39 -7.86 -6.34
N GLY F 95 -20.66 -7.41 -5.12
CA GLY F 95 -21.98 -6.88 -4.78
C GLY F 95 -22.20 -5.41 -5.17
N ALA F 96 -21.16 -4.75 -5.69
CA ALA F 96 -21.12 -3.31 -5.96
C ALA F 96 -21.20 -3.07 -7.46
N THR F 97 -21.50 -1.84 -7.88
CA THR F 97 -21.57 -1.56 -9.30
C THR F 97 -20.65 -0.44 -9.65
N GLY F 98 -19.77 -0.68 -10.62
CA GLY F 98 -18.83 0.31 -11.07
C GLY F 98 -17.38 0.13 -10.57
N ALA F 99 -16.47 0.73 -11.34
CA ALA F 99 -15.08 0.88 -10.98
C ALA F 99 -14.46 -0.48 -10.55
N LEU F 100 -14.66 -1.46 -11.42
CA LEU F 100 -14.18 -2.80 -11.19
C LEU F 100 -14.49 -3.24 -9.76
N GLY F 101 -15.72 -3.00 -9.31
CA GLY F 101 -16.18 -3.44 -8.01
C GLY F 101 -15.71 -2.56 -6.88
N GLY F 102 -15.04 -1.47 -7.21
CA GLY F 102 -14.40 -0.62 -6.22
C GLY F 102 -12.88 -0.65 -6.26
N ALA F 103 -12.32 -1.61 -6.99
CA ALA F 103 -10.88 -1.79 -7.12
C ALA F 103 -10.16 -0.54 -7.57
N LYS F 104 -10.70 0.14 -8.59
CA LYS F 104 -10.07 1.39 -9.08
C LYS F 104 -10.04 2.53 -8.04
N LEU F 105 -10.85 2.44 -7.02
CA LEU F 105 -11.03 3.54 -6.06
C LEU F 105 -10.42 3.24 -4.68
N THR F 106 -9.81 2.06 -4.54
CA THR F 106 -9.26 1.62 -3.27
C THR F 106 -7.79 1.16 -3.37
N ASN F 107 -7.00 1.72 -4.29
CA ASN F 107 -5.64 1.31 -4.46
C ASN F 107 -4.80 1.90 -3.36
N VAL F 108 -4.60 1.10 -2.32
CA VAL F 108 -3.82 1.49 -1.17
C VAL F 108 -2.44 0.84 -1.14
N ASN F 109 -1.42 1.66 -1.26
CA ASN F 109 -0.03 1.22 -1.03
C ASN F 109 0.24 1.07 0.44
N PRO F 110 1.29 0.32 0.84
CA PRO F 110 1.50 0.23 2.30
C PRO F 110 1.69 1.60 2.91
N GLY F 111 1.02 1.82 4.05
CA GLY F 111 1.03 3.12 4.70
C GLY F 111 -0.22 3.97 4.44
N GLU F 112 -1.09 3.49 3.54
CA GLU F 112 -2.31 4.17 3.15
C GLU F 112 -3.57 3.41 3.49
N GLN F 113 -4.66 4.16 3.50
CA GLN F 113 -6.01 3.63 3.58
C GLN F 113 -6.91 4.46 2.66
N ALA F 114 -8.13 3.98 2.49
CA ALA F 114 -9.12 4.58 1.59
C ALA F 114 -10.46 4.17 2.12
N THR F 115 -11.50 4.93 1.75
CA THR F 115 -12.85 4.59 2.18
C THR F 115 -13.77 4.63 0.97
N LEU F 116 -14.51 3.56 0.80
CA LEU F 116 -15.34 3.35 -0.37
C LEU F 116 -16.76 3.17 0.13
N ARG F 117 -17.71 3.75 -0.62
CA ARG F 117 -19.13 3.46 -0.40
C ARG F 117 -19.77 2.94 -1.63
N PHE F 118 -20.66 1.97 -1.47
CA PHE F 118 -21.49 1.54 -2.56
C PHE F 118 -22.83 1.11 -2.05
N LYS F 119 -23.78 1.09 -2.95
CA LYS F 119 -25.12 0.67 -2.62
C LYS F 119 -25.24 -0.80 -2.83
N ALA F 120 -25.70 -1.47 -1.78
CA ALA F 120 -25.87 -2.90 -1.83
C ALA F 120 -27.30 -3.13 -2.31
N ASP F 121 -27.52 -2.91 -3.60
CA ASP F 121 -28.91 -2.91 -4.11
C ASP F 121 -29.37 -4.27 -4.61
N ARG F 122 -28.57 -5.30 -4.39
CA ARG F 122 -28.91 -6.64 -4.84
C ARG F 122 -28.67 -7.62 -3.71
N SER F 123 -29.66 -8.48 -3.50
CA SER F 123 -29.60 -9.43 -2.42
C SER F 123 -28.80 -10.66 -2.84
N GLY F 124 -28.07 -11.22 -1.87
CA GLY F 124 -27.36 -12.48 -2.07
C GLY F 124 -26.04 -12.54 -1.31
N THR F 125 -25.36 -13.66 -1.42
CA THR F 125 -23.98 -13.78 -0.99
C THR F 125 -23.12 -13.44 -2.18
N PHE F 126 -22.16 -12.53 -1.95
CA PHE F 126 -21.28 -12.04 -2.96
C PHE F 126 -19.82 -12.09 -2.50
N VAL F 127 -18.94 -12.54 -3.38
CA VAL F 127 -17.53 -12.49 -3.12
C VAL F 127 -16.98 -11.06 -3.17
N TYR F 128 -16.05 -10.76 -2.25
CA TYR F 128 -15.14 -9.60 -2.39
C TYR F 128 -13.70 -10.15 -2.38
N HIS F 129 -12.80 -9.50 -3.09
CA HIS F 129 -11.43 -9.98 -3.22
C HIS F 129 -10.50 -8.86 -3.63
N CYS F 130 -9.20 -9.02 -3.34
CA CYS F 130 -8.21 -8.04 -3.77
C CYS F 130 -8.00 -8.20 -5.28
N ALA F 131 -7.65 -7.12 -5.97
CA ALA F 131 -7.45 -7.15 -7.42
C ALA F 131 -6.50 -6.04 -7.87
N PRO F 132 -5.23 -6.10 -7.46
CA PRO F 132 -4.28 -5.11 -7.90
C PRO F 132 -3.88 -5.37 -9.32
N GLU F 133 -3.87 -4.34 -10.14
CA GLU F 133 -3.60 -4.51 -11.55
C GLU F 133 -2.32 -5.29 -11.76
N GLY F 134 -2.38 -6.30 -12.62
CA GLY F 134 -1.21 -7.13 -12.94
C GLY F 134 -0.95 -8.29 -11.98
N MET F 135 -1.65 -8.37 -10.85
CA MET F 135 -1.32 -9.37 -9.86
C MET F 135 -2.56 -9.99 -9.25
N VAL F 136 -3.66 -9.99 -9.98
CA VAL F 136 -4.93 -10.37 -9.39
C VAL F 136 -4.91 -11.84 -8.92
N PRO F 137 -4.59 -12.78 -9.83
CA PRO F 137 -4.61 -14.16 -9.38
C PRO F 137 -3.74 -14.41 -8.15
N TRP F 138 -2.54 -13.85 -8.10
CA TRP F 138 -1.64 -14.13 -6.99
C TRP F 138 -2.26 -13.68 -5.68
N HIS F 139 -2.78 -12.45 -5.67
CA HIS F 139 -3.38 -11.94 -4.45
C HIS F 139 -4.56 -12.73 -4.02
N VAL F 140 -5.40 -13.14 -4.97
CA VAL F 140 -6.54 -13.93 -4.59
C VAL F 140 -6.15 -15.32 -4.11
N VAL F 141 -5.26 -16.03 -4.81
CA VAL F 141 -5.00 -17.40 -4.36
C VAL F 141 -4.16 -17.41 -3.07
N SER F 142 -3.46 -16.31 -2.81
CA SER F 142 -2.69 -16.14 -1.58
C SER F 142 -3.56 -15.81 -0.37
N GLY F 143 -4.88 -15.66 -0.57
CA GLY F 143 -5.84 -15.54 0.55
C GLY F 143 -6.79 -14.33 0.64
N MET F 144 -6.71 -13.38 -0.27
CA MET F 144 -7.47 -12.14 -0.17
C MET F 144 -8.86 -12.29 -0.78
N SER F 145 -9.74 -12.99 -0.08
CA SER F 145 -11.12 -12.99 -0.45
C SER F 145 -12.01 -13.26 0.75
N GLY F 146 -13.29 -12.89 0.60
CA GLY F 146 -14.33 -13.19 1.59
C GLY F 146 -15.71 -12.96 0.98
N THR F 147 -16.74 -12.94 1.84
CA THR F 147 -18.13 -12.80 1.42
C THR F 147 -18.82 -11.55 2.00
N LEU F 148 -19.58 -10.86 1.13
CA LEU F 148 -20.56 -9.86 1.53
C LEU F 148 -21.90 -10.55 1.39
N MET F 149 -22.65 -10.67 2.49
CA MET F 149 -24.03 -11.15 2.43
C MET F 149 -25.02 -9.98 2.53
N VAL F 150 -25.81 -9.78 1.48
CA VAL F 150 -26.85 -8.78 1.43
C VAL F 150 -28.18 -9.49 1.61
N LEU F 151 -28.70 -9.50 2.83
CA LEU F 151 -30.02 -10.12 3.10
C LEU F 151 -31.12 -9.24 2.54
N PRO F 152 -32.20 -9.85 2.02
CA PRO F 152 -33.37 -9.02 1.70
C PRO F 152 -33.98 -8.41 2.99
N ARG F 153 -34.62 -7.23 2.93
CA ARG F 153 -35.20 -6.65 4.19
C ARG F 153 -36.18 -7.55 4.91
N ASP F 154 -36.98 -8.32 4.17
CA ASP F 154 -37.94 -9.22 4.82
CA ASP F 154 -37.95 -9.22 4.75
C ASP F 154 -37.36 -10.62 5.02
N GLY F 155 -36.04 -10.74 4.96
CA GLY F 155 -35.38 -12.05 5.20
C GLY F 155 -35.54 -13.04 4.04
N LEU F 156 -35.12 -14.27 4.28
CA LEU F 156 -35.06 -15.26 3.21
C LEU F 156 -36.44 -15.88 2.90
N LYS F 157 -36.67 -16.17 1.62
CA LYS F 157 -37.91 -16.78 1.15
C LYS F 157 -37.69 -18.09 0.38
N ASP F 158 -38.59 -19.04 0.62
CA ASP F 158 -38.67 -20.23 -0.18
C ASP F 158 -39.27 -19.85 -1.54
N PRO F 159 -39.39 -20.79 -2.47
CA PRO F 159 -39.85 -20.43 -3.81
C PRO F 159 -41.32 -19.96 -3.90
N GLN F 160 -42.13 -20.35 -2.92
CA GLN F 160 -43.54 -19.95 -2.84
C GLN F 160 -43.71 -18.73 -1.92
N GLY F 161 -42.62 -18.06 -1.58
CA GLY F 161 -42.67 -16.84 -0.77
C GLY F 161 -42.75 -17.04 0.74
N LYS F 162 -42.71 -18.27 1.21
CA LYS F 162 -42.79 -18.51 2.65
C LYS F 162 -41.46 -18.16 3.31
N PRO F 163 -41.46 -17.64 4.53
CA PRO F 163 -40.21 -17.24 5.17
C PRO F 163 -39.34 -18.42 5.56
N LEU F 164 -38.04 -18.24 5.40
CA LEU F 164 -37.04 -19.22 5.81
C LEU F 164 -36.13 -18.49 6.79
N HIS F 165 -35.80 -19.12 7.89
CA HIS F 165 -35.14 -18.44 8.96
C HIS F 165 -34.08 -19.37 9.47
N TYR F 166 -32.94 -18.80 9.85
CA TYR F 166 -31.84 -19.61 10.38
C TYR F 166 -31.45 -19.13 11.76
N ASP F 167 -31.00 -20.10 12.55
CA ASP F 167 -30.54 -19.86 13.91
C ASP F 167 -29.10 -19.35 13.97
N ARG F 168 -28.24 -19.82 13.07
CA ARG F 168 -26.81 -19.50 13.12
C ARG F 168 -26.28 -19.55 11.68
N ALA F 169 -25.48 -18.58 11.29
CA ALA F 169 -24.78 -18.62 10.00
C ALA F 169 -23.32 -18.96 10.26
N TYR F 170 -22.75 -19.75 9.34
CA TYR F 170 -21.33 -20.06 9.37
C TYR F 170 -20.79 -19.70 8.02
N THR F 171 -19.58 -19.13 8.00
CA THR F 171 -18.94 -18.78 6.76
C THR F 171 -17.67 -19.64 6.54
N ILE F 172 -17.66 -20.36 5.41
CA ILE F 172 -16.53 -21.19 4.95
C ILE F 172 -16.00 -20.63 3.64
N GLY F 173 -14.73 -20.26 3.62
CA GLY F 173 -14.03 -19.90 2.39
C GLY F 173 -13.11 -21.05 1.97
N GLU F 174 -13.11 -21.42 0.70
CA GLU F 174 -12.31 -22.54 0.23
C GLU F 174 -11.22 -21.99 -0.65
N PHE F 175 -9.98 -22.37 -0.34
CA PHE F 175 -8.79 -21.81 -0.99
C PHE F 175 -7.99 -22.88 -1.72
N ASP F 176 -7.92 -22.74 -3.04
CA ASP F 176 -7.04 -23.54 -3.88
C ASP F 176 -5.68 -22.89 -3.82
N LEU F 177 -4.69 -23.63 -3.28
CA LEU F 177 -3.32 -23.11 -3.07
C LEU F 177 -2.33 -23.73 -4.04
N TYR F 178 -1.33 -22.98 -4.42
CA TYR F 178 -0.36 -23.36 -5.42
C TYR F 178 1.07 -23.23 -4.82
N ILE F 179 1.39 -24.09 -3.86
CA ILE F 179 2.70 -24.02 -3.16
C ILE F 179 3.82 -24.69 -3.98
N PRO F 180 4.86 -23.93 -4.36
CA PRO F 180 5.95 -24.53 -5.13
C PRO F 180 6.79 -25.58 -4.39
N LYS F 181 7.44 -26.44 -5.17
CA LYS F 181 8.33 -27.47 -4.67
C LYS F 181 9.73 -27.25 -5.19
N GLY F 182 10.72 -27.67 -4.40
CA GLY F 182 12.12 -27.59 -4.82
C GLY F 182 12.52 -28.87 -5.54
N PRO F 183 13.75 -28.89 -6.10
CA PRO F 183 14.29 -30.06 -6.80
C PRO F 183 14.16 -31.35 -6.01
N ASP F 184 14.27 -31.27 -4.68
CA ASP F 184 14.07 -32.45 -3.80
C ASP F 184 12.63 -32.88 -3.59
N GLY F 185 11.66 -32.29 -4.29
CA GLY F 185 10.26 -32.69 -4.15
C GLY F 185 9.54 -32.16 -2.92
N LYS F 186 10.22 -31.37 -2.11
CA LYS F 186 9.65 -30.80 -0.88
C LYS F 186 9.14 -29.39 -1.14
N TYR F 187 8.10 -29.02 -0.43
CA TYR F 187 7.51 -27.69 -0.58
C TYR F 187 8.50 -26.63 -0.16
N LYS F 188 8.59 -25.56 -0.93
CA LYS F 188 9.44 -24.44 -0.60
C LYS F 188 8.88 -23.61 0.54
N ASP F 189 9.83 -23.03 1.28
CA ASP F 189 9.56 -22.15 2.40
C ASP F 189 10.30 -20.85 2.12
N TYR F 190 9.59 -19.73 2.03
CA TYR F 190 10.22 -18.48 1.61
C TYR F 190 10.29 -17.53 2.76
N ALA F 191 11.35 -16.72 2.78
CA ALA F 191 11.55 -15.82 3.89
C ALA F 191 10.69 -14.59 3.70
N THR F 192 10.48 -14.14 2.45
CA THR F 192 9.59 -12.99 2.16
C THR F 192 8.45 -13.32 1.19
N LEU F 193 7.45 -12.46 1.18
CA LEU F 193 6.32 -12.56 0.28
C LEU F 193 6.78 -12.53 -1.17
N ALA F 194 7.63 -11.56 -1.51
CA ALA F 194 8.05 -11.38 -2.89
C ALA F 194 8.84 -12.60 -3.42
N GLU F 195 9.57 -13.28 -2.54
CA GLU F 195 10.39 -14.43 -2.96
C GLU F 195 9.52 -15.56 -3.49
N SER F 196 8.31 -15.67 -2.97
CA SER F 196 7.37 -16.71 -3.37
C SER F 196 6.76 -16.51 -4.77
N TYR F 197 6.88 -15.33 -5.36
CA TYR F 197 6.08 -14.94 -6.51
C TYR F 197 6.31 -15.75 -7.83
N GLY F 198 7.51 -15.66 -8.39
CA GLY F 198 7.79 -16.36 -9.63
C GLY F 198 7.49 -17.84 -9.55
N ASP F 199 7.95 -18.49 -8.50
CA ASP F 199 7.69 -19.88 -8.37
C ASP F 199 6.20 -20.19 -8.31
N THR F 200 5.42 -19.37 -7.59
CA THR F 200 4.01 -19.64 -7.41
C THR F 200 3.24 -19.46 -8.74
N VAL F 201 3.63 -18.47 -9.54
CA VAL F 201 3.01 -18.27 -10.82
C VAL F 201 3.22 -19.52 -11.69
N GLN F 202 4.41 -20.10 -11.63
CA GLN F 202 4.61 -21.29 -12.42
CA GLN F 202 4.70 -21.36 -12.32
C GLN F 202 3.67 -22.42 -11.96
N VAL F 203 3.46 -22.60 -10.65
CA VAL F 203 2.48 -23.65 -10.24
C VAL F 203 1.06 -23.27 -10.67
N MET F 204 0.72 -22.00 -10.57
CA MET F 204 -0.61 -21.58 -10.93
C MET F 204 -0.92 -21.94 -12.39
N ARG F 205 0.03 -21.70 -13.27
CA ARG F 205 -0.17 -21.95 -14.69
CA ARG F 205 -0.17 -21.95 -14.69
C ARG F 205 -0.49 -23.41 -14.99
N THR F 206 -0.08 -24.33 -14.10
CA THR F 206 -0.45 -25.72 -14.32
C THR F 206 -1.89 -26.02 -13.98
N LEU F 207 -2.58 -25.09 -13.31
CA LEU F 207 -3.99 -25.26 -12.88
C LEU F 207 -4.24 -26.35 -11.86
N THR F 208 -3.19 -26.87 -11.25
CA THR F 208 -3.29 -27.99 -10.29
C THR F 208 -2.87 -27.53 -8.92
N PRO F 209 -3.84 -27.36 -8.03
CA PRO F 209 -3.51 -26.90 -6.69
C PRO F 209 -2.75 -27.97 -5.89
N SER F 210 -1.78 -27.51 -5.09
CA SER F 210 -1.02 -28.37 -4.19
C SER F 210 -1.89 -28.78 -3.03
N HIS F 211 -2.77 -27.86 -2.65
CA HIS F 211 -3.64 -28.03 -1.47
C HIS F 211 -4.95 -27.31 -1.77
N ILE F 212 -6.03 -27.81 -1.20
CA ILE F 212 -7.29 -27.10 -1.23
C ILE F 212 -7.86 -27.14 0.20
N VAL F 213 -7.91 -25.96 0.83
CA VAL F 213 -8.26 -25.89 2.23
C VAL F 213 -9.47 -25.01 2.56
N PHE F 214 -10.23 -25.39 3.57
CA PHE F 214 -11.28 -24.50 4.10
C PHE F 214 -10.62 -23.63 5.14
N ASN F 215 -10.91 -22.35 5.07
CA ASN F 215 -10.56 -21.44 6.13
C ASN F 215 -9.09 -21.48 6.51
N GLY F 216 -8.25 -21.62 5.50
CA GLY F 216 -6.84 -21.36 5.68
C GLY F 216 -5.89 -22.50 5.98
N LYS F 217 -6.39 -23.68 6.32
CA LYS F 217 -5.51 -24.82 6.52
C LYS F 217 -6.21 -26.13 6.59
N VAL F 218 -5.44 -27.19 6.38
CA VAL F 218 -5.99 -28.52 6.46
C VAL F 218 -6.46 -28.66 7.89
N GLY F 219 -7.69 -29.11 8.08
CA GLY F 219 -8.19 -29.31 9.43
C GLY F 219 -8.69 -28.09 10.20
N ALA F 220 -8.75 -26.93 9.55
CA ALA F 220 -9.22 -25.70 10.17
C ALA F 220 -10.58 -25.86 10.85
N LEU F 221 -11.51 -26.59 10.24
CA LEU F 221 -12.85 -26.79 10.83
C LEU F 221 -13.06 -28.21 11.37
N THR F 222 -12.04 -28.73 12.06
CA THR F 222 -12.12 -30.03 12.73
C THR F 222 -11.62 -29.90 14.16
N GLY F 223 -11.87 -30.94 14.94
CA GLY F 223 -11.39 -30.98 16.33
C GLY F 223 -12.00 -29.92 17.21
N ALA F 224 -11.14 -29.22 17.94
CA ALA F 224 -11.56 -28.11 18.78
C ALA F 224 -12.31 -27.06 17.96
N ASN F 225 -11.97 -26.95 16.68
CA ASN F 225 -12.56 -25.91 15.83
C ASN F 225 -13.69 -26.39 14.90
N ALA F 226 -14.22 -27.58 15.16
CA ALA F 226 -15.38 -28.07 14.45
C ALA F 226 -16.51 -27.08 14.61
N LEU F 227 -17.36 -27.01 13.59
CA LEU F 227 -18.57 -26.26 13.67
C LEU F 227 -19.50 -27.08 14.57
N THR F 228 -20.47 -26.40 15.20
CA THR F 228 -21.38 -27.03 16.17
C THR F 228 -22.81 -26.67 15.88
N ALA F 229 -23.68 -27.62 16.19
CA ALA F 229 -25.11 -27.44 16.05
C ALA F 229 -25.81 -28.44 16.95
N LYS F 230 -27.13 -28.43 16.91
CA LYS F 230 -27.94 -29.41 17.63
C LYS F 230 -29.17 -29.75 16.85
N VAL F 231 -29.70 -30.94 17.08
CA VAL F 231 -30.91 -31.38 16.42
C VAL F 231 -32.01 -30.35 16.64
N GLY F 232 -32.71 -29.99 15.58
CA GLY F 232 -33.71 -28.93 15.62
C GLY F 232 -33.19 -27.58 15.12
N GLU F 233 -31.88 -27.37 15.19
CA GLU F 233 -31.29 -26.10 14.77
C GLU F 233 -31.18 -25.98 13.25
N THR F 234 -31.37 -24.76 12.74
CA THR F 234 -31.26 -24.47 11.33
C THR F 234 -30.00 -23.64 11.12
N VAL F 235 -29.09 -24.12 10.27
CA VAL F 235 -27.86 -23.37 9.97
C VAL F 235 -27.88 -22.88 8.55
N LEU F 236 -27.26 -21.72 8.33
CA LEU F 236 -26.94 -21.22 7.01
C LEU F 236 -25.42 -21.42 6.84
N LEU F 237 -25.06 -22.16 5.80
CA LEU F 237 -23.68 -22.41 5.40
C LEU F 237 -23.40 -21.59 4.15
N ILE F 238 -22.62 -20.53 4.36
CA ILE F 238 -22.12 -19.67 3.33
C ILE F 238 -20.75 -20.22 2.88
N HIS F 239 -20.59 -20.41 1.57
CA HIS F 239 -19.40 -21.01 0.99
C HIS F 239 -18.93 -20.11 -0.11
N SER F 240 -17.73 -19.54 0.03
CA SER F 240 -17.10 -18.76 -1.02
C SER F 240 -15.91 -19.47 -1.66
N GLN F 241 -15.74 -19.23 -2.96
CA GLN F 241 -14.55 -19.64 -3.68
C GLN F 241 -14.31 -18.61 -4.77
N ALA F 242 -13.30 -17.77 -4.56
CA ALA F 242 -13.04 -16.64 -5.42
C ALA F 242 -12.30 -16.98 -6.72
N ASN F 243 -11.84 -18.21 -6.89
CA ASN F 243 -10.98 -18.57 -8.03
C ASN F 243 -11.31 -19.84 -8.77
N ARG F 244 -12.01 -20.76 -8.12
CA ARG F 244 -12.13 -22.09 -8.64
C ARG F 244 -13.39 -22.77 -8.18
N ASP F 245 -13.97 -23.62 -9.01
CA ASP F 245 -15.23 -24.24 -8.66
C ASP F 245 -15.09 -25.18 -7.44
N THR F 246 -16.17 -25.35 -6.67
CA THR F 246 -16.25 -26.37 -5.68
C THR F 246 -17.66 -26.93 -5.66
N ARG F 247 -17.85 -28.02 -4.94
CA ARG F 247 -19.11 -28.73 -4.91
C ARG F 247 -19.43 -29.20 -3.47
N PRO F 248 -19.97 -28.30 -2.65
CA PRO F 248 -20.21 -28.60 -1.25
C PRO F 248 -21.23 -29.69 -1.04
N HIS F 249 -21.02 -30.41 0.05
CA HIS F 249 -21.85 -31.53 0.41
C HIS F 249 -21.71 -31.78 1.92
N LEU F 250 -22.83 -32.09 2.56
CA LEU F 250 -22.89 -32.40 3.99
C LEU F 250 -23.24 -33.88 4.14
N ILE F 251 -22.26 -34.66 4.62
CA ILE F 251 -22.38 -36.10 4.66
C ILE F 251 -23.34 -36.45 5.77
N GLY F 252 -24.43 -37.08 5.39
CA GLY F 252 -25.48 -37.43 6.29
C GLY F 252 -26.58 -36.40 6.34
N GLY F 253 -26.40 -35.29 5.64
CA GLY F 253 -27.44 -34.30 5.59
C GLY F 253 -27.77 -33.95 4.15
N HIS F 254 -28.24 -32.72 3.95
CA HIS F 254 -28.69 -32.24 2.65
C HIS F 254 -28.66 -30.76 2.65
N GLY F 255 -28.80 -30.16 1.48
CA GLY F 255 -29.10 -28.73 1.42
C GLY F 255 -30.62 -28.65 1.37
N ASP F 256 -31.25 -28.19 2.47
CA ASP F 256 -32.71 -28.14 2.52
C ASP F 256 -33.21 -27.12 1.53
N TRP F 257 -32.59 -25.96 1.53
CA TRP F 257 -32.84 -24.94 0.53
C TRP F 257 -31.50 -24.34 0.17
N VAL F 258 -31.19 -24.34 -1.12
CA VAL F 258 -29.89 -23.89 -1.58
C VAL F 258 -29.99 -22.86 -2.70
N TRP F 259 -29.31 -21.74 -2.50
CA TRP F 259 -29.01 -20.81 -3.58
C TRP F 259 -27.53 -21.03 -4.07
N GLU F 260 -27.30 -21.97 -4.97
CA GLU F 260 -25.91 -22.28 -5.36
C GLU F 260 -25.24 -21.14 -6.08
N THR F 261 -25.99 -20.38 -6.86
CA THR F 261 -25.43 -19.14 -7.43
C THR F 261 -25.46 -18.02 -6.46
N GLY F 262 -26.04 -18.28 -5.30
CA GLY F 262 -25.98 -17.35 -4.15
C GLY F 262 -26.75 -16.03 -4.19
N LYS F 263 -27.86 -15.98 -4.93
CA LYS F 263 -28.55 -14.70 -5.14
C LYS F 263 -30.04 -14.88 -4.76
N PHE F 264 -30.41 -14.22 -3.67
CA PHE F 264 -31.60 -14.56 -2.89
C PHE F 264 -32.95 -14.13 -3.53
N ALA F 265 -32.96 -13.22 -4.49
CA ALA F 265 -34.20 -12.95 -5.25
C ALA F 265 -34.57 -14.13 -6.15
N ASN F 266 -33.66 -15.09 -6.34
CA ASN F 266 -34.02 -16.27 -7.09
C ASN F 266 -34.56 -17.32 -6.18
N PRO F 267 -35.47 -18.14 -6.67
CA PRO F 267 -35.91 -19.21 -5.83
C PRO F 267 -34.80 -20.25 -5.62
N PRO F 268 -34.74 -20.82 -4.42
CA PRO F 268 -33.77 -21.83 -4.13
C PRO F 268 -34.24 -23.16 -4.58
N GLN F 269 -33.34 -24.14 -4.51
CA GLN F 269 -33.67 -25.49 -4.78
C GLN F 269 -33.63 -26.25 -3.50
N ARG F 270 -34.29 -27.39 -3.48
CA ARG F 270 -34.42 -28.14 -2.26
C ARG F 270 -33.91 -29.54 -2.41
N ASP F 271 -33.56 -30.12 -1.27
CA ASP F 271 -33.19 -31.52 -1.17
C ASP F 271 -31.83 -31.87 -1.83
N LEU F 272 -30.95 -30.88 -2.02
CA LEU F 272 -29.71 -31.16 -2.73
C LEU F 272 -28.79 -32.11 -1.93
N GLU F 273 -28.19 -33.08 -2.62
CA GLU F 273 -27.14 -33.85 -2.01
C GLU F 273 -25.83 -33.08 -2.05
N THR F 274 -25.57 -32.49 -3.22
CA THR F 274 -24.35 -31.73 -3.48
C THR F 274 -24.75 -30.55 -4.36
N TRP F 275 -24.18 -29.38 -4.07
CA TRP F 275 -24.41 -28.18 -4.86
C TRP F 275 -23.09 -27.69 -5.47
N PHE F 276 -23.12 -26.53 -6.10
CA PHE F 276 -21.98 -26.13 -6.92
C PHE F 276 -21.77 -24.67 -6.80
N ILE F 277 -20.60 -24.31 -6.28
CA ILE F 277 -20.17 -22.95 -6.23
C ILE F 277 -19.16 -22.68 -7.35
N ARG F 278 -19.58 -21.85 -8.28
CA ARG F 278 -18.74 -21.41 -9.36
C ARG F 278 -17.57 -20.60 -8.84
N GLY F 279 -16.36 -20.92 -9.31
CA GLY F 279 -15.22 -20.09 -9.06
C GLY F 279 -15.55 -18.64 -9.35
N GLY F 280 -15.25 -17.76 -8.39
CA GLY F 280 -15.64 -16.36 -8.48
C GLY F 280 -17.01 -16.03 -7.88
N SER F 281 -17.49 -16.87 -6.97
CA SER F 281 -18.78 -16.64 -6.34
C SER F 281 -18.94 -17.24 -4.93
N ALA F 282 -20.05 -16.86 -4.29
CA ALA F 282 -20.43 -17.38 -3.00
C ALA F 282 -21.85 -17.85 -3.13
N GLY F 283 -22.15 -18.95 -2.46
CA GLY F 283 -23.48 -19.52 -2.40
C GLY F 283 -23.83 -19.81 -0.95
N ALA F 284 -25.04 -20.29 -0.74
CA ALA F 284 -25.57 -20.43 0.61
C ALA F 284 -26.57 -21.57 0.71
N ALA F 285 -26.45 -22.35 1.77
CA ALA F 285 -27.36 -23.48 2.00
C ALA F 285 -27.92 -23.45 3.43
N LEU F 286 -29.21 -23.78 3.53
CA LEU F 286 -29.89 -23.93 4.81
C LEU F 286 -30.06 -25.40 5.03
N TYR F 287 -29.76 -25.84 6.25
CA TYR F 287 -30.09 -27.20 6.67
C TYR F 287 -30.57 -27.19 8.11
N THR F 288 -31.54 -28.04 8.40
CA THR F 288 -32.05 -28.18 9.76
C THR F 288 -31.68 -29.55 10.26
N PHE F 289 -30.86 -29.63 11.28
CA PHE F 289 -30.41 -30.92 11.74
C PHE F 289 -31.51 -31.76 12.36
N LYS F 290 -31.52 -33.04 11.99
CA LYS F 290 -32.47 -34.00 12.48
C LYS F 290 -31.79 -35.16 13.21
N GLN F 291 -30.49 -35.35 12.99
CA GLN F 291 -29.77 -36.41 13.68
C GLN F 291 -28.56 -35.86 14.38
N PRO F 292 -28.19 -36.45 15.52
CA PRO F 292 -26.95 -36.08 16.21
C PRO F 292 -25.79 -36.80 15.57
N GLY F 293 -24.57 -36.40 15.91
CA GLY F 293 -23.37 -37.04 15.40
C GLY F 293 -22.41 -36.04 14.78
N VAL F 294 -21.25 -36.53 14.34
CA VAL F 294 -20.26 -35.70 13.68
C VAL F 294 -20.57 -35.84 12.19
N TYR F 295 -20.68 -34.69 11.53
CA TYR F 295 -20.96 -34.60 10.10
C TYR F 295 -19.66 -34.14 9.45
N ALA F 296 -19.45 -34.52 8.21
CA ALA F 296 -18.40 -33.87 7.43
C ALA F 296 -19.06 -32.93 6.43
N TYR F 297 -18.53 -31.73 6.31
CA TYR F 297 -18.98 -30.77 5.27
C TYR F 297 -17.78 -30.64 4.35
N LEU F 298 -17.95 -30.98 3.07
CA LEU F 298 -16.79 -31.05 2.18
C LEU F 298 -17.08 -30.76 0.72
N ASN F 299 -15.99 -30.55 0.00
CA ASN F 299 -15.96 -30.55 -1.45
C ASN F 299 -16.00 -31.99 -1.92
N HIS F 300 -17.05 -32.37 -2.66
CA HIS F 300 -17.25 -33.76 -3.05
C HIS F 300 -16.57 -34.19 -4.33
N ASN F 301 -15.51 -33.49 -4.71
CA ASN F 301 -14.43 -34.23 -5.34
C ASN F 301 -13.61 -34.78 -4.19
N LEU F 302 -13.77 -36.08 -3.95
CA LEU F 302 -13.30 -36.63 -2.69
C LEU F 302 -11.77 -36.61 -2.56
N ILE F 303 -11.06 -36.55 -3.68
CA ILE F 303 -9.63 -36.38 -3.65
C ILE F 303 -9.28 -34.99 -3.14
N GLU F 304 -10.00 -33.99 -3.66
CA GLU F 304 -9.85 -32.62 -3.21
C GLU F 304 -10.17 -32.52 -1.71
N ALA F 305 -11.20 -33.21 -1.27
CA ALA F 305 -11.55 -33.22 0.15
C ALA F 305 -10.47 -33.92 1.00
N PHE F 306 -10.24 -35.20 0.76
CA PHE F 306 -9.55 -36.04 1.71
C PHE F 306 -8.04 -36.07 1.50
N GLU F 307 -7.58 -35.88 0.27
CA GLU F 307 -6.16 -35.80 0.00
C GLU F 307 -5.62 -34.39 0.01
N LEU F 308 -6.36 -33.42 -0.54
CA LEU F 308 -5.84 -32.05 -0.62
C LEU F 308 -6.33 -31.08 0.46
N GLY F 309 -7.39 -31.44 1.18
CA GLY F 309 -7.77 -30.68 2.39
C GLY F 309 -9.14 -30.04 2.51
N ALA F 310 -10.02 -30.20 1.52
CA ALA F 310 -11.24 -29.40 1.43
C ALA F 310 -12.35 -30.09 2.15
N ALA F 311 -12.21 -30.11 3.47
CA ALA F 311 -13.18 -30.83 4.33
C ALA F 311 -13.16 -30.31 5.76
N GLY F 312 -14.32 -30.26 6.38
CA GLY F 312 -14.43 -29.87 7.80
C GLY F 312 -15.50 -30.71 8.47
N HIS F 313 -15.78 -30.41 9.74
CA HIS F 313 -16.75 -31.17 10.50
C HIS F 313 -17.75 -30.27 11.22
N ILE F 314 -18.95 -30.80 11.41
CA ILE F 314 -19.97 -30.21 12.27
C ILE F 314 -20.36 -31.24 13.34
N LYS F 315 -20.16 -30.92 14.62
CA LYS F 315 -20.61 -31.83 15.70
C LYS F 315 -21.99 -31.45 16.15
N VAL F 316 -22.93 -32.38 16.08
CA VAL F 316 -24.32 -32.07 16.35
C VAL F 316 -24.80 -32.87 17.56
N GLU F 317 -25.25 -32.13 18.59
CA GLU F 317 -25.81 -32.72 19.83
C GLU F 317 -27.29 -33.00 19.64
N GLY F 318 -27.77 -34.01 20.36
CA GLY F 318 -29.21 -34.29 20.41
C GLY F 318 -29.50 -35.76 20.36
N LYS F 319 -30.72 -36.08 19.96
CA LYS F 319 -31.26 -37.42 20.12
C LYS F 319 -31.40 -38.18 18.80
N TRP F 320 -30.80 -39.36 18.74
CA TRP F 320 -30.93 -40.24 17.58
C TRP F 320 -32.38 -40.58 17.25
N ASN F 321 -32.71 -40.62 15.97
CA ASN F 321 -34.05 -40.88 15.50
C ASN F 321 -34.06 -42.13 14.61
N ASP F 322 -34.39 -43.27 15.20
CA ASP F 322 -34.45 -44.55 14.51
C ASP F 322 -35.47 -44.56 13.37
N ASP F 323 -36.43 -43.66 13.36
CA ASP F 323 -37.34 -43.61 12.21
C ASP F 323 -36.60 -43.14 10.94
N LEU F 324 -35.79 -42.10 11.05
CA LEU F 324 -34.96 -41.65 9.91
C LEU F 324 -33.89 -42.68 9.51
N MET F 325 -33.25 -43.32 10.49
CA MET F 325 -32.24 -44.32 10.19
C MET F 325 -32.00 -45.26 11.35
N LYS F 326 -31.87 -46.55 11.06
CA LYS F 326 -31.72 -47.58 12.08
C LYS F 326 -30.79 -48.69 11.65
N GLN F 327 -29.86 -49.02 12.54
CA GLN F 327 -29.02 -50.18 12.36
C GLN F 327 -29.90 -51.39 12.70
N ILE F 328 -30.55 -51.97 11.70
CA ILE F 328 -31.37 -53.16 11.89
C ILE F 328 -30.51 -54.35 12.32
N LYS F 329 -29.33 -54.51 11.72
CA LYS F 329 -28.37 -55.52 12.16
C LYS F 329 -26.93 -55.01 12.06
N ALA F 330 -26.26 -54.97 13.19
CA ALA F 330 -24.89 -54.55 13.25
C ALA F 330 -24.00 -55.49 12.44
N PRO F 331 -22.86 -54.97 11.98
CA PRO F 331 -21.90 -55.84 11.31
C PRO F 331 -21.64 -57.06 12.17
N ALA F 332 -21.88 -58.22 11.57
CA ALA F 332 -21.67 -59.50 12.21
C ALA F 332 -21.14 -60.45 11.16
N PRO F 333 -20.31 -61.46 11.57
CA PRO F 333 -19.88 -62.58 10.74
C PRO F 333 -21.00 -63.18 9.91
N ILE F 334 -20.70 -63.56 8.67
CA ILE F 334 -21.67 -64.27 7.83
C ILE F 334 -21.68 -65.75 8.26
N PRO F 335 -22.88 -66.28 8.59
CA PRO F 335 -22.98 -67.71 8.98
C PRO F 335 -22.78 -68.65 7.77
#